data_4BIA
#
_entry.id   4BIA
#
_cell.length_a   60.128
_cell.length_b   60.128
_cell.length_c   375.495
_cell.angle_alpha   90.00
_cell.angle_beta   90.00
_cell.angle_gamma   120.00
#
_symmetry.space_group_name_H-M   'P 31'
#
loop_
_entity.id
_entity.type
_entity.pdbx_description
1 polymer '3-KETOACYL-COA THIOLASE, PUTATIVE'
2 water water
#
_entity_poly.entity_id   1
_entity_poly.type   'polypeptide(L)'
_entity_poly.pdbx_seq_one_letter_code
;HHHHHHSSGLVPRGSHMLRRTSSTFSAKRVFVVGGHITTFVGKGSPLFIDKKHPDFGKKENKTLEELLAESINGALQNTG
LHDGRAALVDKLVVGNFLGELFSSQGHLGPAAVGSLSGSNSSAFLNKPAVRVEGACASGGLAVQSAWEALLAGTSQIALA
VGVEVQTTVSARVGGDYLARAAHYKRQRQLDDFTFPCLFARRMKAIQEAGHFTMEDAAYVAAKAYASGNRNPLAHMHARK
VTLDFCTQASDKNPNFLGNEIYKPFLRTTDCSQVSDGGAAVILASEEGLQKLGLSPNDNRLVEIKSLASAAGNLYEDSPD
LTRMTTSMVAARTALSMAGVKPEQLQVAEVHDAFTIAELLMYEALGIAEYGGAGALIRSGATALDGRIPVNTGGGLLSFG
HPVGATGVKQVLEVYRQMKGQCGEYQMKNIPGIGATLNMGGDDKTAVSMVLTNI
;
_entity_poly.pdbx_strand_id   A,B,C,D
#
# COMPACT_ATOMS: atom_id res chain seq x y z
N LYS A 28 -12.17 -42.56 -4.68
CA LYS A 28 -12.51 -41.84 -3.47
C LYS A 28 -12.97 -42.78 -2.36
N ARG A 29 -12.03 -43.43 -1.69
CA ARG A 29 -12.35 -44.32 -0.58
C ARG A 29 -11.30 -44.26 0.53
N VAL A 30 -11.75 -43.95 1.74
CA VAL A 30 -10.87 -43.86 2.91
C VAL A 30 -11.01 -45.12 3.76
N PHE A 31 -9.89 -45.71 4.19
CA PHE A 31 -9.94 -46.96 4.92
C PHE A 31 -9.28 -46.88 6.31
N VAL A 32 -9.66 -47.80 7.18
CA VAL A 32 -8.96 -48.00 8.45
C VAL A 32 -8.42 -49.43 8.43
N VAL A 33 -7.15 -49.60 8.80
CA VAL A 33 -6.51 -50.90 8.74
C VAL A 33 -5.93 -51.37 10.08
N GLY A 34 -5.94 -50.48 11.07
CA GLY A 34 -5.44 -50.81 12.39
C GLY A 34 -5.11 -49.61 13.25
N GLY A 35 -4.38 -49.86 14.34
CA GLY A 35 -4.05 -48.82 15.29
C GLY A 35 -4.09 -49.34 16.72
N HIS A 36 -3.04 -49.04 17.49
CA HIS A 36 -2.95 -49.51 18.87
C HIS A 36 -3.11 -48.36 19.86
N ILE A 37 -3.93 -48.58 20.89
CA ILE A 37 -4.16 -47.57 21.92
C ILE A 37 -3.41 -47.92 23.22
N THR A 38 -2.77 -46.93 23.83
CA THR A 38 -1.95 -47.14 25.03
C THR A 38 -2.78 -47.22 26.31
N THR A 39 -2.13 -47.61 27.41
CA THR A 39 -2.74 -47.53 28.74
C THR A 39 -2.84 -46.05 29.12
N PHE A 40 -3.99 -45.62 29.66
CA PHE A 40 -4.13 -44.23 30.07
C PHE A 40 -3.97 -44.13 31.60
N VAL A 41 -3.20 -43.13 32.04
CA VAL A 41 -2.84 -43.00 33.46
C VAL A 41 -3.22 -41.64 34.04
N GLY A 42 -2.93 -41.47 35.34
CA GLY A 42 -3.25 -40.23 36.04
C GLY A 42 -3.53 -40.54 37.51
N LYS A 43 -3.90 -39.52 38.28
CA LYS A 43 -4.35 -39.75 39.65
C LYS A 43 -5.70 -40.47 39.59
N GLY A 44 -5.87 -41.49 40.43
CA GLY A 44 -7.07 -42.28 40.39
C GLY A 44 -6.81 -43.64 39.76
N SER A 45 -5.81 -43.67 38.87
CA SER A 45 -5.33 -44.92 38.31
C SER A 45 -4.05 -45.30 39.05
N PRO A 46 -4.08 -46.47 39.74
CA PRO A 46 -2.95 -46.98 40.54
C PRO A 46 -1.68 -47.18 39.72
N LEU A 47 -1.79 -47.01 38.41
CA LEU A 47 -0.62 -47.01 37.54
C LEU A 47 0.09 -45.66 37.59
N PHE A 48 -0.08 -44.94 38.69
CA PHE A 48 0.55 -43.64 38.87
C PHE A 48 1.86 -43.81 39.61
N ILE A 49 2.86 -43.03 39.22
CA ILE A 49 4.15 -43.05 39.88
C ILE A 49 4.30 -41.76 40.68
N ASP A 50 4.68 -41.95 41.95
CA ASP A 50 4.60 -40.93 42.97
C ASP A 50 5.86 -40.98 43.82
N LYS A 51 6.12 -39.90 44.56
CA LYS A 51 7.25 -39.84 45.49
C LYS A 51 6.87 -39.01 46.70
N LYS A 58 7.67 -43.79 42.63
CA LYS A 58 9.08 -43.99 42.86
C LYS A 58 9.80 -44.30 41.56
N LYS A 59 9.48 -43.54 40.53
CA LYS A 59 10.20 -43.62 39.27
C LYS A 59 10.01 -42.32 38.50
N GLU A 60 10.44 -42.30 37.25
CA GLU A 60 10.22 -41.15 36.38
C GLU A 60 9.08 -41.49 35.43
N ASN A 61 7.94 -40.83 35.59
CA ASN A 61 6.73 -41.18 34.84
C ASN A 61 6.92 -41.16 33.32
N LYS A 62 6.02 -41.85 32.62
CA LYS A 62 6.09 -41.96 31.16
C LYS A 62 6.09 -40.59 30.47
N THR A 63 7.07 -40.37 29.60
CA THR A 63 7.22 -39.08 28.91
C THR A 63 6.45 -39.04 27.58
N LEU A 64 6.18 -37.83 27.10
CA LEU A 64 5.48 -37.62 25.84
C LEU A 64 6.26 -38.26 24.68
N GLU A 65 7.58 -38.29 24.82
CA GLU A 65 8.45 -38.95 23.87
C GLU A 65 8.22 -40.46 23.91
N GLU A 66 7.95 -40.99 25.10
CA GLU A 66 7.64 -42.40 25.31
C GLU A 66 6.18 -42.70 24.99
N LEU A 67 5.30 -41.77 25.36
CA LEU A 67 3.87 -41.91 25.10
C LEU A 67 3.59 -42.09 23.61
N LEU A 68 4.40 -41.44 22.78
CA LEU A 68 4.28 -41.60 21.32
C LEU A 68 5.08 -42.81 20.83
N ALA A 69 6.06 -43.23 21.62
CA ALA A 69 6.85 -44.42 21.30
C ALA A 69 5.98 -45.68 21.38
N GLU A 70 5.25 -45.82 22.49
CA GLU A 70 4.29 -46.91 22.66
C GLU A 70 3.20 -46.87 21.57
N SER A 71 2.69 -45.67 21.32
CA SER A 71 1.51 -45.48 20.46
C SER A 71 1.70 -45.91 19.00
N ILE A 72 2.88 -45.62 18.44
CA ILE A 72 3.12 -45.82 17.01
C ILE A 72 3.77 -47.18 16.69
N ASN A 73 4.74 -47.61 17.50
CA ASN A 73 5.36 -48.92 17.34
C ASN A 73 4.31 -50.03 17.40
N GLY A 74 3.30 -49.82 18.25
CA GLY A 74 2.17 -50.73 18.33
C GLY A 74 1.16 -50.51 17.23
N ALA A 75 1.06 -49.28 16.75
CA ALA A 75 0.18 -48.98 15.61
C ALA A 75 0.71 -49.64 14.35
N LEU A 76 2.03 -49.61 14.18
CA LEU A 76 2.66 -50.31 13.07
C LEU A 76 2.44 -51.81 13.19
N GLN A 77 2.76 -52.37 14.35
CA GLN A 77 2.74 -53.81 14.61
C GLN A 77 1.47 -54.54 14.18
N ASN A 78 0.30 -54.01 14.59
CA ASN A 78 -0.99 -54.53 14.14
C ASN A 78 -1.03 -54.68 12.63
N THR A 79 -0.80 -53.56 11.94
CA THR A 79 -0.70 -53.55 10.48
C THR A 79 0.42 -54.49 10.01
N GLY A 80 0.26 -55.08 8.83
CA GLY A 80 1.25 -56.01 8.31
C GLY A 80 2.61 -55.42 8.04
N LEU A 81 3.18 -54.78 9.07
CA LEU A 81 4.51 -54.18 8.99
C LEU A 81 5.03 -53.74 10.37
N HIS A 82 6.30 -54.02 10.66
CA HIS A 82 6.89 -53.66 11.95
C HIS A 82 8.39 -53.40 11.81
N ASP A 83 8.90 -53.54 10.59
CA ASP A 83 10.33 -53.34 10.30
C ASP A 83 10.50 -52.34 9.16
N GLY A 84 11.46 -52.58 8.29
CA GLY A 84 11.71 -51.72 7.13
C GLY A 84 10.50 -51.57 6.24
N ARG A 85 9.49 -52.41 6.46
CA ARG A 85 8.20 -52.26 5.83
C ARG A 85 7.43 -51.10 6.46
N ALA A 86 8.14 -50.27 7.22
CA ALA A 86 7.62 -48.98 7.65
C ALA A 86 7.72 -48.05 6.45
N ALA A 87 8.86 -48.11 5.77
CA ALA A 87 9.13 -47.30 4.59
C ALA A 87 8.09 -47.49 3.48
N LEU A 88 6.90 -46.99 3.74
CA LEU A 88 5.77 -47.06 2.82
C LEU A 88 4.65 -46.20 3.39
N VAL A 89 4.83 -45.79 4.65
CA VAL A 89 3.98 -44.80 5.30
C VAL A 89 4.25 -43.46 4.65
N ASP A 90 3.34 -43.03 3.78
CA ASP A 90 3.56 -41.82 2.99
C ASP A 90 3.39 -40.51 3.77
N LYS A 91 2.34 -40.43 4.58
CA LYS A 91 2.07 -39.19 5.32
C LYS A 91 1.95 -39.42 6.84
N LEU A 92 2.50 -38.48 7.60
CA LEU A 92 2.43 -38.52 9.05
C LEU A 92 1.69 -37.29 9.57
N VAL A 93 0.68 -37.50 10.40
CA VAL A 93 -0.02 -36.37 11.02
C VAL A 93 -0.02 -36.52 12.55
N VAL A 94 0.32 -35.45 13.26
CA VAL A 94 0.31 -35.48 14.72
C VAL A 94 -0.85 -34.66 15.27
N GLY A 95 -1.72 -35.31 16.04
CA GLY A 95 -2.84 -34.63 16.64
C GLY A 95 -2.62 -34.28 18.09
N ASN A 96 -1.50 -33.64 18.40
CA ASN A 96 -1.24 -33.17 19.75
C ASN A 96 -1.84 -31.78 19.96
N PHE A 97 -2.35 -31.54 21.15
CA PHE A 97 -2.96 -30.27 21.49
C PHE A 97 -2.04 -29.42 22.37
N LEU A 98 -1.39 -30.08 23.32
CA LEU A 98 -0.48 -29.38 24.23
C LEU A 98 0.77 -30.18 24.57
N GLY A 99 1.90 -29.48 24.61
CA GLY A 99 3.19 -30.08 24.90
C GLY A 99 4.21 -28.96 25.00
N GLU A 100 3.83 -27.79 24.49
CA GLU A 100 4.65 -26.59 24.56
C GLU A 100 4.85 -26.16 26.01
N LEU A 101 4.06 -26.70 26.93
CA LEU A 101 4.23 -26.43 28.34
C LEU A 101 4.08 -27.70 29.20
N PHE A 102 3.31 -28.67 28.71
CA PHE A 102 3.17 -29.95 29.38
C PHE A 102 4.49 -30.72 29.33
N SER A 103 5.23 -30.56 28.24
CA SER A 103 6.57 -31.10 28.13
C SER A 103 7.53 -30.01 27.67
N SER A 104 7.08 -28.76 27.73
CA SER A 104 7.85 -27.61 27.27
C SER A 104 8.54 -27.89 25.94
N GLN A 105 7.77 -28.38 24.97
CA GLN A 105 8.33 -28.83 23.69
C GLN A 105 7.25 -29.10 22.63
N GLY A 106 7.45 -28.57 21.43
CA GLY A 106 6.52 -28.79 20.34
C GLY A 106 7.19 -29.44 19.13
N HIS A 107 6.76 -29.07 17.93
CA HIS A 107 7.31 -29.63 16.69
C HIS A 107 7.27 -31.15 16.71
N LEU A 108 6.10 -31.71 16.97
CA LEU A 108 5.93 -33.15 17.15
C LEU A 108 5.82 -33.89 15.82
N GLY A 109 5.79 -33.14 14.72
CA GLY A 109 5.78 -33.76 13.39
C GLY A 109 6.98 -34.66 13.17
N PRO A 110 8.19 -34.06 13.13
CA PRO A 110 9.45 -34.80 13.01
C PRO A 110 9.80 -35.60 14.25
N ALA A 111 9.11 -35.36 15.36
CA ALA A 111 9.26 -36.18 16.55
C ALA A 111 8.69 -37.58 16.28
N ALA A 112 7.68 -37.66 15.43
CA ALA A 112 7.12 -38.93 14.99
C ALA A 112 8.11 -39.66 14.09
N VAL A 113 8.84 -38.89 13.29
CA VAL A 113 9.93 -39.43 12.46
C VAL A 113 11.03 -39.99 13.36
N GLY A 114 11.22 -39.37 14.52
CA GLY A 114 12.30 -39.73 15.41
C GLY A 114 12.19 -41.02 16.17
N SER A 115 11.09 -41.18 16.92
CA SER A 115 10.96 -42.32 17.83
C SER A 115 10.66 -43.65 17.14
N LEU A 116 11.66 -44.22 16.47
CA LEU A 116 11.60 -45.60 16.01
C LEU A 116 12.67 -46.39 16.77
N SER A 117 13.81 -45.74 17.02
CA SER A 117 14.92 -46.34 17.77
C SER A 117 14.86 -45.91 19.23
N SER A 121 16.17 -50.33 13.65
CA SER A 121 14.81 -49.78 13.69
C SER A 121 14.84 -48.26 13.91
N SER A 122 15.26 -47.53 12.88
CA SER A 122 15.29 -46.07 12.90
C SER A 122 15.14 -45.53 11.48
N ALA A 123 15.35 -46.42 10.51
CA ALA A 123 15.20 -46.08 9.10
C ALA A 123 13.73 -45.85 8.75
N PHE A 124 13.41 -44.61 8.36
CA PHE A 124 12.04 -44.16 8.15
C PHE A 124 12.00 -42.69 7.73
N LEU A 125 13.12 -42.01 7.95
CA LEU A 125 13.18 -40.54 7.93
C LEU A 125 12.79 -39.84 6.62
N ASN A 126 12.67 -38.51 6.71
CA ASN A 126 12.47 -37.65 5.54
C ASN A 126 11.14 -37.85 4.84
N LYS A 127 10.07 -37.96 5.63
CA LYS A 127 8.71 -38.07 5.11
C LYS A 127 7.90 -36.94 5.71
N PRO A 128 6.89 -36.44 4.97
CA PRO A 128 6.11 -35.30 5.46
C PRO A 128 5.42 -35.59 6.78
N ALA A 129 5.41 -34.60 7.67
CA ALA A 129 4.81 -34.75 8.99
C ALA A 129 4.37 -33.40 9.54
N VAL A 130 3.09 -33.29 9.86
CA VAL A 130 2.55 -32.05 10.41
C VAL A 130 2.03 -32.29 11.84
N ARG A 131 1.80 -31.20 12.56
CA ARG A 131 1.14 -31.27 13.86
C ARG A 131 -0.11 -30.40 13.74
N VAL A 132 -1.24 -30.88 14.26
CA VAL A 132 -2.48 -30.10 14.20
C VAL A 132 -3.00 -29.80 15.61
N GLU A 133 -3.90 -28.83 15.70
CA GLU A 133 -4.51 -28.49 16.98
C GLU A 133 -5.92 -27.94 16.79
N GLY A 134 -6.84 -28.39 17.65
CA GLY A 134 -8.20 -27.90 17.63
C GLY A 134 -8.79 -28.11 19.00
N ALA A 135 -8.02 -27.68 20.01
CA ALA A 135 -8.35 -27.94 21.41
C ALA A 135 -8.50 -29.43 21.65
N CYS A 136 -9.74 -29.89 21.68
CA CYS A 136 -10.04 -31.27 22.00
C CYS A 136 -10.12 -32.16 20.75
N ALA A 137 -10.66 -31.62 19.67
CA ALA A 137 -10.82 -32.39 18.43
C ALA A 137 -9.50 -32.50 17.66
N SER A 138 -8.37 -32.32 18.33
CA SER A 138 -7.05 -32.40 17.73
C SER A 138 -6.79 -33.74 17.04
N GLY A 139 -7.50 -34.79 17.47
CA GLY A 139 -7.36 -36.10 16.87
C GLY A 139 -8.07 -36.23 15.55
N GLY A 140 -9.37 -35.95 15.54
CA GLY A 140 -10.16 -36.00 14.32
C GLY A 140 -9.64 -35.09 13.22
N LEU A 141 -9.05 -33.97 13.63
CA LEU A 141 -8.44 -33.03 12.69
C LEU A 141 -7.18 -33.65 12.05
N ALA A 142 -6.42 -34.40 12.85
CA ALA A 142 -5.27 -35.11 12.35
C ALA A 142 -5.69 -36.14 11.30
N VAL A 143 -6.69 -36.95 11.62
CA VAL A 143 -7.23 -37.93 10.68
C VAL A 143 -7.73 -37.20 9.43
N GLN A 144 -8.34 -36.03 9.61
CA GLN A 144 -8.81 -35.21 8.51
C GLN A 144 -7.67 -34.81 7.57
N SER A 145 -6.51 -34.51 8.15
CA SER A 145 -5.33 -34.16 7.37
C SER A 145 -4.85 -35.31 6.49
N ALA A 146 -4.84 -36.53 7.03
CA ALA A 146 -4.51 -37.72 6.25
C ALA A 146 -5.63 -38.03 5.27
N TRP A 147 -6.87 -37.90 5.74
CA TRP A 147 -8.07 -37.98 4.90
C TRP A 147 -7.91 -37.08 3.70
N GLU A 148 -7.61 -35.81 3.94
CA GLU A 148 -7.31 -34.85 2.87
C GLU A 148 -6.10 -35.31 2.05
N ALA A 149 -5.07 -35.78 2.75
CA ALA A 149 -3.85 -36.25 2.10
C ALA A 149 -4.11 -37.45 1.19
N LEU A 150 -5.10 -38.25 1.57
CA LEU A 150 -5.44 -39.46 0.82
C LEU A 150 -6.02 -39.15 -0.57
N LEU A 151 -7.21 -38.55 -0.58
CA LEU A 151 -7.93 -38.23 -1.81
C LEU A 151 -7.13 -37.33 -2.76
N ALA A 152 -6.22 -36.55 -2.20
CA ALA A 152 -5.41 -35.61 -2.98
C ALA A 152 -4.38 -36.31 -3.87
N GLY A 153 -3.83 -37.40 -3.37
CA GLY A 153 -2.71 -38.04 -4.05
C GLY A 153 -1.40 -37.59 -3.44
N THR A 154 -1.50 -36.80 -2.37
CA THR A 154 -0.34 -36.40 -1.59
C THR A 154 0.34 -37.65 -1.09
N SER A 155 -0.48 -38.58 -0.58
CA SER A 155 0.01 -39.80 0.02
C SER A 155 -0.88 -40.98 -0.36
N GLN A 156 -0.37 -42.20 -0.21
CA GLN A 156 -1.12 -43.40 -0.53
C GLN A 156 -1.46 -44.19 0.73
N ILE A 157 -0.51 -44.25 1.65
CA ILE A 157 -0.71 -44.91 2.94
C ILE A 157 -0.21 -43.98 4.05
N ALA A 158 -1.13 -43.47 4.87
CA ALA A 158 -0.76 -42.49 5.91
C ALA A 158 -1.07 -42.97 7.32
N LEU A 159 -0.52 -42.24 8.29
CA LEU A 159 -0.71 -42.55 9.71
C LEU A 159 -1.15 -41.28 10.43
N ALA A 160 -2.03 -41.43 11.42
CA ALA A 160 -2.41 -40.33 12.30
C ALA A 160 -2.13 -40.74 13.74
N VAL A 161 -1.68 -39.81 14.57
CA VAL A 161 -1.33 -40.14 15.94
C VAL A 161 -1.75 -39.05 16.95
N GLY A 162 -2.61 -39.44 17.88
CA GLY A 162 -3.00 -38.55 18.97
C GLY A 162 -2.28 -38.94 20.25
N VAL A 163 -2.09 -37.95 21.12
CA VAL A 163 -1.35 -38.16 22.36
C VAL A 163 -1.49 -36.92 23.24
N GLU A 164 -1.19 -37.05 24.52
CA GLU A 164 -1.20 -35.92 25.45
C GLU A 164 -0.56 -36.30 26.78
N VAL A 165 -0.10 -35.30 27.54
CA VAL A 165 0.43 -35.51 28.89
C VAL A 165 -0.09 -34.44 29.84
N GLN A 166 -1.13 -34.76 30.61
CA GLN A 166 -1.63 -33.80 31.58
C GLN A 166 -1.19 -34.11 33.01
N THR A 167 -0.52 -35.25 33.19
CA THR A 167 0.09 -35.57 34.48
C THR A 167 1.50 -35.01 34.55
N THR A 168 1.62 -33.76 34.97
CA THR A 168 2.90 -33.10 35.14
C THR A 168 2.97 -32.43 36.50
N VAL A 169 2.08 -31.47 36.71
CA VAL A 169 2.02 -30.71 37.94
C VAL A 169 0.58 -30.36 38.34
N SER A 170 0.44 -29.27 39.10
CA SER A 170 -0.84 -28.84 39.73
C SER A 170 -2.10 -28.96 38.88
N ALA A 171 -3.21 -29.34 39.50
CA ALA A 171 -4.48 -29.59 38.82
C ALA A 171 -5.23 -28.30 38.47
N ARG A 172 -5.18 -27.32 39.37
CA ARG A 172 -5.77 -26.00 39.12
C ARG A 172 -4.95 -25.21 38.10
N VAL A 173 -3.67 -25.55 37.99
CA VAL A 173 -2.76 -24.97 37.01
C VAL A 173 -2.98 -25.57 35.61
N GLY A 174 -3.35 -26.85 35.58
CA GLY A 174 -3.62 -27.53 34.33
C GLY A 174 -4.79 -26.94 33.55
N GLY A 175 -5.81 -26.49 34.27
CA GLY A 175 -6.96 -25.86 33.64
C GLY A 175 -6.63 -24.51 33.04
N ASP A 176 -5.64 -23.85 33.63
CA ASP A 176 -5.12 -22.59 33.10
C ASP A 176 -4.55 -22.81 31.70
N TYR A 177 -4.06 -24.03 31.44
CA TYR A 177 -3.47 -24.35 30.15
C TYR A 177 -4.50 -25.00 29.23
N LEU A 178 -5.74 -25.14 29.71
CA LEU A 178 -6.81 -25.71 28.89
C LEU A 178 -7.74 -24.60 28.43
N ALA A 179 -7.56 -23.41 29.00
CA ALA A 179 -8.27 -22.22 28.57
C ALA A 179 -7.73 -21.73 27.23
N ARG A 180 -6.83 -22.53 26.65
CA ARG A 180 -6.27 -22.25 25.34
C ARG A 180 -7.23 -22.84 24.29
N ALA A 181 -8.51 -22.85 24.63
CA ALA A 181 -9.56 -23.37 23.78
C ALA A 181 -10.67 -22.34 23.70
N ALA A 182 -10.63 -21.39 24.64
CA ALA A 182 -11.64 -20.32 24.73
C ALA A 182 -10.97 -18.98 25.03
N HIS A 183 -11.74 -17.90 25.00
CA HIS A 183 -11.17 -16.57 25.23
C HIS A 183 -10.58 -16.37 26.62
N TYR A 184 -9.28 -16.66 26.76
CA TYR A 184 -8.54 -16.40 27.98
C TYR A 184 -8.67 -14.93 28.39
N LYS A 185 -8.84 -14.06 27.39
CA LYS A 185 -8.98 -12.63 27.63
C LYS A 185 -10.38 -12.26 28.09
N ARG A 186 -11.35 -13.12 27.77
CA ARG A 186 -12.76 -12.87 28.08
C ARG A 186 -13.31 -13.94 29.03
N GLN A 187 -12.61 -15.07 29.13
CA GLN A 187 -13.03 -16.17 30.01
C GLN A 187 -11.86 -16.75 30.79
N ARG A 188 -11.31 -15.94 31.71
CA ARG A 188 -10.31 -16.41 32.66
C ARG A 188 -10.59 -15.68 33.98
N GLN A 189 -11.13 -14.48 33.86
CA GLN A 189 -11.56 -13.66 35.00
C GLN A 189 -12.75 -14.30 35.73
N LEU A 190 -13.00 -15.58 35.47
CA LEU A 190 -14.04 -16.35 36.13
C LEU A 190 -13.48 -17.10 37.33
N ASP A 191 -12.40 -17.87 37.10
CA ASP A 191 -11.87 -18.78 38.10
C ASP A 191 -10.54 -19.38 37.61
N ASP A 192 -9.81 -20.04 38.52
CA ASP A 192 -8.63 -20.81 38.15
C ASP A 192 -9.07 -22.15 37.59
N PHE A 193 -10.35 -22.46 37.79
CA PHE A 193 -11.00 -23.57 37.11
C PHE A 193 -12.04 -23.00 36.16
N THR A 194 -11.57 -22.40 35.07
CA THR A 194 -12.45 -21.69 34.13
C THR A 194 -13.00 -22.62 33.03
N PHE A 195 -12.29 -23.70 32.73
CA PHE A 195 -12.71 -24.60 31.67
C PHE A 195 -14.04 -25.32 31.93
N PRO A 196 -14.19 -25.98 33.10
CA PRO A 196 -15.44 -26.70 33.31
C PRO A 196 -16.62 -25.77 33.62
N CYS A 197 -16.37 -24.46 33.64
CA CYS A 197 -17.42 -23.47 33.95
C CYS A 197 -18.41 -23.27 32.79
N LEU A 198 -17.95 -23.45 31.55
CA LEU A 198 -18.80 -23.36 30.38
C LEU A 198 -20.01 -24.28 30.50
N PHE A 199 -19.80 -25.40 31.18
CA PHE A 199 -20.84 -26.40 31.39
C PHE A 199 -21.45 -26.24 32.76
N ALA A 200 -20.63 -25.82 33.73
CA ALA A 200 -21.12 -25.55 35.09
C ALA A 200 -22.19 -24.47 35.08
N ARG A 201 -22.16 -23.61 34.06
CA ARG A 201 -23.17 -22.60 33.81
C ARG A 201 -24.29 -23.20 32.95
N ARG A 202 -23.88 -24.05 32.00
CA ARG A 202 -24.82 -24.81 31.18
C ARG A 202 -25.53 -25.84 32.04
N MET A 203 -24.93 -26.17 33.19
CA MET A 203 -25.53 -27.06 34.16
C MET A 203 -26.77 -26.42 34.77
N LYS A 204 -26.69 -25.11 34.99
CA LYS A 204 -27.82 -24.36 35.54
C LYS A 204 -28.72 -23.85 34.41
N ALA A 205 -28.11 -23.54 33.26
CA ALA A 205 -28.86 -23.08 32.10
C ALA A 205 -29.82 -24.17 31.62
N ILE A 206 -29.45 -25.43 31.79
CA ILE A 206 -30.28 -26.55 31.39
C ILE A 206 -31.31 -26.92 32.46
N GLN A 207 -30.99 -26.63 33.73
CA GLN A 207 -31.92 -26.85 34.82
C GLN A 207 -33.05 -25.83 34.71
N GLU A 208 -32.74 -24.71 34.06
CA GLU A 208 -33.74 -23.72 33.71
C GLU A 208 -34.37 -24.07 32.37
N ALA A 209 -34.64 -25.36 32.16
CA ALA A 209 -35.22 -25.85 30.92
C ALA A 209 -35.86 -27.21 31.10
N GLY A 210 -36.65 -27.62 30.12
CA GLY A 210 -37.32 -28.90 30.16
C GLY A 210 -36.79 -29.85 29.10
N HIS A 211 -35.47 -29.85 28.92
CA HIS A 211 -34.83 -30.77 27.98
C HIS A 211 -34.26 -31.95 28.76
N PHE A 212 -33.51 -31.64 29.82
CA PHE A 212 -33.04 -32.66 30.76
C PHE A 212 -32.62 -32.08 32.10
N THR A 213 -32.53 -32.94 33.11
CA THR A 213 -32.32 -32.50 34.49
C THR A 213 -30.91 -32.79 35.00
N MET A 214 -30.60 -32.32 36.21
CA MET A 214 -29.32 -32.60 36.85
C MET A 214 -29.23 -34.07 37.20
N GLU A 215 -30.38 -34.72 37.26
CA GLU A 215 -30.49 -36.13 37.64
C GLU A 215 -30.21 -37.02 36.44
N ASP A 216 -30.43 -36.45 35.25
CA ASP A 216 -30.14 -37.14 34.00
C ASP A 216 -28.63 -37.15 33.76
N ALA A 217 -27.94 -36.16 34.32
CA ALA A 217 -26.48 -36.08 34.25
C ALA A 217 -25.82 -37.04 35.23
N ALA A 218 -26.63 -37.82 35.94
CA ALA A 218 -26.12 -38.77 36.94
C ALA A 218 -26.01 -40.18 36.38
N TYR A 219 -27.02 -40.62 35.64
CA TYR A 219 -27.05 -41.94 35.03
C TYR A 219 -25.98 -42.13 33.96
N VAL A 220 -25.27 -41.05 33.65
CA VAL A 220 -24.20 -41.06 32.66
C VAL A 220 -22.90 -41.64 33.24
N ALA A 221 -22.40 -40.99 34.28
CA ALA A 221 -21.11 -41.35 34.88
C ALA A 221 -21.04 -42.80 35.36
N ALA A 222 -22.01 -43.21 36.16
CA ALA A 222 -22.08 -44.60 36.64
C ALA A 222 -21.98 -45.57 35.47
N LYS A 223 -22.83 -45.36 34.46
CA LYS A 223 -22.78 -46.11 33.21
C LYS A 223 -21.40 -46.02 32.54
N ALA A 224 -20.87 -44.80 32.48
CA ALA A 224 -19.55 -44.57 31.89
C ALA A 224 -18.44 -45.18 32.76
N TYR A 225 -18.50 -44.93 34.06
CA TYR A 225 -17.54 -45.53 34.98
C TYR A 225 -17.63 -47.05 34.94
N ALA A 226 -18.83 -47.58 34.71
CA ALA A 226 -19.02 -49.02 34.58
C ALA A 226 -18.34 -49.56 33.32
N SER A 227 -18.55 -48.88 32.20
CA SER A 227 -17.95 -49.31 30.94
C SER A 227 -16.42 -49.22 31.02
N GLY A 228 -15.94 -48.29 31.84
CA GLY A 228 -14.51 -48.16 32.10
C GLY A 228 -14.00 -49.30 32.96
N ASN A 229 -14.88 -49.92 33.74
CA ASN A 229 -14.51 -51.09 34.53
C ASN A 229 -14.36 -52.33 33.64
N ARG A 230 -14.94 -52.27 32.45
CA ARG A 230 -14.85 -53.37 31.50
C ARG A 230 -13.55 -53.31 30.69
N ASN A 231 -13.08 -52.08 30.45
CA ASN A 231 -11.84 -51.84 29.72
C ASN A 231 -10.61 -52.04 30.60
N PRO A 232 -9.69 -52.94 30.16
CA PRO A 232 -8.42 -53.21 30.83
C PRO A 232 -7.55 -51.96 31.01
N LEU A 233 -7.28 -51.27 29.91
CA LEU A 233 -6.38 -50.10 29.93
C LEU A 233 -7.06 -48.79 30.33
N ALA A 234 -8.25 -48.87 30.90
CA ALA A 234 -8.98 -47.68 31.33
C ALA A 234 -8.26 -46.93 32.44
N HIS A 235 -8.25 -45.59 32.33
CA HIS A 235 -7.71 -44.73 33.38
C HIS A 235 -8.42 -45.04 34.70
N MET A 236 -9.68 -44.66 34.79
CA MET A 236 -10.48 -44.97 35.96
C MET A 236 -11.16 -46.32 35.78
N HIS A 237 -10.34 -47.36 35.69
CA HIS A 237 -10.81 -48.73 35.49
C HIS A 237 -11.29 -49.32 36.81
N ALA A 238 -10.55 -49.06 37.88
CA ALA A 238 -10.84 -49.66 39.18
C ALA A 238 -11.81 -48.84 40.04
N ARG A 239 -12.92 -48.38 39.45
CA ARG A 239 -13.92 -47.67 40.23
C ARG A 239 -15.31 -47.69 39.58
N LYS A 240 -16.33 -47.65 40.44
CA LYS A 240 -17.73 -47.73 40.04
C LYS A 240 -18.57 -47.55 41.30
N VAL A 241 -19.57 -46.67 41.25
CA VAL A 241 -20.41 -46.44 42.42
C VAL A 241 -21.90 -46.52 42.07
N THR A 242 -22.74 -46.32 43.06
CA THR A 242 -24.19 -46.32 42.90
C THR A 242 -24.63 -45.05 42.16
N LEU A 243 -25.70 -45.16 41.37
CA LEU A 243 -26.33 -44.02 40.71
C LEU A 243 -26.57 -42.88 41.70
N ASP A 244 -27.10 -43.22 42.89
CA ASP A 244 -27.37 -42.25 43.94
C ASP A 244 -26.14 -41.44 44.35
N PHE A 245 -24.96 -41.88 43.91
CA PHE A 245 -23.71 -41.19 44.22
C PHE A 245 -23.22 -40.36 43.03
N CYS A 246 -23.55 -40.82 41.82
CA CYS A 246 -23.28 -40.04 40.62
C CYS A 246 -24.30 -38.90 40.48
N THR A 247 -25.33 -38.95 41.32
CA THR A 247 -26.19 -37.81 41.58
C THR A 247 -25.47 -36.93 42.59
N GLN A 248 -26.13 -35.88 43.06
CA GLN A 248 -25.62 -35.12 44.19
C GLN A 248 -25.85 -35.92 45.48
N ALA A 249 -26.01 -35.22 46.60
CA ALA A 249 -26.06 -35.86 47.93
C ALA A 249 -24.73 -36.55 48.25
N SER A 250 -23.70 -36.17 47.52
CA SER A 250 -22.38 -36.76 47.66
C SER A 250 -21.39 -35.79 48.32
N ASP A 251 -20.16 -36.25 48.52
CA ASP A 251 -19.09 -35.44 49.08
C ASP A 251 -17.74 -35.95 48.59
N LYS A 252 -17.64 -37.25 48.37
CA LYS A 252 -16.45 -37.86 47.78
C LYS A 252 -16.35 -37.49 46.30
N ASN A 253 -17.50 -37.33 45.66
CA ASN A 253 -17.58 -36.85 44.28
C ASN A 253 -18.48 -35.62 44.19
N PRO A 254 -17.97 -34.46 44.61
CA PRO A 254 -18.78 -33.25 44.51
C PRO A 254 -18.19 -32.34 43.45
N ASN A 255 -18.55 -31.07 43.49
CA ASN A 255 -17.86 -30.06 42.72
C ASN A 255 -16.53 -29.71 43.39
N PHE A 256 -15.88 -28.68 42.86
CA PHE A 256 -14.59 -28.23 43.39
C PHE A 256 -14.23 -26.81 42.90
N LEU A 257 -15.15 -26.21 42.15
CA LEU A 257 -14.91 -24.94 41.46
C LEU A 257 -14.71 -23.74 42.39
N GLY A 258 -14.67 -22.55 41.81
CA GLY A 258 -14.50 -21.31 42.54
C GLY A 258 -15.61 -20.31 42.27
N ASN A 259 -16.26 -20.46 41.12
CA ASN A 259 -17.42 -19.66 40.78
C ASN A 259 -18.57 -19.99 41.73
N GLU A 260 -18.46 -19.49 42.95
CA GLU A 260 -19.31 -19.88 44.08
C GLU A 260 -20.83 -19.90 43.84
N ILE A 261 -21.24 -19.60 42.62
CA ILE A 261 -22.64 -19.59 42.23
C ILE A 261 -22.86 -20.60 41.11
N TYR A 262 -21.78 -20.90 40.39
CA TYR A 262 -21.79 -21.93 39.36
C TYR A 262 -20.92 -23.08 39.86
N LYS A 263 -20.22 -22.84 40.96
CA LYS A 263 -19.44 -23.87 41.64
C LYS A 263 -20.26 -25.10 42.01
N PRO A 264 -21.42 -24.93 42.69
CA PRO A 264 -22.15 -26.15 43.04
C PRO A 264 -22.73 -26.87 41.83
N PHE A 265 -22.74 -26.20 40.68
CA PHE A 265 -23.36 -26.75 39.48
C PHE A 265 -22.39 -27.55 38.61
N LEU A 266 -21.76 -28.53 39.23
CA LEU A 266 -20.94 -29.53 38.56
C LEU A 266 -20.58 -30.56 39.62
N ARG A 267 -20.04 -31.70 39.21
CA ARG A 267 -19.55 -32.69 40.15
C ARG A 267 -18.19 -33.17 39.69
N THR A 268 -17.56 -34.03 40.48
CA THR A 268 -16.30 -34.64 40.06
C THR A 268 -16.60 -35.76 39.05
N THR A 269 -17.85 -36.22 39.04
CA THR A 269 -18.33 -37.22 38.10
C THR A 269 -18.46 -36.65 36.68
N ASP A 270 -18.37 -35.33 36.56
CA ASP A 270 -18.54 -34.67 35.28
C ASP A 270 -17.19 -34.42 34.60
N CYS A 271 -16.20 -33.99 35.38
CA CYS A 271 -14.86 -33.73 34.86
C CYS A 271 -14.24 -34.97 34.25
N SER A 272 -13.94 -34.88 32.94
CA SER A 272 -13.28 -35.97 32.23
C SER A 272 -11.86 -36.14 32.72
N GLN A 273 -11.19 -37.21 32.32
CA GLN A 273 -9.95 -37.61 32.98
C GLN A 273 -8.65 -36.94 32.52
N VAL A 274 -8.03 -36.22 33.44
CA VAL A 274 -6.67 -35.72 33.27
C VAL A 274 -5.80 -36.93 33.03
N SER A 275 -5.46 -37.19 31.77
CA SER A 275 -4.86 -38.48 31.41
C SER A 275 -3.80 -38.45 30.30
N ASP A 276 -2.64 -39.03 30.60
CA ASP A 276 -1.62 -39.30 29.60
C ASP A 276 -2.09 -40.47 28.75
N GLY A 277 -1.57 -40.58 27.53
CA GLY A 277 -1.92 -41.70 26.67
C GLY A 277 -1.94 -41.37 25.20
N GLY A 278 -1.39 -42.26 24.39
CA GLY A 278 -1.41 -42.10 22.95
C GLY A 278 -2.45 -42.98 22.29
N ALA A 279 -2.73 -42.70 21.02
CA ALA A 279 -3.72 -43.42 20.25
C ALA A 279 -3.43 -43.21 18.77
N ALA A 280 -2.65 -44.11 18.18
CA ALA A 280 -2.23 -43.95 16.79
C ALA A 280 -3.01 -44.85 15.83
N VAL A 281 -2.98 -44.50 14.54
CA VAL A 281 -3.76 -45.20 13.52
C VAL A 281 -3.08 -45.11 12.15
N ILE A 282 -3.11 -46.22 11.39
CA ILE A 282 -2.60 -46.20 10.03
C ILE A 282 -3.78 -46.21 9.03
N LEU A 283 -3.66 -45.39 7.98
CA LEU A 283 -4.72 -45.29 6.97
C LEU A 283 -4.13 -45.59 5.60
N ALA A 284 -4.96 -46.00 4.65
CA ALA A 284 -4.46 -46.38 3.32
C ALA A 284 -5.41 -45.99 2.19
N SER A 285 -4.98 -46.23 0.96
CA SER A 285 -5.80 -45.97 -0.22
C SER A 285 -6.08 -47.27 -0.98
N GLU A 286 -7.10 -47.25 -1.84
CA GLU A 286 -7.38 -48.38 -2.71
C GLU A 286 -6.15 -48.63 -3.58
N GLU A 287 -5.54 -47.54 -4.01
CA GLU A 287 -4.28 -47.57 -4.76
C GLU A 287 -3.17 -48.13 -3.88
N GLY A 288 -3.17 -47.76 -2.61
CA GLY A 288 -2.19 -48.27 -1.67
C GLY A 288 -2.44 -49.72 -1.32
N LEU A 289 -3.71 -50.13 -1.36
CA LEU A 289 -4.13 -51.50 -1.04
C LEU A 289 -3.40 -52.57 -1.83
N GLN A 290 -3.13 -52.30 -3.10
CA GLN A 290 -2.50 -53.28 -4.00
C GLN A 290 -1.09 -53.68 -3.55
N LYS A 291 -0.40 -52.76 -2.88
CA LYS A 291 0.95 -53.03 -2.40
C LYS A 291 0.91 -53.82 -1.09
N LEU A 292 -0.14 -53.57 -0.31
CA LEU A 292 -0.38 -54.28 0.94
C LEU A 292 -0.58 -55.78 0.72
N GLY A 293 -1.10 -56.15 -0.45
CA GLY A 293 -1.50 -57.53 -0.71
C GLY A 293 -2.92 -57.71 -0.23
N LEU A 294 -3.70 -56.63 -0.29
CA LEU A 294 -5.06 -56.62 0.19
C LEU A 294 -6.06 -56.27 -0.92
N SER A 295 -7.32 -56.10 -0.54
CA SER A 295 -8.39 -55.67 -1.45
C SER A 295 -9.47 -55.03 -0.58
N PRO A 296 -10.30 -54.15 -1.16
CA PRO A 296 -11.38 -53.54 -0.38
C PRO A 296 -12.44 -54.57 0.02
N ASN A 297 -12.03 -55.62 0.72
CA ASN A 297 -12.93 -56.67 1.17
C ASN A 297 -12.48 -57.22 2.53
N ASP A 298 -11.16 -57.16 2.75
CA ASP A 298 -10.48 -57.83 3.86
C ASP A 298 -11.19 -57.78 5.22
N ASN A 299 -11.18 -58.92 5.92
CA ASN A 299 -11.82 -59.05 7.22
C ASN A 299 -11.00 -58.44 8.35
N ARG A 300 -10.19 -57.42 8.02
CA ARG A 300 -9.31 -56.78 8.98
C ARG A 300 -9.41 -55.26 8.89
N LEU A 301 -9.99 -54.77 7.79
CA LEU A 301 -10.10 -53.34 7.55
C LEU A 301 -11.52 -52.80 7.71
N VAL A 302 -11.62 -51.49 7.91
CA VAL A 302 -12.90 -50.79 7.92
C VAL A 302 -12.81 -49.55 7.02
N GLU A 303 -13.79 -49.39 6.12
CA GLU A 303 -13.76 -48.27 5.20
C GLU A 303 -14.43 -47.02 5.80
N ILE A 304 -14.14 -45.87 5.22
CA ILE A 304 -14.75 -44.60 5.59
C ILE A 304 -15.12 -43.83 4.32
N LYS A 305 -16.39 -43.45 4.19
CA LYS A 305 -16.87 -42.79 2.98
C LYS A 305 -17.52 -41.44 3.29
N SER A 306 -17.61 -41.14 4.58
CA SER A 306 -18.16 -39.86 5.03
C SER A 306 -17.29 -39.27 6.15
N LEU A 307 -16.85 -38.04 5.95
CA LEU A 307 -16.05 -37.32 6.93
C LEU A 307 -16.26 -35.83 6.73
N ALA A 308 -16.74 -35.16 7.76
CA ALA A 308 -16.93 -33.72 7.72
C ALA A 308 -16.16 -33.05 8.85
N SER A 309 -16.29 -31.74 8.93
CA SER A 309 -15.63 -30.93 9.96
C SER A 309 -16.31 -29.57 9.99
N ALA A 310 -16.20 -28.87 11.12
CA ALA A 310 -16.81 -27.54 11.24
C ALA A 310 -16.13 -26.74 12.35
N ALA A 311 -16.26 -25.42 12.29
CA ALA A 311 -15.70 -24.54 13.32
C ALA A 311 -16.59 -23.31 13.49
N GLY A 312 -16.94 -23.00 14.73
CA GLY A 312 -17.76 -21.83 15.00
C GLY A 312 -17.00 -20.79 15.81
N ASN A 313 -17.46 -19.55 15.76
CA ASN A 313 -16.82 -18.46 16.51
C ASN A 313 -16.68 -18.74 18.01
N LEU A 314 -15.50 -18.43 18.55
CA LEU A 314 -15.25 -18.54 19.99
C LEU A 314 -15.22 -17.15 20.65
N TYR A 315 -15.29 -16.10 19.83
CA TYR A 315 -15.46 -14.72 20.31
C TYR A 315 -16.90 -14.52 20.73
N GLU A 316 -17.73 -15.52 20.42
CA GLU A 316 -19.14 -15.51 20.78
C GLU A 316 -19.54 -16.91 21.22
N ASP A 317 -20.20 -17.02 22.37
CA ASP A 317 -20.65 -18.31 22.85
C ASP A 317 -22.11 -18.54 22.48
N SER A 318 -22.55 -19.79 22.56
CA SER A 318 -23.89 -20.17 22.14
C SER A 318 -24.99 -19.43 22.89
N PRO A 319 -25.94 -18.85 22.14
CA PRO A 319 -27.15 -18.28 22.72
C PRO A 319 -28.07 -19.43 23.11
N ASP A 320 -27.88 -20.56 22.42
CA ASP A 320 -28.48 -21.81 22.83
C ASP A 320 -27.52 -22.56 23.75
N LEU A 321 -27.52 -22.18 25.03
CA LEU A 321 -26.74 -22.87 26.05
C LEU A 321 -27.27 -24.29 26.23
N THR A 322 -28.43 -24.53 25.61
CA THR A 322 -29.08 -25.84 25.59
C THR A 322 -28.89 -26.49 24.21
N ARG A 323 -27.78 -26.17 23.54
CA ARG A 323 -27.48 -26.73 22.22
C ARG A 323 -26.00 -26.63 21.86
N MET A 324 -25.53 -27.60 21.10
CA MET A 324 -24.20 -27.57 20.50
C MET A 324 -24.39 -27.64 18.98
N THR A 325 -24.05 -26.56 18.27
CA THR A 325 -24.40 -26.41 16.87
C THR A 325 -23.33 -26.92 15.89
N THR A 326 -22.07 -26.75 16.26
CA THR A 326 -20.95 -27.11 15.39
C THR A 326 -20.88 -28.62 15.11
N SER A 327 -21.28 -29.43 16.08
CA SER A 327 -21.31 -30.88 15.92
C SER A 327 -22.39 -31.33 14.94
N MET A 328 -23.53 -30.64 14.95
CA MET A 328 -24.64 -30.93 14.04
C MET A 328 -24.21 -30.86 12.57
N VAL A 329 -23.49 -29.81 12.21
CA VAL A 329 -22.98 -29.66 10.84
C VAL A 329 -22.10 -30.86 10.52
N ALA A 330 -21.09 -31.10 11.35
CA ALA A 330 -20.18 -32.22 11.18
C ALA A 330 -20.90 -33.57 11.08
N ALA A 331 -22.15 -33.62 11.56
CA ALA A 331 -22.95 -34.84 11.49
C ALA A 331 -23.83 -34.90 10.24
N ARG A 332 -24.91 -34.12 10.22
CA ARG A 332 -25.90 -34.15 9.14
C ARG A 332 -25.32 -33.84 7.75
N THR A 333 -24.09 -33.34 7.70
CA THR A 333 -23.41 -33.10 6.44
C THR A 333 -22.54 -34.30 6.06
N ALA A 334 -21.87 -34.89 7.05
CA ALA A 334 -20.96 -36.02 6.84
C ALA A 334 -21.68 -37.22 6.24
N LEU A 335 -22.41 -37.95 7.10
CA LEU A 335 -23.18 -39.14 6.70
C LEU A 335 -24.10 -38.93 5.49
N SER A 336 -24.52 -37.69 5.25
CA SER A 336 -25.40 -37.39 4.12
C SER A 336 -24.67 -37.58 2.79
N MET A 337 -23.34 -37.59 2.85
CA MET A 337 -22.51 -37.98 1.72
C MET A 337 -22.68 -39.48 1.46
N ALA A 338 -22.85 -40.24 2.53
CA ALA A 338 -23.14 -41.67 2.41
C ALA A 338 -24.63 -41.95 2.65
N GLY A 339 -25.40 -40.89 2.85
CA GLY A 339 -26.84 -40.98 3.08
C GLY A 339 -27.26 -41.96 4.16
N VAL A 340 -26.41 -42.15 5.17
CA VAL A 340 -26.70 -43.12 6.23
C VAL A 340 -27.85 -42.69 7.13
N LYS A 341 -28.87 -43.54 7.25
CA LYS A 341 -29.98 -43.27 8.16
C LYS A 341 -29.53 -43.51 9.59
N PRO A 342 -29.52 -42.43 10.39
CA PRO A 342 -29.00 -42.43 11.76
C PRO A 342 -29.62 -43.53 12.65
N GLU A 343 -30.88 -43.89 12.41
CA GLU A 343 -31.51 -44.96 13.17
C GLU A 343 -30.95 -46.34 12.84
N GLN A 344 -30.18 -46.42 11.75
CA GLN A 344 -29.51 -47.66 11.37
C GLN A 344 -28.15 -47.76 12.04
N LEU A 345 -27.74 -46.69 12.72
CA LEU A 345 -26.48 -46.70 13.46
C LEU A 345 -26.54 -47.81 14.50
N GLN A 346 -25.39 -48.40 14.80
CA GLN A 346 -25.35 -49.56 15.66
C GLN A 346 -24.44 -49.34 16.86
N VAL A 347 -23.45 -48.47 16.70
CA VAL A 347 -22.49 -48.19 17.76
C VAL A 347 -21.83 -46.84 17.53
N ALA A 348 -21.85 -45.98 18.55
CA ALA A 348 -21.26 -44.65 18.43
C ALA A 348 -20.19 -44.40 19.47
N GLU A 349 -19.35 -43.40 19.20
CA GLU A 349 -18.38 -42.90 20.18
C GLU A 349 -18.40 -41.37 20.10
N VAL A 350 -18.46 -40.71 21.25
CA VAL A 350 -18.54 -39.25 21.26
C VAL A 350 -17.42 -38.63 22.09
N HIS A 351 -16.99 -37.42 21.72
CA HIS A 351 -16.06 -36.69 22.57
C HIS A 351 -16.83 -35.82 23.56
N ASP A 352 -17.44 -36.47 24.55
CA ASP A 352 -18.06 -35.75 25.63
C ASP A 352 -16.99 -35.31 26.65
N ALA A 353 -16.71 -34.01 26.69
CA ALA A 353 -15.84 -33.48 27.72
C ALA A 353 -16.56 -33.66 29.05
N PHE A 354 -17.89 -33.59 28.99
CA PHE A 354 -18.72 -33.73 30.18
C PHE A 354 -20.00 -34.50 29.91
N THR A 355 -20.55 -35.11 30.96
CA THR A 355 -21.84 -35.80 30.92
C THR A 355 -22.90 -34.88 30.33
N ILE A 356 -22.82 -33.62 30.74
CA ILE A 356 -23.73 -32.57 30.30
C ILE A 356 -23.56 -32.33 28.80
N ALA A 357 -22.33 -32.44 28.31
CA ALA A 357 -22.05 -32.35 26.90
C ALA A 357 -22.47 -33.63 26.17
N GLU A 358 -22.40 -34.75 26.88
CA GLU A 358 -22.79 -36.06 26.35
C GLU A 358 -24.28 -36.10 25.99
N LEU A 359 -25.08 -35.32 26.73
CA LEU A 359 -26.53 -35.29 26.53
C LEU A 359 -26.94 -34.34 25.40
N LEU A 360 -25.98 -33.55 24.92
CA LEU A 360 -26.18 -32.68 23.77
C LEU A 360 -25.51 -33.28 22.52
N MET A 361 -25.10 -34.55 22.64
CA MET A 361 -24.49 -35.29 21.54
C MET A 361 -25.53 -35.81 20.54
N TYR A 362 -26.45 -36.64 21.03
CA TYR A 362 -27.46 -37.28 20.19
C TYR A 362 -28.43 -36.30 19.50
N GLU A 363 -28.34 -35.00 19.81
CA GLU A 363 -29.14 -33.99 19.13
C GLU A 363 -28.44 -33.58 17.84
N ALA A 364 -27.10 -33.68 17.84
CA ALA A 364 -26.28 -33.37 16.67
C ALA A 364 -26.11 -34.66 15.87
N LEU A 365 -25.56 -35.68 16.51
CA LEU A 365 -25.56 -37.03 15.95
C LEU A 365 -27.01 -37.47 15.84
N GLY A 366 -27.58 -37.33 14.64
CA GLY A 366 -29.00 -37.49 14.41
C GLY A 366 -29.65 -38.83 14.75
N ILE A 367 -28.93 -39.68 15.48
CA ILE A 367 -29.47 -40.97 15.91
C ILE A 367 -30.65 -40.79 16.86
N ALA A 368 -30.66 -39.69 17.59
CA ALA A 368 -31.82 -39.31 18.41
C ALA A 368 -32.28 -37.91 18.00
N GLU A 369 -33.22 -37.35 18.76
CA GLU A 369 -33.73 -36.02 18.45
C GLU A 369 -33.80 -35.10 19.67
N TYR A 370 -34.58 -34.03 19.52
CA TYR A 370 -34.60 -32.93 20.49
C TYR A 370 -35.84 -32.98 21.38
N GLY A 371 -35.81 -32.25 22.49
CA GLY A 371 -36.94 -32.18 23.40
C GLY A 371 -36.95 -33.26 24.47
N GLY A 372 -35.95 -34.13 24.43
CA GLY A 372 -35.85 -35.22 25.38
C GLY A 372 -34.49 -35.89 25.30
N ALA A 373 -33.73 -35.84 26.39
CA ALA A 373 -32.38 -36.37 26.39
C ALA A 373 -32.16 -37.50 27.40
N GLY A 374 -32.50 -37.25 28.67
CA GLY A 374 -32.25 -38.21 29.73
C GLY A 374 -33.31 -39.30 29.88
N ALA A 375 -33.89 -39.74 28.77
CA ALA A 375 -34.89 -40.80 28.80
C ALA A 375 -34.51 -41.95 27.86
N LEU A 376 -34.19 -41.61 26.62
CA LEU A 376 -33.79 -42.60 25.62
C LEU A 376 -32.44 -43.23 25.96
N ILE A 377 -31.74 -42.65 26.92
CA ILE A 377 -30.46 -43.21 27.39
C ILE A 377 -30.73 -44.44 28.26
N ARG A 378 -31.88 -44.43 28.93
CA ARG A 378 -32.28 -45.55 29.77
C ARG A 378 -33.19 -46.49 28.99
N SER A 379 -33.29 -46.25 27.68
CA SER A 379 -33.91 -47.19 26.77
C SER A 379 -32.89 -48.26 26.40
N GLY A 380 -31.70 -48.16 26.97
CA GLY A 380 -30.61 -49.07 26.65
C GLY A 380 -29.97 -48.76 25.32
N ALA A 381 -30.26 -47.57 24.78
CA ALA A 381 -29.70 -47.15 23.51
C ALA A 381 -28.38 -46.40 23.73
N THR A 382 -27.68 -46.76 24.79
CA THR A 382 -26.38 -46.22 25.13
C THR A 382 -25.55 -47.34 25.73
N ALA A 383 -26.27 -48.37 26.20
CA ALA A 383 -25.64 -49.50 26.89
C ALA A 383 -25.09 -50.56 25.92
N LEU A 384 -24.12 -51.32 26.40
CA LEU A 384 -23.44 -52.33 25.59
C LEU A 384 -24.38 -53.49 25.19
N ASP A 385 -25.55 -53.55 25.80
CA ASP A 385 -26.50 -54.61 25.52
C ASP A 385 -27.79 -54.07 24.90
N GLY A 386 -27.67 -53.06 24.04
CA GLY A 386 -28.85 -52.43 23.48
C GLY A 386 -28.76 -51.97 22.04
N ARG A 387 -29.49 -50.90 21.74
CA ARG A 387 -29.61 -50.39 20.38
C ARG A 387 -28.30 -49.78 19.85
N ILE A 388 -27.86 -48.69 20.45
CA ILE A 388 -26.61 -48.05 20.07
C ILE A 388 -25.72 -47.75 21.28
N PRO A 389 -24.87 -48.72 21.66
CA PRO A 389 -23.93 -48.53 22.77
C PRO A 389 -22.90 -47.45 22.45
N VAL A 390 -22.84 -46.40 23.28
CA VAL A 390 -21.92 -45.28 23.05
C VAL A 390 -20.91 -45.16 24.20
N ASN A 391 -19.64 -44.90 23.85
CA ASN A 391 -18.55 -44.90 24.82
C ASN A 391 -18.52 -46.18 25.66
N THR A 392 -18.40 -47.31 24.96
CA THR A 392 -18.48 -48.64 25.55
C THR A 392 -17.22 -49.02 26.33
N GLY A 393 -16.14 -48.29 26.08
CA GLY A 393 -14.91 -48.51 26.83
C GLY A 393 -14.89 -47.71 28.12
N GLY A 394 -15.92 -46.89 28.31
CA GLY A 394 -15.97 -46.00 29.46
C GLY A 394 -16.10 -44.55 29.05
N GLY A 395 -15.51 -44.22 27.92
CA GLY A 395 -15.53 -42.85 27.43
C GLY A 395 -14.60 -41.95 28.21
N LEU A 396 -14.68 -40.65 27.95
CA LEU A 396 -13.76 -39.68 28.52
C LEU A 396 -13.81 -39.61 30.06
N LEU A 397 -14.78 -40.30 30.66
CA LEU A 397 -14.94 -40.30 32.12
C LEU A 397 -14.13 -41.41 32.81
N SER A 398 -13.90 -42.52 32.11
CA SER A 398 -13.22 -43.66 32.70
C SER A 398 -12.17 -44.28 31.77
N PHE A 399 -12.35 -44.11 30.46
CA PHE A 399 -11.37 -44.60 29.49
C PHE A 399 -10.12 -43.74 29.53
N GLY A 400 -10.32 -42.42 29.56
CA GLY A 400 -9.22 -41.46 29.54
C GLY A 400 -9.48 -40.33 28.58
N HIS A 401 -8.92 -39.16 28.88
CA HIS A 401 -9.10 -37.99 28.00
C HIS A 401 -7.76 -37.32 27.68
N PRO A 402 -6.86 -38.03 26.97
CA PRO A 402 -5.67 -37.33 26.51
C PRO A 402 -6.05 -36.45 25.34
N VAL A 403 -6.59 -35.26 25.66
CA VAL A 403 -7.13 -34.28 24.70
C VAL A 403 -6.93 -34.54 23.21
N GLY A 404 -5.69 -34.82 22.82
CA GLY A 404 -5.36 -35.06 21.42
C GLY A 404 -5.47 -36.52 20.99
N ALA A 405 -5.45 -37.42 21.97
CA ALA A 405 -5.58 -38.85 21.67
C ALA A 405 -7.03 -39.34 21.80
N THR A 406 -7.90 -38.50 22.36
CA THR A 406 -9.31 -38.81 22.48
C THR A 406 -10.00 -38.74 21.11
N GLY A 407 -9.51 -37.84 20.26
CA GLY A 407 -10.03 -37.71 18.91
C GLY A 407 -9.82 -38.94 18.06
N VAL A 408 -8.58 -39.45 18.05
CA VAL A 408 -8.22 -40.61 17.24
C VAL A 408 -8.85 -41.91 17.75
N LYS A 409 -8.85 -42.09 19.07
CA LYS A 409 -9.23 -43.35 19.68
C LYS A 409 -10.65 -43.83 19.34
N GLN A 410 -11.58 -42.89 19.18
CA GLN A 410 -12.97 -43.21 18.85
C GLN A 410 -13.06 -43.94 17.51
N VAL A 411 -12.34 -43.41 16.53
CA VAL A 411 -12.24 -44.00 15.20
C VAL A 411 -11.69 -45.44 15.30
N LEU A 412 -10.94 -45.69 16.37
CA LEU A 412 -10.43 -47.02 16.67
C LEU A 412 -11.33 -47.77 17.66
N GLU A 413 -12.19 -47.03 18.36
CA GLU A 413 -13.14 -47.62 19.30
C GLU A 413 -14.31 -48.28 18.59
N VAL A 414 -14.65 -47.75 17.41
CA VAL A 414 -15.70 -48.32 16.57
C VAL A 414 -15.07 -49.29 15.58
N TYR A 415 -13.74 -49.32 15.54
CA TYR A 415 -13.01 -50.28 14.71
C TYR A 415 -12.85 -51.62 15.44
N ARG A 416 -12.44 -51.56 16.71
CA ARG A 416 -12.22 -52.75 17.51
C ARG A 416 -13.49 -53.59 17.71
N GLN A 417 -14.65 -52.94 17.79
CA GLN A 417 -15.91 -53.66 17.96
C GLN A 417 -16.48 -54.15 16.62
N MET A 418 -16.23 -53.42 15.55
CA MET A 418 -16.70 -53.78 14.22
C MET A 418 -15.88 -54.91 13.64
N LYS A 419 -14.78 -55.26 14.31
CA LYS A 419 -13.92 -56.36 13.88
C LYS A 419 -13.61 -57.35 15.00
N GLY A 420 -13.87 -56.97 16.25
CA GLY A 420 -13.76 -57.88 17.37
C GLY A 420 -12.43 -57.86 18.10
N GLN A 421 -11.99 -56.67 18.52
CA GLN A 421 -10.70 -56.53 19.20
C GLN A 421 -10.82 -55.85 20.56
N CYS A 422 -11.95 -55.22 20.84
CA CYS A 422 -12.19 -54.63 22.16
C CYS A 422 -11.90 -55.62 23.29
N GLY A 423 -12.35 -56.87 23.12
CA GLY A 423 -12.18 -57.88 24.13
C GLY A 423 -13.01 -57.59 25.37
N GLU A 424 -13.48 -58.62 26.05
CA GLU A 424 -14.33 -58.45 27.23
C GLU A 424 -15.55 -57.59 26.91
N TYR A 425 -15.34 -56.28 26.87
CA TYR A 425 -16.39 -55.36 26.43
C TYR A 425 -16.57 -55.36 24.91
N GLN A 426 -16.60 -56.56 24.33
CA GLN A 426 -16.94 -56.73 22.92
C GLN A 426 -18.42 -57.06 22.81
N MET A 427 -19.14 -56.36 21.91
CA MET A 427 -20.58 -56.51 21.78
C MET A 427 -20.98 -57.59 20.76
N LYS A 428 -21.83 -58.53 21.18
CA LYS A 428 -22.39 -59.53 20.27
C LYS A 428 -23.20 -58.85 19.17
N ASN A 429 -23.90 -57.78 19.55
CA ASN A 429 -24.55 -56.90 18.58
C ASN A 429 -23.50 -56.44 17.58
N ILE A 430 -23.46 -57.07 16.42
CA ILE A 430 -22.39 -56.79 15.45
C ILE A 430 -22.84 -55.79 14.36
N PRO A 431 -22.00 -54.78 14.11
CA PRO A 431 -22.31 -53.74 13.11
C PRO A 431 -21.49 -53.82 11.83
N GLY A 432 -21.94 -53.07 10.83
CA GLY A 432 -21.17 -52.81 9.63
C GLY A 432 -21.25 -51.31 9.36
N ILE A 433 -21.60 -50.57 10.41
CA ILE A 433 -21.80 -49.12 10.34
C ILE A 433 -21.41 -48.48 11.67
N GLY A 434 -20.57 -47.44 11.60
CA GLY A 434 -20.13 -46.75 12.82
C GLY A 434 -20.08 -45.23 12.66
N ALA A 435 -19.78 -44.52 13.75
CA ALA A 435 -19.69 -43.06 13.70
C ALA A 435 -18.82 -42.50 14.82
N THR A 436 -18.30 -41.28 14.60
CA THR A 436 -17.49 -40.61 15.61
C THR A 436 -18.05 -39.22 15.87
N LEU A 437 -17.60 -38.57 16.94
CA LEU A 437 -17.99 -37.20 17.22
C LEU A 437 -16.94 -36.50 18.08
N ASN A 438 -16.18 -35.60 17.46
CA ASN A 438 -15.15 -34.84 18.17
C ASN A 438 -15.61 -33.46 18.59
N MET A 439 -15.14 -33.01 19.75
CA MET A 439 -15.54 -31.72 20.31
C MET A 439 -14.38 -30.73 20.29
N GLY A 440 -14.69 -29.44 20.13
CA GLY A 440 -13.66 -28.42 20.16
C GLY A 440 -14.09 -27.19 20.96
N GLY A 441 -13.50 -27.02 22.14
CA GLY A 441 -13.84 -25.91 23.01
C GLY A 441 -15.27 -26.02 23.54
N ASP A 442 -16.08 -24.99 23.32
CA ASP A 442 -17.49 -25.03 23.66
C ASP A 442 -18.30 -25.23 22.39
N ASP A 443 -18.08 -26.36 21.72
CA ASP A 443 -18.69 -26.65 20.41
C ASP A 443 -18.24 -25.58 19.42
N LYS A 444 -16.93 -25.33 19.37
CA LYS A 444 -16.33 -24.36 18.46
C LYS A 444 -15.53 -25.08 17.37
N THR A 445 -15.44 -26.40 17.50
CA THR A 445 -14.81 -27.24 16.48
C THR A 445 -15.39 -28.65 16.59
N ALA A 446 -15.71 -29.26 15.45
CA ALA A 446 -16.31 -30.59 15.46
C ALA A 446 -15.80 -31.45 14.30
N VAL A 447 -15.58 -32.74 14.59
CA VAL A 447 -15.19 -33.71 13.56
C VAL A 447 -16.01 -34.99 13.77
N SER A 448 -16.69 -35.45 12.72
CA SER A 448 -17.45 -36.69 12.80
C SER A 448 -17.12 -37.60 11.62
N MET A 449 -17.37 -38.90 11.78
CA MET A 449 -17.05 -39.86 10.73
C MET A 449 -18.13 -40.92 10.52
N VAL A 450 -17.97 -41.68 9.43
CA VAL A 450 -18.82 -42.85 9.18
C VAL A 450 -17.93 -44.04 8.83
N LEU A 451 -17.91 -45.04 9.69
CA LEU A 451 -17.08 -46.22 9.46
C LEU A 451 -17.94 -47.38 8.98
N THR A 452 -17.82 -47.72 7.69
CA THR A 452 -18.58 -48.84 7.12
C THR A 452 -17.65 -50.04 6.86
N ASN A 453 -17.98 -51.18 7.46
CA ASN A 453 -17.18 -52.39 7.29
C ASN A 453 -17.33 -52.97 5.88
N ILE A 454 -16.57 -52.40 4.95
CA ILE A 454 -16.51 -52.93 3.59
C ILE A 454 -15.58 -54.13 3.53
N LYS B 28 -6.23 -31.17 -11.40
CA LYS B 28 -5.14 -31.02 -10.44
C LYS B 28 -4.36 -29.74 -10.67
N ARG B 29 -4.90 -28.63 -10.18
CA ARG B 29 -4.24 -27.33 -10.31
C ARG B 29 -4.50 -26.45 -9.09
N VAL B 30 -3.42 -26.03 -8.44
CA VAL B 30 -3.55 -25.13 -7.30
C VAL B 30 -3.16 -23.69 -7.64
N PHE B 31 -3.96 -22.74 -7.18
CA PHE B 31 -3.80 -21.35 -7.59
C PHE B 31 -3.57 -20.41 -6.42
N VAL B 32 -2.98 -19.25 -6.71
CA VAL B 32 -2.90 -18.15 -5.75
C VAL B 32 -3.67 -16.98 -6.36
N VAL B 33 -4.54 -16.34 -5.57
CA VAL B 33 -5.39 -15.27 -6.08
C VAL B 33 -5.23 -13.96 -5.30
N GLY B 34 -4.48 -14.00 -4.20
CA GLY B 34 -4.25 -12.81 -3.40
C GLY B 34 -3.78 -13.10 -1.99
N GLY B 35 -3.84 -12.06 -1.14
CA GLY B 35 -3.37 -12.16 0.22
C GLY B 35 -2.67 -10.90 0.67
N HIS B 36 -3.04 -10.41 1.85
CA HIS B 36 -2.46 -9.17 2.38
C HIS B 36 -1.54 -9.44 3.56
N ILE B 37 -0.37 -8.80 3.56
CA ILE B 37 0.60 -8.97 4.65
C ILE B 37 0.62 -7.72 5.55
N THR B 38 0.65 -7.93 6.87
CA THR B 38 0.60 -6.85 7.85
C THR B 38 1.94 -6.17 8.06
N THR B 39 1.93 -5.04 8.77
CA THR B 39 3.15 -4.40 9.24
C THR B 39 3.77 -5.29 10.32
N PHE B 40 5.07 -5.51 10.28
CA PHE B 40 5.74 -6.32 11.30
C PHE B 40 6.45 -5.41 12.30
N VAL B 41 6.28 -5.71 13.59
CA VAL B 41 6.79 -4.84 14.65
C VAL B 41 7.71 -5.57 15.64
N GLY B 42 8.22 -4.82 16.62
CA GLY B 42 9.13 -5.37 17.62
C GLY B 42 10.08 -4.29 18.08
N LYS B 43 11.02 -4.64 18.96
CA LYS B 43 12.09 -3.70 19.33
C LYS B 43 12.99 -3.50 18.12
N GLY B 44 13.35 -2.25 17.84
CA GLY B 44 14.14 -1.94 16.67
C GLY B 44 13.29 -1.26 15.62
N SER B 45 12.00 -1.57 15.64
CA SER B 45 11.02 -0.89 14.81
C SER B 45 10.30 0.14 15.67
N PRO B 46 10.44 1.43 15.31
CA PRO B 46 9.85 2.56 16.06
C PRO B 46 8.33 2.48 16.15
N LEU B 47 7.73 1.50 15.47
CA LEU B 47 6.31 1.20 15.62
C LEU B 47 6.07 0.38 16.89
N PHE B 48 6.97 0.50 17.86
CA PHE B 48 6.83 -0.21 19.11
C PHE B 48 6.14 0.67 20.14
N ILE B 49 5.30 0.07 20.96
CA ILE B 49 4.62 0.77 22.03
C ILE B 49 5.13 0.26 23.38
N LYS B 59 0.53 2.71 24.94
CA LYS B 59 -0.75 2.12 24.60
C LYS B 59 -0.73 0.62 24.88
N GLU B 60 -1.77 -0.08 24.44
CA GLU B 60 -1.80 -1.53 24.54
C GLU B 60 -1.48 -2.12 23.18
N ASN B 61 -0.31 -2.76 23.06
CA ASN B 61 0.18 -3.24 21.77
C ASN B 61 -0.80 -4.17 21.03
N LYS B 62 -0.59 -4.28 19.72
CA LYS B 62 -1.46 -5.10 18.88
C LYS B 62 -1.54 -6.56 19.35
N THR B 63 -2.75 -7.06 19.53
CA THR B 63 -2.97 -8.43 20.04
C THR B 63 -3.06 -9.46 18.92
N LEU B 64 -2.84 -10.73 19.27
CA LEU B 64 -2.91 -11.83 18.31
C LEU B 64 -4.30 -11.91 17.68
N GLU B 65 -5.30 -11.50 18.46
CA GLU B 65 -6.69 -11.43 17.98
C GLU B 65 -6.80 -10.32 16.93
N GLU B 66 -6.06 -9.24 17.12
CA GLU B 66 -6.01 -8.11 16.18
C GLU B 66 -5.06 -8.42 15.03
N LEU B 67 -3.94 -9.06 15.34
CA LEU B 67 -2.96 -9.44 14.35
C LEU B 67 -3.56 -10.31 13.25
N LEU B 68 -4.53 -11.14 13.63
CA LEU B 68 -5.26 -11.95 12.65
C LEU B 68 -6.43 -11.19 12.04
N ALA B 69 -6.90 -10.16 12.75
CA ALA B 69 -7.98 -9.31 12.25
C ALA B 69 -7.51 -8.49 11.04
N GLU B 70 -6.34 -7.86 11.16
CA GLU B 70 -5.70 -7.15 10.06
C GLU B 70 -5.41 -8.10 8.89
N SER B 71 -4.87 -9.26 9.21
CA SER B 71 -4.34 -10.20 8.22
C SER B 71 -5.37 -10.76 7.23
N ILE B 72 -6.57 -11.07 7.74
CA ILE B 72 -7.58 -11.76 6.95
C ILE B 72 -8.59 -10.81 6.27
N ASN B 73 -9.03 -9.78 6.98
CA ASN B 73 -9.90 -8.76 6.40
C ASN B 73 -9.26 -8.12 5.18
N GLY B 74 -7.94 -7.96 5.22
CA GLY B 74 -7.18 -7.47 4.09
C GLY B 74 -6.90 -8.55 3.06
N ALA B 75 -6.82 -9.80 3.51
CA ALA B 75 -6.65 -10.92 2.60
C ALA B 75 -7.91 -11.12 1.76
N LEU B 76 -9.07 -10.95 2.40
CA LEU B 76 -10.34 -10.99 1.69
C LEU B 76 -10.43 -9.84 0.69
N GLN B 77 -10.17 -8.62 1.18
CA GLN B 77 -10.34 -7.39 0.40
C GLN B 77 -9.68 -7.40 -0.99
N ASN B 78 -8.41 -7.79 -1.07
CA ASN B 78 -7.72 -7.96 -2.35
C ASN B 78 -8.53 -8.82 -3.31
N THR B 79 -8.86 -10.03 -2.87
CA THR B 79 -9.73 -10.93 -3.62
C THR B 79 -11.09 -10.29 -3.85
N GLY B 80 -11.74 -10.63 -4.96
CA GLY B 80 -13.02 -10.03 -5.31
C GLY B 80 -14.16 -10.34 -4.35
N LEU B 81 -13.96 -10.00 -3.07
CA LEU B 81 -14.94 -10.29 -2.00
C LEU B 81 -14.49 -9.63 -0.69
N HIS B 82 -15.41 -8.94 -0.02
CA HIS B 82 -15.12 -8.28 1.26
C HIS B 82 -16.34 -8.22 2.17
N ASP B 83 -17.45 -8.78 1.68
CA ASP B 83 -18.72 -8.80 2.41
C ASP B 83 -19.25 -10.23 2.49
N GLY B 84 -20.57 -10.38 2.38
CA GLY B 84 -21.20 -11.68 2.40
C GLY B 84 -20.68 -12.63 1.35
N ARG B 85 -19.92 -12.09 0.39
CA ARG B 85 -19.18 -12.87 -0.57
C ARG B 85 -17.95 -13.52 0.10
N ALA B 86 -17.94 -13.50 1.43
CA ALA B 86 -17.00 -14.32 2.19
C ALA B 86 -17.53 -15.74 2.16
N ALA B 87 -18.84 -15.86 2.36
CA ALA B 87 -19.52 -17.16 2.36
C ALA B 87 -19.32 -17.93 1.06
N LEU B 88 -18.09 -18.41 0.87
CA LEU B 88 -17.70 -19.19 -0.30
C LEU B 88 -16.28 -19.71 -0.05
N VAL B 89 -15.67 -19.18 1.00
CA VAL B 89 -14.41 -19.70 1.52
C VAL B 89 -14.68 -21.05 2.16
N ASP B 90 -14.31 -22.12 1.45
CA ASP B 90 -14.67 -23.47 1.88
C ASP B 90 -13.82 -24.00 3.06
N LYS B 91 -12.51 -23.79 2.99
CA LYS B 91 -11.61 -24.29 4.02
C LYS B 91 -10.75 -23.21 4.67
N LEU B 92 -10.58 -23.30 5.98
CA LEU B 92 -9.74 -22.37 6.73
C LEU B 92 -8.59 -23.13 7.37
N VAL B 93 -7.36 -22.68 7.17
CA VAL B 93 -6.21 -23.28 7.85
C VAL B 93 -5.41 -22.20 8.60
N VAL B 94 -5.07 -22.48 9.86
CA VAL B 94 -4.28 -21.54 10.64
C VAL B 94 -2.86 -22.07 10.83
N GLY B 95 -1.88 -21.28 10.39
CA GLY B 95 -0.49 -21.66 10.53
C GLY B 95 0.20 -20.95 11.69
N ASN B 96 -0.41 -21.00 12.87
CA ASN B 96 0.21 -20.45 14.06
C ASN B 96 1.12 -21.48 14.72
N PHE B 97 2.24 -21.02 15.25
CA PHE B 97 3.19 -21.89 15.91
C PHE B 97 3.10 -21.78 17.43
N LEU B 98 2.96 -20.54 17.91
CA LEU B 98 2.86 -20.29 19.35
C LEU B 98 1.86 -19.21 19.71
N GLY B 99 1.12 -19.47 20.78
CA GLY B 99 0.10 -18.56 21.27
C GLY B 99 -0.43 -19.11 22.59
N GLU B 100 -0.13 -20.37 22.83
CA GLU B 100 -0.50 -21.05 24.07
C GLU B 100 0.21 -20.41 25.27
N LEU B 101 1.23 -19.61 25.00
CA LEU B 101 1.92 -18.88 26.05
C LEU B 101 2.24 -17.43 25.65
N PHE B 102 2.38 -17.19 24.35
CA PHE B 102 2.57 -15.83 23.84
C PHE B 102 1.31 -14.99 24.05
N SER B 103 0.16 -15.65 23.95
CA SER B 103 -1.12 -15.02 24.28
C SER B 103 -1.91 -15.91 25.23
N SER B 104 -1.23 -16.91 25.80
CA SER B 104 -1.85 -17.89 26.69
C SER B 104 -3.20 -18.36 26.13
N GLN B 105 -3.21 -18.79 24.87
CA GLN B 105 -4.45 -19.13 24.19
C GLN B 105 -4.20 -19.82 22.84
N GLY B 106 -4.91 -20.93 22.61
CA GLY B 106 -4.80 -21.65 21.35
C GLY B 106 -6.14 -21.77 20.64
N HIS B 107 -6.35 -22.90 19.96
CA HIS B 107 -7.59 -23.14 19.22
C HIS B 107 -7.89 -22.01 18.25
N LEU B 108 -6.92 -21.68 17.41
CA LEU B 108 -7.00 -20.53 16.52
C LEU B 108 -7.79 -20.84 15.25
N GLY B 109 -8.21 -22.10 15.08
CA GLY B 109 -9.05 -22.47 13.96
C GLY B 109 -10.34 -21.68 13.92
N PRO B 110 -11.21 -21.87 14.93
CA PRO B 110 -12.46 -21.14 15.08
C PRO B 110 -12.26 -19.67 15.45
N ALA B 111 -11.04 -19.31 15.86
CA ALA B 111 -10.70 -17.91 16.07
C ALA B 111 -10.69 -17.16 14.74
N ALA B 112 -10.33 -17.87 13.67
CA ALA B 112 -10.40 -17.32 12.33
C ALA B 112 -11.86 -17.12 11.90
N VAL B 113 -12.72 -18.04 12.33
CA VAL B 113 -14.17 -17.92 12.13
C VAL B 113 -14.70 -16.69 12.88
N GLY B 114 -14.09 -16.39 14.02
CA GLY B 114 -14.56 -15.33 14.88
C GLY B 114 -14.33 -13.90 14.42
N SER B 115 -13.08 -13.55 14.14
CA SER B 115 -12.73 -12.16 13.87
C SER B 115 -13.14 -11.66 12.48
N LEU B 116 -14.45 -11.45 12.31
CA LEU B 116 -14.96 -10.72 11.15
C LEU B 116 -15.59 -9.42 11.64
N SER B 117 -16.23 -9.49 12.82
CA SER B 117 -16.85 -8.33 13.45
C SER B 117 -15.92 -7.74 14.51
N ASN B 120 -23.71 -7.86 11.79
CA ASN B 120 -22.91 -7.20 10.75
C ASN B 120 -21.95 -8.18 10.08
N SER B 121 -20.94 -7.63 9.41
CA SER B 121 -19.75 -8.35 8.97
C SER B 121 -19.30 -9.36 10.05
N SER B 122 -20.04 -10.45 10.16
CA SER B 122 -19.74 -11.51 11.11
C SER B 122 -20.27 -12.84 10.58
N ALA B 123 -21.15 -12.74 9.60
CA ALA B 123 -21.72 -13.91 8.93
C ALA B 123 -20.67 -14.62 8.09
N PHE B 124 -20.36 -15.85 8.47
CA PHE B 124 -19.25 -16.62 7.89
C PHE B 124 -19.14 -18.00 8.56
N LEU B 125 -19.77 -18.13 9.72
CA LEU B 125 -19.51 -19.22 10.67
C LEU B 125 -19.73 -20.65 10.17
N ASN B 126 -19.31 -21.62 10.98
CA ASN B 126 -19.57 -23.04 10.77
C ASN B 126 -18.92 -23.62 9.52
N LYS B 127 -17.66 -23.27 9.31
CA LYS B 127 -16.86 -23.81 8.22
C LYS B 127 -15.63 -24.46 8.83
N PRO B 128 -15.10 -25.51 8.18
CA PRO B 128 -13.96 -26.24 8.74
C PRO B 128 -12.75 -25.33 8.92
N ALA B 129 -12.04 -25.52 10.03
CA ALA B 129 -10.87 -24.71 10.35
C ALA B 129 -9.93 -25.47 11.27
N VAL B 130 -8.67 -25.62 10.83
CA VAL B 130 -7.67 -26.32 11.62
C VAL B 130 -6.53 -25.36 11.97
N ARG B 131 -5.71 -25.77 12.94
CA ARG B 131 -4.48 -25.05 13.26
C ARG B 131 -3.35 -26.04 13.07
N VAL B 132 -2.26 -25.61 12.43
CA VAL B 132 -1.11 -26.49 12.22
C VAL B 132 0.13 -25.95 12.90
N GLU B 133 1.14 -26.81 13.08
CA GLU B 133 2.40 -26.39 13.69
C GLU B 133 3.55 -27.22 13.14
N GLY B 134 4.67 -26.56 12.85
CA GLY B 134 5.87 -27.23 12.40
C GLY B 134 7.04 -26.34 12.71
N ALA B 135 7.07 -25.86 13.96
CA ALA B 135 8.03 -24.86 14.40
C ALA B 135 7.95 -23.62 13.52
N CYS B 136 8.88 -23.53 12.58
CA CYS B 136 8.99 -22.36 11.72
C CYS B 136 8.19 -22.50 10.43
N ALA B 137 8.16 -23.71 9.87
CA ALA B 137 7.44 -23.94 8.62
C ALA B 137 5.93 -24.06 8.83
N SER B 138 5.42 -23.52 9.93
CA SER B 138 4.00 -23.56 10.25
C SER B 138 3.12 -22.93 9.17
N GLY B 139 3.70 -22.03 8.38
CA GLY B 139 2.97 -21.39 7.29
C GLY B 139 2.81 -22.29 6.07
N GLY B 140 3.92 -22.80 5.55
CA GLY B 140 3.88 -23.70 4.40
C GLY B 140 3.07 -24.94 4.65
N LEU B 141 3.05 -25.39 5.91
CA LEU B 141 2.25 -26.55 6.30
C LEU B 141 0.76 -26.22 6.24
N ALA B 142 0.41 -24.99 6.63
CA ALA B 142 -0.96 -24.52 6.52
C ALA B 142 -1.42 -24.51 5.06
N VAL B 143 -0.60 -23.92 4.19
CA VAL B 143 -0.89 -23.91 2.77
C VAL B 143 -1.01 -25.33 2.24
N GLN B 144 -0.15 -26.22 2.75
CA GLN B 144 -0.18 -27.64 2.40
C GLN B 144 -1.53 -28.27 2.74
N SER B 145 -2.09 -27.87 3.89
CA SER B 145 -3.40 -28.37 4.32
C SER B 145 -4.52 -27.96 3.35
N ALA B 146 -4.50 -26.71 2.90
CA ALA B 146 -5.45 -26.24 1.90
C ALA B 146 -5.14 -26.86 0.54
N TRP B 147 -3.85 -26.94 0.22
CA TRP B 147 -3.35 -27.66 -0.95
C TRP B 147 -3.94 -29.07 -0.97
N GLU B 148 -3.77 -29.80 0.12
CA GLU B 148 -4.39 -31.11 0.30
C GLU B 148 -5.91 -31.02 0.21
N ALA B 149 -6.48 -30.01 0.85
CA ALA B 149 -7.92 -29.81 0.88
C ALA B 149 -8.46 -29.54 -0.53
N LEU B 150 -7.63 -28.92 -1.38
CA LEU B 150 -8.03 -28.56 -2.73
C LEU B 150 -8.23 -29.78 -3.62
N LEU B 151 -7.15 -30.51 -3.90
CA LEU B 151 -7.15 -31.67 -4.78
C LEU B 151 -8.13 -32.76 -4.31
N ALA B 152 -8.40 -32.80 -3.00
CA ALA B 152 -9.27 -33.82 -2.41
C ALA B 152 -10.74 -33.64 -2.79
N GLY B 153 -11.16 -32.38 -2.89
CA GLY B 153 -12.56 -32.08 -3.08
C GLY B 153 -13.21 -31.76 -1.73
N THR B 154 -12.37 -31.69 -0.70
CA THR B 154 -12.80 -31.25 0.62
C THR B 154 -13.36 -29.84 0.49
N SER B 155 -12.62 -29.02 -0.26
CA SER B 155 -12.95 -27.62 -0.43
C SER B 155 -12.69 -27.18 -1.87
N GLN B 156 -13.29 -26.06 -2.27
CA GLN B 156 -13.13 -25.53 -3.62
C GLN B 156 -12.34 -24.22 -3.60
N ILE B 157 -12.62 -23.38 -2.60
CA ILE B 157 -11.91 -22.13 -2.39
C ILE B 157 -11.50 -22.00 -0.93
N ALA B 158 -10.21 -22.07 -0.65
CA ALA B 158 -9.73 -22.08 0.73
C ALA B 158 -8.81 -20.90 1.07
N LEU B 159 -8.58 -20.71 2.37
CA LEU B 159 -7.72 -19.64 2.86
C LEU B 159 -6.69 -20.23 3.82
N ALA B 160 -5.48 -19.69 3.79
CA ALA B 160 -4.46 -20.03 4.77
C ALA B 160 -3.99 -18.76 5.47
N VAL B 161 -3.70 -18.85 6.76
CA VAL B 161 -3.30 -17.66 7.51
C VAL B 161 -2.18 -17.91 8.52
N GLY B 162 -1.06 -17.23 8.34
CA GLY B 162 0.04 -17.30 9.28
C GLY B 162 0.06 -16.06 10.15
N VAL B 163 0.60 -16.20 11.36
CA VAL B 163 0.63 -15.10 12.32
C VAL B 163 1.49 -15.51 13.51
N GLU B 164 1.91 -14.53 14.32
CA GLU B 164 2.68 -14.80 15.53
C GLU B 164 2.80 -13.55 16.39
N VAL B 165 3.06 -13.72 17.69
CA VAL B 165 3.30 -12.59 18.60
C VAL B 165 4.48 -12.91 19.51
N GLN B 166 5.66 -12.41 19.17
CA GLN B 166 6.82 -12.63 20.04
C GLN B 166 7.16 -11.40 20.88
N THR B 167 6.46 -10.28 20.65
CA THR B 167 6.61 -9.11 21.49
C THR B 167 5.62 -9.17 22.65
N THR B 168 6.03 -9.82 23.73
CA THR B 168 5.22 -9.92 24.93
C THR B 168 6.05 -9.55 26.15
N VAL B 169 7.10 -10.33 26.38
CA VAL B 169 7.99 -10.14 27.52
C VAL B 169 9.45 -10.46 27.18
N SER B 170 10.21 -10.83 28.21
CA SER B 170 11.68 -11.03 28.13
C SER B 170 12.21 -11.77 26.90
N ALA B 171 13.37 -11.31 26.41
CA ALA B 171 13.97 -11.84 25.18
C ALA B 171 14.68 -13.19 25.38
N ARG B 172 15.34 -13.34 26.53
CA ARG B 172 15.97 -14.60 26.89
C ARG B 172 14.93 -15.67 27.27
N VAL B 173 13.76 -15.20 27.70
CA VAL B 173 12.62 -16.05 28.01
C VAL B 173 11.91 -16.54 26.73
N GLY B 174 11.91 -15.68 25.71
CA GLY B 174 11.30 -16.01 24.43
C GLY B 174 11.95 -17.20 23.73
N GLY B 175 13.27 -17.31 23.86
CA GLY B 175 13.99 -18.43 23.27
C GLY B 175 13.70 -19.74 23.99
N ASP B 176 13.35 -19.64 25.26
CA ASP B 176 12.92 -20.80 26.04
C ASP B 176 11.65 -21.39 25.44
N TYR B 177 10.86 -20.55 24.78
CA TYR B 177 9.61 -20.99 24.18
C TYR B 177 9.80 -21.31 22.70
N LEU B 178 11.03 -21.16 22.21
CA LEU B 178 11.33 -21.48 20.82
C LEU B 178 12.08 -22.80 20.74
N ALA B 179 12.51 -23.29 21.90
CA ALA B 179 13.10 -24.61 22.03
C ALA B 179 12.03 -25.70 21.88
N ARG B 180 10.80 -25.26 21.57
CA ARG B 180 9.71 -26.19 21.31
C ARG B 180 9.80 -26.61 19.83
N ALA B 181 11.04 -26.67 19.32
CA ALA B 181 11.30 -27.03 17.94
C ALA B 181 12.39 -28.10 17.94
N ALA B 182 13.08 -28.21 19.09
CA ALA B 182 14.17 -29.18 19.25
C ALA B 182 14.10 -29.84 20.63
N HIS B 183 14.94 -30.83 20.87
CA HIS B 183 14.89 -31.56 22.14
C HIS B 183 15.21 -30.70 23.36
N TYR B 184 14.17 -30.12 23.96
CA TYR B 184 14.29 -29.37 25.21
C TYR B 184 14.94 -30.25 26.28
N LYS B 185 14.73 -31.56 26.17
CA LYS B 185 15.28 -32.51 27.14
C LYS B 185 16.75 -32.81 26.87
N ARG B 186 17.17 -32.59 25.62
CA ARG B 186 18.54 -32.87 25.19
C ARG B 186 19.26 -31.59 24.76
N GLN B 187 18.51 -30.54 24.48
CA GLN B 187 19.08 -29.26 24.05
C GLN B 187 18.42 -28.08 24.76
N ARG B 188 18.66 -27.98 26.07
CA ARG B 188 18.27 -26.81 26.86
C ARG B 188 19.37 -26.60 27.89
N GLN B 189 20.01 -27.69 28.29
CA GLN B 189 21.14 -27.67 29.21
C GLN B 189 22.37 -27.00 28.57
N LEU B 190 22.14 -26.28 27.48
CA LEU B 190 23.18 -25.50 26.79
C LEU B 190 23.21 -24.06 27.30
N ASP B 191 22.04 -23.41 27.28
CA ASP B 191 21.95 -21.97 27.55
C ASP B 191 20.47 -21.54 27.62
N ASP B 192 20.23 -20.32 28.11
CA ASP B 192 18.91 -19.73 28.06
C ASP B 192 18.66 -19.18 26.66
N PHE B 193 19.74 -19.09 25.88
CA PHE B 193 19.66 -18.82 24.46
C PHE B 193 20.10 -20.09 23.72
N THR B 194 19.27 -21.12 23.74
CA THR B 194 19.63 -22.41 23.19
C THR B 194 19.29 -22.54 21.70
N PHE B 195 18.30 -21.77 21.24
CA PHE B 195 17.86 -21.86 19.84
C PHE B 195 18.92 -21.44 18.82
N PRO B 196 19.53 -20.24 18.98
CA PRO B 196 20.51 -19.86 17.96
C PRO B 196 21.84 -20.61 18.09
N CYS B 197 21.93 -21.52 19.06
CA CYS B 197 23.17 -22.28 19.27
C CYS B 197 23.39 -23.38 18.22
N LEU B 198 22.31 -23.93 17.67
CA LEU B 198 22.38 -24.92 16.60
C LEU B 198 23.23 -24.42 15.43
N PHE B 199 23.19 -23.10 15.23
CA PHE B 199 23.91 -22.46 14.15
C PHE B 199 25.18 -21.85 14.69
N ALA B 200 25.14 -21.37 15.93
CA ALA B 200 26.33 -20.83 16.59
C ALA B 200 27.44 -21.88 16.70
N ARG B 201 27.03 -23.14 16.68
CA ARG B 201 27.95 -24.28 16.63
C ARG B 201 28.25 -24.61 15.16
N ARG B 202 27.22 -24.49 14.32
CA ARG B 202 27.37 -24.64 12.88
C ARG B 202 28.18 -23.48 12.32
N MET B 203 28.25 -22.40 13.08
CA MET B 203 29.07 -21.24 12.74
C MET B 203 30.55 -21.61 12.82
N LYS B 204 30.89 -22.43 13.80
CA LYS B 204 32.27 -22.90 13.96
C LYS B 204 32.49 -24.19 13.16
N ALA B 205 31.46 -25.01 13.06
CA ALA B 205 31.53 -26.24 12.28
C ALA B 205 31.81 -25.94 10.80
N ILE B 206 31.31 -24.80 10.31
CA ILE B 206 31.53 -24.40 8.93
C ILE B 206 32.86 -23.67 8.74
N GLN B 207 33.35 -23.01 9.80
CA GLN B 207 34.66 -22.38 9.76
C GLN B 207 35.74 -23.46 9.73
N GLU B 208 35.38 -24.63 10.24
CA GLU B 208 36.22 -25.81 10.13
C GLU B 208 35.93 -26.53 8.81
N ALA B 209 35.75 -25.75 7.75
CA ALA B 209 35.43 -26.30 6.43
C ALA B 209 35.75 -25.30 5.33
N GLY B 210 35.78 -25.79 4.10
CA GLY B 210 36.05 -24.95 2.95
C GLY B 210 34.84 -24.80 2.04
N HIS B 211 33.69 -24.62 2.66
CA HIS B 211 32.45 -24.39 1.91
C HIS B 211 32.15 -22.89 1.92
N PHE B 212 32.19 -22.29 3.11
CA PHE B 212 32.08 -20.84 3.25
C PHE B 212 32.61 -20.34 4.59
N THR B 213 32.89 -19.04 4.65
CA THR B 213 33.55 -18.46 5.82
C THR B 213 32.62 -17.61 6.68
N MET B 214 33.14 -17.14 7.81
CA MET B 214 32.38 -16.25 8.70
C MET B 214 32.18 -14.91 8.02
N GLU B 215 33.02 -14.62 7.02
CA GLU B 215 33.00 -13.36 6.30
C GLU B 215 31.92 -13.40 5.22
N ASP B 216 31.58 -14.61 4.78
CA ASP B 216 30.51 -14.82 3.82
C ASP B 216 29.15 -14.64 4.49
N ALA B 217 29.12 -14.88 5.80
CA ALA B 217 27.91 -14.67 6.60
C ALA B 217 27.69 -13.18 6.91
N ALA B 218 28.56 -12.32 6.38
CA ALA B 218 28.49 -10.89 6.62
C ALA B 218 27.78 -10.16 5.48
N TYR B 219 28.11 -10.52 4.25
CA TYR B 219 27.51 -9.92 3.05
C TYR B 219 26.02 -10.23 2.92
N VAL B 220 25.51 -11.07 3.82
CA VAL B 220 24.10 -11.45 3.83
C VAL B 220 23.23 -10.38 4.50
N ALA B 221 23.54 -10.08 5.76
CA ALA B 221 22.74 -9.16 6.57
C ALA B 221 22.63 -7.76 5.96
N ALA B 222 23.76 -7.15 5.63
CA ALA B 222 23.78 -5.84 4.98
C ALA B 222 22.84 -5.82 3.77
N LYS B 223 23.02 -6.79 2.88
CA LYS B 223 22.14 -7.02 1.75
C LYS B 223 20.68 -7.20 2.17
N ALA B 224 20.47 -8.04 3.19
CA ALA B 224 19.14 -8.29 3.73
C ALA B 224 18.58 -7.05 4.42
N TYR B 225 19.39 -6.43 5.27
CA TYR B 225 18.98 -5.20 5.93
C TYR B 225 18.69 -4.11 4.91
N ALA B 226 19.43 -4.11 3.80
CA ALA B 226 19.20 -3.16 2.71
C ALA B 226 17.85 -3.40 2.04
N SER B 227 17.55 -4.66 1.73
CA SER B 227 16.29 -5.01 1.09
C SER B 227 15.12 -4.69 2.02
N GLY B 228 15.37 -4.77 3.32
CA GLY B 228 14.37 -4.39 4.32
C GLY B 228 14.19 -2.87 4.38
N ASN B 229 15.19 -2.12 3.94
CA ASN B 229 15.06 -0.68 3.84
C ASN B 229 14.19 -0.27 2.65
N ARG B 230 14.02 -1.19 1.70
CA ARG B 230 13.19 -0.95 0.53
C ARG B 230 11.71 -1.21 0.83
N ASN B 231 11.47 -2.18 1.72
CA ASN B 231 10.12 -2.54 2.15
C ASN B 231 9.54 -1.58 3.17
N PRO B 232 8.38 -0.99 2.86
CA PRO B 232 7.64 -0.08 3.76
C PRO B 232 7.32 -0.71 5.11
N LEU B 233 6.65 -1.86 5.09
CA LEU B 233 6.18 -2.52 6.32
C LEU B 233 7.24 -3.41 6.99
N ALA B 234 8.50 -3.24 6.60
CA ALA B 234 9.58 -4.03 7.20
C ALA B 234 9.77 -3.73 8.68
N HIS B 235 10.00 -4.78 9.47
CA HIS B 235 10.32 -4.65 10.88
C HIS B 235 11.53 -3.75 11.04
N MET B 236 12.69 -4.25 10.64
CA MET B 236 13.91 -3.46 10.68
C MET B 236 14.07 -2.71 9.35
N HIS B 237 13.12 -1.81 9.09
CA HIS B 237 13.09 -1.02 7.88
C HIS B 237 14.07 0.15 7.97
N ALA B 238 14.10 0.79 9.14
CA ALA B 238 14.92 1.99 9.32
C ALA B 238 16.34 1.71 9.79
N ARG B 239 17.01 0.75 9.16
CA ARG B 239 18.42 0.49 9.48
C ARG B 239 19.19 -0.20 8.36
N LYS B 240 20.49 0.08 8.31
CA LYS B 240 21.40 -0.42 7.27
C LYS B 240 22.79 0.06 7.63
N VAL B 241 23.77 -0.85 7.61
CA VAL B 241 25.14 -0.48 7.95
C VAL B 241 26.14 -0.96 6.90
N THR B 242 27.41 -0.66 7.12
CA THR B 242 28.49 -1.08 6.24
C THR B 242 28.73 -2.59 6.39
N LEU B 243 29.14 -3.24 5.31
CA LEU B 243 29.55 -4.64 5.32
C LEU B 243 30.54 -4.92 6.45
N ASP B 244 31.53 -4.03 6.60
CA ASP B 244 32.52 -4.16 7.66
C ASP B 244 31.93 -4.24 9.07
N PHE B 245 30.64 -3.92 9.17
CA PHE B 245 29.95 -3.98 10.46
C PHE B 245 29.08 -5.23 10.58
N CYS B 246 28.61 -5.74 9.44
CA CYS B 246 27.90 -7.00 9.41
C CYS B 246 28.90 -8.16 9.49
N THR B 247 30.18 -7.83 9.36
CA THR B 247 31.27 -8.71 9.77
C THR B 247 31.43 -8.57 11.28
N GLN B 248 32.46 -9.20 11.82
CA GLN B 248 32.82 -8.94 13.21
C GLN B 248 33.53 -7.59 13.31
N ALA B 249 34.42 -7.44 14.29
CA ALA B 249 35.04 -6.14 14.61
C ALA B 249 34.00 -5.14 15.06
N SER B 250 32.84 -5.65 15.46
CA SER B 250 31.71 -4.83 15.88
C SER B 250 31.48 -4.92 17.39
N ASP B 251 30.48 -4.20 17.88
CA ASP B 251 30.11 -4.21 19.29
C ASP B 251 28.63 -3.85 19.44
N LYS B 252 28.14 -2.99 18.54
CA LYS B 252 26.72 -2.64 18.48
C LYS B 252 25.92 -3.83 17.94
N ASN B 253 26.55 -4.60 17.06
CA ASN B 253 25.95 -5.84 16.55
C ASN B 253 26.91 -7.00 16.78
N PRO B 254 26.99 -7.51 18.03
CA PRO B 254 27.85 -8.65 18.30
C PRO B 254 26.99 -9.86 18.58
N ASN B 255 27.59 -10.86 19.20
CA ASN B 255 26.84 -11.96 19.79
C ASN B 255 26.20 -11.52 21.09
N PHE B 256 25.60 -12.47 21.81
CA PHE B 256 24.95 -12.19 23.10
C PHE B 256 24.70 -13.48 23.90
N LEU B 257 25.18 -14.59 23.36
CA LEU B 257 24.89 -15.93 23.91
C LEU B 257 25.50 -16.19 25.28
N GLY B 258 25.41 -17.44 25.73
CA GLY B 258 25.94 -17.86 27.00
C GLY B 258 26.92 -19.03 26.88
N ASN B 259 26.79 -19.77 25.78
CA ASN B 259 27.71 -20.85 25.47
C ASN B 259 29.08 -20.26 25.17
N GLU B 260 29.78 -19.84 26.23
CA GLU B 260 30.99 -19.02 26.15
C GLU B 260 32.09 -19.49 25.19
N ILE B 261 31.81 -20.57 24.47
CA ILE B 261 32.74 -21.13 23.50
C ILE B 261 32.10 -21.11 22.12
N TYR B 262 30.77 -21.10 22.11
CA TYR B 262 29.99 -20.99 20.89
C TYR B 262 29.30 -19.62 20.91
N LYS B 263 29.37 -18.97 22.06
CA LYS B 263 28.89 -17.60 22.23
C LYS B 263 29.49 -16.62 21.20
N PRO B 264 30.83 -16.57 21.06
CA PRO B 264 31.35 -15.60 20.10
C PRO B 264 31.00 -15.95 18.65
N PHE B 265 30.54 -17.18 18.43
CA PHE B 265 30.28 -17.65 17.07
C PHE B 265 28.84 -17.39 16.62
N LEU B 266 28.43 -16.13 16.69
CA LEU B 266 27.19 -15.64 16.13
C LEU B 266 27.25 -14.12 16.28
N ARG B 267 26.34 -13.42 15.63
CA ARG B 267 26.24 -11.97 15.79
C ARG B 267 24.77 -11.61 15.98
N THR B 268 24.50 -10.34 16.22
CA THR B 268 23.13 -9.86 16.29
C THR B 268 22.57 -9.73 14.86
N THR B 269 23.48 -9.67 13.88
CA THR B 269 23.14 -9.62 12.46
C THR B 269 22.61 -10.96 11.96
N ASP B 270 22.75 -11.99 12.77
CA ASP B 270 22.34 -13.34 12.39
C ASP B 270 20.92 -13.65 12.89
N CYS B 271 20.65 -13.27 14.13
CA CYS B 271 19.34 -13.50 14.73
C CYS B 271 18.22 -12.83 13.94
N SER B 272 17.30 -13.64 13.44
CA SER B 272 16.14 -13.13 12.71
C SER B 272 15.21 -12.39 13.67
N GLN B 273 14.21 -11.70 13.13
CA GLN B 273 13.49 -10.71 13.92
C GLN B 273 12.33 -11.22 14.78
N VAL B 274 12.48 -11.05 16.10
CA VAL B 274 11.39 -11.23 17.04
C VAL B 274 10.29 -10.28 16.62
N SER B 275 9.27 -10.80 15.93
CA SER B 275 8.31 -9.93 15.26
C SER B 275 6.86 -10.42 15.24
N ASP B 276 5.95 -9.55 15.67
CA ASP B 276 4.53 -9.76 15.49
C ASP B 276 4.18 -9.52 14.02
N GLY B 277 3.07 -10.08 13.56
CA GLY B 277 2.64 -9.87 12.19
C GLY B 277 1.94 -11.04 11.56
N GLY B 278 0.85 -10.76 10.85
CA GLY B 278 0.13 -11.80 10.14
C GLY B 278 0.42 -11.78 8.66
N ALA B 279 0.03 -12.86 7.98
CA ALA B 279 0.24 -13.01 6.55
C ALA B 279 -0.74 -14.04 6.02
N ALA B 280 -1.89 -13.57 5.55
CA ALA B 280 -2.96 -14.47 5.11
C ALA B 280 -3.04 -14.57 3.58
N VAL B 281 -3.68 -15.64 3.10
CA VAL B 281 -3.76 -15.92 1.66
C VAL B 281 -5.03 -16.70 1.32
N ILE B 282 -5.66 -16.37 0.19
CA ILE B 282 -6.81 -17.12 -0.29
C ILE B 282 -6.40 -18.00 -1.48
N LEU B 283 -6.89 -19.24 -1.49
CA LEU B 283 -6.56 -20.19 -2.56
C LEU B 283 -7.85 -20.70 -3.20
N ALA B 284 -7.78 -21.16 -4.44
CA ALA B 284 -8.98 -21.60 -5.15
C ALA B 284 -8.74 -22.82 -6.05
N SER B 285 -9.81 -23.32 -6.66
CA SER B 285 -9.72 -24.43 -7.59
C SER B 285 -10.20 -24.00 -8.98
N GLU B 286 -9.83 -24.78 -10.00
CA GLU B 286 -10.33 -24.53 -11.35
C GLU B 286 -11.84 -24.63 -11.32
N GLU B 287 -12.34 -25.59 -10.55
CA GLU B 287 -13.77 -25.75 -10.31
C GLU B 287 -14.33 -24.54 -9.56
N GLY B 288 -13.55 -24.02 -8.62
CA GLY B 288 -13.95 -22.84 -7.88
C GLY B 288 -13.88 -21.58 -8.74
N LEU B 289 -12.96 -21.58 -9.71
CA LEU B 289 -12.74 -20.45 -10.60
C LEU B 289 -14.00 -19.98 -11.33
N GLN B 290 -14.85 -20.93 -11.72
CA GLN B 290 -16.06 -20.64 -12.49
C GLN B 290 -17.04 -19.74 -11.73
N LYS B 291 -17.05 -19.86 -10.40
CA LYS B 291 -17.94 -19.05 -9.58
C LYS B 291 -17.36 -17.65 -9.37
N LEU B 292 -16.03 -17.58 -9.34
CA LEU B 292 -15.33 -16.31 -9.22
C LEU B 292 -15.61 -15.38 -10.39
N GLY B 293 -15.89 -15.95 -11.56
CA GLY B 293 -16.01 -15.18 -12.79
C GLY B 293 -14.63 -15.05 -13.40
N LEU B 294 -13.80 -16.06 -13.17
CA LEU B 294 -12.43 -16.06 -13.66
C LEU B 294 -12.16 -17.24 -14.59
N SER B 295 -10.89 -17.41 -14.96
CA SER B 295 -10.43 -18.53 -15.77
C SER B 295 -8.94 -18.68 -15.48
N PRO B 296 -8.39 -19.89 -15.68
CA PRO B 296 -6.95 -20.10 -15.46
C PRO B 296 -6.11 -19.31 -16.46
N ASN B 297 -6.29 -17.99 -16.50
CA ASN B 297 -5.55 -17.12 -17.40
C ASN B 297 -5.30 -15.76 -16.75
N ASP B 298 -6.22 -15.38 -15.87
CA ASP B 298 -6.33 -14.02 -15.29
C ASP B 298 -5.00 -13.36 -14.91
N ASN B 299 -4.87 -12.08 -15.23
CA ASN B 299 -3.68 -11.31 -14.93
C ASN B 299 -3.60 -10.87 -13.47
N ARG B 300 -4.21 -11.66 -12.58
CA ARG B 300 -4.25 -11.34 -11.16
C ARG B 300 -3.91 -12.55 -10.30
N LEU B 301 -3.92 -13.73 -10.92
CA LEU B 301 -3.65 -14.97 -10.22
C LEU B 301 -2.30 -15.60 -10.56
N VAL B 302 -1.81 -16.47 -9.68
CA VAL B 302 -0.61 -17.26 -9.93
C VAL B 302 -0.90 -18.73 -9.61
N GLU B 303 -0.56 -19.62 -10.54
CA GLU B 303 -0.83 -21.04 -10.33
C GLU B 303 0.31 -21.74 -9.59
N ILE B 304 0.01 -22.90 -9.03
CA ILE B 304 0.99 -23.75 -8.36
C ILE B 304 0.77 -25.20 -8.78
N LYS B 305 1.81 -25.84 -9.31
CA LYS B 305 1.69 -27.21 -9.82
C LYS B 305 2.68 -28.16 -9.15
N SER B 306 3.52 -27.59 -8.30
CA SER B 306 4.48 -28.38 -7.54
C SER B 306 4.52 -27.93 -6.08
N LEU B 307 4.32 -28.88 -5.18
CA LEU B 307 4.36 -28.62 -3.73
C LEU B 307 4.74 -29.91 -3.03
N ALA B 308 5.84 -29.86 -2.29
CA ALA B 308 6.30 -31.02 -1.51
C ALA B 308 6.43 -30.63 -0.05
N SER B 309 6.87 -31.60 0.76
CA SER B 309 7.07 -31.41 2.18
C SER B 309 7.94 -32.55 2.70
N ALA B 310 8.63 -32.34 3.81
CA ALA B 310 9.47 -33.39 4.39
C ALA B 310 9.69 -33.14 5.88
N ALA B 311 10.05 -34.20 6.61
CA ALA B 311 10.36 -34.07 8.04
C ALA B 311 11.43 -35.08 8.43
N GLY B 312 12.47 -34.61 9.12
CA GLY B 312 13.53 -35.49 9.56
C GLY B 312 13.58 -35.60 11.08
N ASN B 313 14.20 -36.65 11.58
CA ASN B 313 14.32 -36.85 13.02
C ASN B 313 14.95 -35.67 13.76
N LEU B 314 14.37 -35.30 14.89
CA LEU B 314 14.92 -34.27 15.77
C LEU B 314 15.56 -34.89 17.02
N TYR B 315 15.41 -36.21 17.18
CA TYR B 315 16.11 -36.97 18.22
C TYR B 315 17.55 -37.17 17.81
N GLU B 316 17.83 -36.80 16.55
CA GLU B 316 19.17 -36.88 16.00
C GLU B 316 19.42 -35.65 15.14
N ASP B 317 20.55 -34.99 15.37
CA ASP B 317 20.90 -33.81 14.57
C ASP B 317 21.84 -34.20 13.43
N SER B 318 21.96 -33.31 12.45
CA SER B 318 22.74 -33.59 11.24
C SER B 318 24.20 -33.91 11.54
N PRO B 319 24.69 -35.03 10.96
CA PRO B 319 26.11 -35.35 10.99
C PRO B 319 26.82 -34.44 9.98
N ASP B 320 26.04 -33.99 9.00
CA ASP B 320 26.47 -32.94 8.10
C ASP B 320 26.03 -31.58 8.68
N LEU B 321 26.80 -31.06 9.63
CA LEU B 321 26.57 -29.74 10.19
C LEU B 321 26.79 -28.68 9.10
N THR B 322 27.35 -29.14 7.99
CA THR B 322 27.55 -28.32 6.80
C THR B 322 26.52 -28.66 5.73
N ARG B 323 25.34 -29.12 6.15
CA ARG B 323 24.25 -29.45 5.22
C ARG B 323 22.88 -29.42 5.89
N MET B 324 21.87 -29.05 5.11
CA MET B 324 20.48 -29.16 5.52
C MET B 324 19.79 -30.10 4.52
N THR B 325 19.37 -31.27 5.00
CA THR B 325 18.92 -32.35 4.11
C THR B 325 17.41 -32.35 3.83
N THR B 326 16.62 -31.98 4.84
CA THR B 326 15.17 -32.01 4.73
C THR B 326 14.63 -31.04 3.65
N SER B 327 15.30 -29.92 3.47
CA SER B 327 14.91 -28.94 2.46
C SER B 327 15.16 -29.45 1.04
N MET B 328 16.25 -30.21 0.87
CA MET B 328 16.59 -30.81 -0.43
C MET B 328 15.46 -31.69 -0.97
N VAL B 329 14.91 -32.55 -0.13
CA VAL B 329 13.78 -33.40 -0.51
C VAL B 329 12.62 -32.52 -0.97
N ALA B 330 12.21 -31.60 -0.11
CA ALA B 330 11.13 -30.67 -0.41
C ALA B 330 11.37 -29.88 -1.71
N ALA B 331 12.62 -29.81 -2.15
CA ALA B 331 12.98 -29.12 -3.39
C ALA B 331 13.00 -30.06 -4.60
N ARG B 332 14.04 -30.87 -4.72
CA ARG B 332 14.25 -31.76 -5.87
C ARG B 332 13.09 -32.73 -6.13
N THR B 333 12.18 -32.86 -5.18
CA THR B 333 10.99 -33.69 -5.36
C THR B 333 9.82 -32.85 -5.85
N ALA B 334 9.67 -31.64 -5.29
CA ALA B 334 8.58 -30.74 -5.62
C ALA B 334 8.60 -30.36 -7.11
N LEU B 335 9.50 -29.47 -7.48
CA LEU B 335 9.61 -28.99 -8.86
C LEU B 335 9.75 -30.11 -9.91
N SER B 336 10.24 -31.27 -9.51
CA SER B 336 10.41 -32.38 -10.44
C SER B 336 9.06 -32.92 -10.90
N MET B 337 8.00 -32.58 -10.15
CA MET B 337 6.63 -32.83 -10.56
C MET B 337 6.29 -31.91 -11.74
N ALA B 338 6.86 -30.70 -11.73
CA ALA B 338 6.71 -29.76 -12.84
C ALA B 338 7.97 -29.74 -13.69
N GLY B 339 8.95 -30.57 -13.32
CA GLY B 339 10.22 -30.66 -14.04
C GLY B 339 10.93 -29.35 -14.28
N VAL B 340 10.75 -28.39 -13.39
CA VAL B 340 11.34 -27.05 -13.55
C VAL B 340 12.86 -27.06 -13.40
N LYS B 341 13.56 -26.57 -14.43
CA LYS B 341 15.02 -26.45 -14.36
C LYS B 341 15.38 -25.27 -13.47
N PRO B 342 16.04 -25.57 -12.33
CA PRO B 342 16.36 -24.60 -11.29
C PRO B 342 17.09 -23.36 -11.82
N GLU B 343 17.90 -23.52 -12.87
CA GLU B 343 18.61 -22.38 -13.45
C GLU B 343 17.67 -21.43 -14.20
N GLN B 344 16.44 -21.89 -14.44
CA GLN B 344 15.42 -21.06 -15.05
C GLN B 344 14.66 -20.25 -14.01
N LEU B 345 14.92 -20.54 -12.74
CA LEU B 345 14.30 -19.79 -11.64
C LEU B 345 14.68 -18.32 -11.80
N GLN B 346 13.77 -17.45 -11.38
CA GLN B 346 13.94 -16.03 -11.61
C GLN B 346 13.92 -15.24 -10.31
N VAL B 347 13.21 -15.78 -9.32
CA VAL B 347 13.08 -15.11 -8.02
C VAL B 347 12.71 -16.12 -6.94
N ALA B 348 13.46 -16.12 -5.85
CA ALA B 348 13.22 -17.05 -4.76
C ALA B 348 12.97 -16.35 -3.43
N GLU B 349 12.36 -17.10 -2.50
CA GLU B 349 12.22 -16.65 -1.11
C GLU B 349 12.52 -17.84 -0.23
N VAL B 350 13.34 -17.64 0.80
CA VAL B 350 13.72 -18.73 1.68
C VAL B 350 13.41 -18.42 3.14
N HIS B 351 13.13 -19.46 3.94
CA HIS B 351 12.99 -19.27 5.38
C HIS B 351 14.34 -19.46 6.05
N ASP B 352 15.23 -18.49 5.87
CA ASP B 352 16.48 -18.48 6.60
C ASP B 352 16.27 -17.95 8.00
N ALA B 353 16.34 -18.82 9.00
CA ALA B 353 16.31 -18.38 10.38
C ALA B 353 17.58 -17.59 10.62
N PHE B 354 18.64 -17.95 9.90
CA PHE B 354 19.93 -17.28 10.04
C PHE B 354 20.64 -17.15 8.69
N THR B 355 21.53 -16.15 8.61
CA THR B 355 22.40 -15.96 7.45
C THR B 355 23.15 -17.23 7.13
N ILE B 356 23.58 -17.91 8.19
CA ILE B 356 24.31 -19.16 8.11
C ILE B 356 23.41 -20.25 7.50
N ALA B 357 22.12 -20.21 7.84
CA ALA B 357 21.14 -21.11 7.26
C ALA B 357 20.81 -20.70 5.82
N GLU B 358 20.90 -19.39 5.55
CA GLU B 358 20.64 -18.85 4.22
C GLU B 358 21.65 -19.36 3.18
N LEU B 359 22.86 -19.64 3.64
CA LEU B 359 23.93 -20.12 2.77
C LEU B 359 23.87 -21.62 2.51
N LEU B 360 23.00 -22.30 3.27
CA LEU B 360 22.73 -23.72 3.06
C LEU B 360 21.38 -23.91 2.35
N MET B 361 20.83 -22.80 1.84
CA MET B 361 19.58 -22.82 1.10
C MET B 361 19.76 -23.27 -0.35
N TYR B 362 20.60 -22.55 -1.10
CA TYR B 362 20.82 -22.82 -2.52
C TYR B 362 21.45 -24.20 -2.81
N GLU B 363 21.82 -24.94 -1.78
CA GLU B 363 22.32 -26.30 -1.96
C GLU B 363 21.14 -27.27 -2.03
N ALA B 364 20.04 -26.90 -1.38
CA ALA B 364 18.81 -27.69 -1.39
C ALA B 364 17.95 -27.19 -2.55
N LEU B 365 17.64 -25.90 -2.53
CA LEU B 365 17.04 -25.24 -3.69
C LEU B 365 18.05 -25.30 -4.82
N GLY B 366 17.88 -26.28 -5.71
CA GLY B 366 18.89 -26.62 -6.70
C GLY B 366 19.30 -25.55 -7.70
N ILE B 367 18.93 -24.30 -7.45
CA ILE B 367 19.32 -23.18 -8.31
C ILE B 367 20.83 -22.98 -8.31
N ALA B 368 21.49 -23.36 -7.22
CA ALA B 368 22.93 -23.37 -7.16
C ALA B 368 23.40 -24.77 -6.75
N GLU B 369 24.69 -24.91 -6.49
CA GLU B 369 25.23 -26.21 -6.11
C GLU B 369 26.15 -26.16 -4.89
N TYR B 370 26.94 -27.21 -4.71
CA TYR B 370 27.72 -27.43 -3.50
C TYR B 370 29.21 -27.10 -3.70
N GLY B 371 29.94 -26.94 -2.61
CA GLY B 371 31.36 -26.67 -2.67
C GLY B 371 31.71 -25.20 -2.76
N GLY B 372 30.69 -24.36 -2.79
CA GLY B 372 30.89 -22.91 -2.89
C GLY B 372 29.59 -22.18 -2.61
N ALA B 373 29.58 -21.35 -1.56
CA ALA B 373 28.36 -20.67 -1.15
C ALA B 373 28.49 -19.14 -1.18
N GLY B 374 29.51 -18.61 -0.51
CA GLY B 374 29.68 -17.17 -0.39
C GLY B 374 30.37 -16.49 -1.56
N ALA B 375 30.14 -16.98 -2.77
CA ALA B 375 30.74 -16.39 -3.96
C ALA B 375 29.67 -16.03 -4.99
N LEU B 376 28.81 -17.01 -5.30
CA LEU B 376 27.73 -16.81 -6.27
C LEU B 376 26.67 -15.83 -5.74
N ILE B 377 26.74 -15.51 -4.46
CA ILE B 377 25.86 -14.52 -3.86
C ILE B 377 26.26 -13.11 -4.28
N ARG B 378 27.56 -12.93 -4.54
CA ARG B 378 28.11 -11.67 -4.99
C ARG B 378 28.20 -11.65 -6.51
N SER B 379 27.65 -12.69 -7.14
CA SER B 379 27.44 -12.69 -8.58
C SER B 379 26.18 -11.89 -8.90
N GLY B 380 25.53 -11.35 -7.86
CA GLY B 380 24.29 -10.63 -8.03
C GLY B 380 23.11 -11.57 -8.23
N ALA B 381 23.32 -12.85 -7.94
CA ALA B 381 22.26 -13.85 -8.08
C ALA B 381 21.47 -13.99 -6.77
N THR B 382 21.42 -12.89 -6.02
CA THR B 382 20.66 -12.80 -4.79
C THR B 382 20.07 -11.40 -4.71
N ALA B 383 20.67 -10.49 -5.47
CA ALA B 383 20.28 -9.09 -5.47
C ALA B 383 19.09 -8.78 -6.37
N LEU B 384 18.39 -7.70 -6.06
CA LEU B 384 17.19 -7.30 -6.77
C LEU B 384 17.46 -6.90 -8.23
N ASP B 385 18.74 -6.72 -8.57
CA ASP B 385 19.13 -6.32 -9.91
C ASP B 385 19.95 -7.39 -10.61
N GLY B 386 19.60 -8.65 -10.39
CA GLY B 386 20.40 -9.74 -10.95
C GLY B 386 19.65 -10.97 -11.42
N ARG B 387 20.31 -12.13 -11.31
CA ARG B 387 19.78 -13.39 -11.81
C ARG B 387 18.56 -13.88 -11.02
N ILE B 388 18.77 -14.21 -9.75
CA ILE B 388 17.68 -14.66 -8.89
C ILE B 388 17.68 -13.93 -7.54
N PRO B 389 17.00 -12.79 -7.48
CA PRO B 389 16.88 -12.03 -6.22
C PRO B 389 16.11 -12.81 -5.16
N VAL B 390 16.75 -13.07 -4.02
CA VAL B 390 16.12 -13.83 -2.94
C VAL B 390 15.94 -12.99 -1.68
N ASN B 391 14.79 -13.12 -1.01
CA ASN B 391 14.43 -12.27 0.11
C ASN B 391 14.57 -10.78 -0.21
N THR B 392 13.85 -10.35 -1.24
CA THR B 392 13.94 -9.00 -1.78
C THR B 392 13.25 -7.95 -0.91
N GLY B 393 12.41 -8.41 0.00
CA GLY B 393 11.78 -7.52 0.95
C GLY B 393 12.63 -7.30 2.18
N GLY B 394 13.75 -8.02 2.25
CA GLY B 394 14.61 -7.96 3.42
C GLY B 394 14.81 -9.34 4.04
N GLY B 395 13.79 -10.18 3.91
CA GLY B 395 13.84 -11.51 4.49
C GLY B 395 13.71 -11.48 6.01
N LEU B 396 13.92 -12.64 6.63
CA LEU B 396 13.71 -12.81 8.06
C LEU B 396 14.59 -11.89 8.93
N LEU B 397 15.54 -11.21 8.31
CA LEU B 397 16.48 -10.33 9.03
C LEU B 397 15.94 -8.90 9.18
N SER B 398 15.13 -8.47 8.21
CA SER B 398 14.64 -7.08 8.18
C SER B 398 13.15 -6.98 7.85
N PHE B 399 12.63 -7.96 7.12
CA PHE B 399 11.20 -7.99 6.81
C PHE B 399 10.40 -8.35 8.05
N GLY B 400 10.87 -9.34 8.79
CA GLY B 400 10.18 -9.83 9.98
C GLY B 400 10.11 -11.34 10.01
N HIS B 401 10.08 -11.91 11.21
CA HIS B 401 10.01 -13.36 11.36
C HIS B 401 8.89 -13.78 12.33
N PRO B 402 7.62 -13.49 11.97
CA PRO B 402 6.55 -14.05 12.81
C PRO B 402 6.43 -15.54 12.51
N VAL B 403 7.30 -16.34 13.13
CA VAL B 403 7.44 -17.79 12.92
C VAL B 403 6.39 -18.48 12.04
N GLY B 404 5.11 -18.25 12.32
CA GLY B 404 4.04 -18.88 11.56
C GLY B 404 3.58 -18.09 10.36
N ALA B 405 3.90 -16.80 10.33
CA ALA B 405 3.54 -15.94 9.20
C ALA B 405 4.67 -15.82 8.17
N THR B 406 5.87 -16.27 8.55
CA THR B 406 7.01 -16.27 7.65
C THR B 406 6.82 -17.33 6.56
N GLY B 407 6.18 -18.44 6.92
CA GLY B 407 5.89 -19.49 5.97
C GLY B 407 4.99 -19.07 4.84
N VAL B 408 3.86 -18.42 5.18
CA VAL B 408 2.89 -17.99 4.19
C VAL B 408 3.38 -16.84 3.32
N LYS B 409 4.06 -15.87 3.94
CA LYS B 409 4.42 -14.62 3.29
C LYS B 409 5.27 -14.80 2.02
N GLN B 410 6.16 -15.79 2.02
CA GLN B 410 7.04 -16.07 0.87
C GLN B 410 6.22 -16.39 -0.37
N VAL B 411 5.22 -17.24 -0.20
CA VAL B 411 4.28 -17.61 -1.26
C VAL B 411 3.59 -16.36 -1.80
N LEU B 412 3.51 -15.33 -0.97
CA LEU B 412 2.96 -14.04 -1.35
C LEU B 412 4.06 -13.06 -1.74
N GLU B 413 5.30 -13.35 -1.37
CA GLU B 413 6.45 -12.53 -1.73
C GLU B 413 6.87 -12.75 -3.17
N VAL B 414 6.61 -13.95 -3.68
CA VAL B 414 6.89 -14.28 -5.08
C VAL B 414 5.63 -14.03 -5.90
N TYR B 415 4.52 -13.75 -5.22
CA TYR B 415 3.28 -13.40 -5.88
C TYR B 415 3.24 -11.91 -6.24
N ARG B 416 3.61 -11.07 -5.27
CA ARG B 416 3.60 -9.62 -5.45
C ARG B 416 4.56 -9.14 -6.55
N GLN B 417 5.68 -9.83 -6.73
CA GLN B 417 6.64 -9.47 -7.77
C GLN B 417 6.28 -10.07 -9.14
N MET B 418 5.64 -11.23 -9.12
CA MET B 418 5.24 -11.91 -10.35
C MET B 418 4.00 -11.24 -10.96
N LYS B 419 3.39 -10.32 -10.20
CA LYS B 419 2.22 -9.59 -10.67
C LYS B 419 2.36 -8.07 -10.49
N GLY B 420 3.33 -7.64 -9.69
CA GLY B 420 3.65 -6.22 -9.59
C GLY B 420 2.97 -5.48 -8.44
N GLN B 421 3.11 -6.01 -7.22
CA GLN B 421 2.46 -5.40 -6.05
C GLN B 421 3.44 -5.07 -4.92
N CYS B 422 4.65 -5.62 -5.00
CA CYS B 422 5.69 -5.30 -4.02
C CYS B 422 5.84 -3.78 -3.85
N GLY B 423 5.85 -3.06 -4.97
CA GLY B 423 6.04 -1.62 -4.95
C GLY B 423 7.45 -1.25 -4.54
N GLU B 424 7.97 -0.15 -5.06
CA GLU B 424 9.33 0.28 -4.76
C GLU B 424 10.34 -0.83 -5.06
N TYR B 425 10.45 -1.78 -4.14
CA TYR B 425 11.25 -2.98 -4.38
C TYR B 425 10.57 -3.98 -5.32
N GLN B 426 10.02 -3.45 -6.41
CA GLN B 426 9.50 -4.30 -7.49
C GLN B 426 10.57 -4.43 -8.57
N MET B 427 10.80 -5.66 -9.01
CA MET B 427 11.87 -5.96 -9.98
C MET B 427 11.41 -5.88 -11.43
N LYS B 428 12.13 -5.11 -12.26
CA LYS B 428 11.86 -5.05 -13.69
C LYS B 428 12.07 -6.42 -14.31
N ASN B 429 13.08 -7.14 -13.82
CA ASN B 429 13.28 -8.54 -14.16
C ASN B 429 11.98 -9.29 -13.85
N ILE B 430 11.18 -9.54 -14.87
CA ILE B 430 9.84 -10.12 -14.66
C ILE B 430 9.84 -11.65 -14.88
N PRO B 431 9.24 -12.38 -13.94
CA PRO B 431 9.18 -13.85 -14.00
C PRO B 431 7.80 -14.41 -14.33
N GLY B 432 7.79 -15.71 -14.65
CA GLY B 432 6.58 -16.48 -14.74
C GLY B 432 6.82 -17.79 -14.00
N ILE B 433 7.84 -17.75 -13.13
CA ILE B 433 8.29 -18.93 -12.37
C ILE B 433 8.83 -18.49 -11.01
N GLY B 434 8.36 -19.12 -9.94
CA GLY B 434 8.81 -18.79 -8.60
C GLY B 434 9.00 -20.00 -7.70
N ALA B 435 9.49 -19.79 -6.48
CA ALA B 435 9.72 -20.89 -5.54
C ALA B 435 9.75 -20.42 -4.09
N THR B 436 9.49 -21.34 -3.17
CA THR B 436 9.51 -21.03 -1.75
C THR B 436 10.42 -22.03 -1.03
N LEU B 437 10.78 -21.73 0.21
CA LEU B 437 11.55 -22.68 1.03
C LEU B 437 11.31 -22.43 2.51
N ASN B 438 10.56 -23.33 3.14
CA ASN B 438 10.27 -23.22 4.57
C ASN B 438 11.18 -24.09 5.42
N MET B 439 11.53 -23.59 6.61
CA MET B 439 12.44 -24.29 7.51
C MET B 439 11.70 -24.79 8.75
N GLY B 440 12.15 -25.92 9.31
CA GLY B 440 11.56 -26.44 10.52
C GLY B 440 12.60 -26.95 11.50
N GLY B 441 12.80 -26.21 12.59
CA GLY B 441 13.80 -26.57 13.58
C GLY B 441 15.22 -26.46 13.04
N ASP B 442 15.97 -27.55 13.12
CA ASP B 442 17.30 -27.61 12.53
C ASP B 442 17.23 -28.43 11.25
N ASP B 443 16.44 -27.96 10.28
CA ASP B 443 16.15 -28.70 9.05
C ASP B 443 15.49 -30.03 9.41
N LYS B 444 14.46 -29.95 10.24
CA LYS B 444 13.69 -31.12 10.67
C LYS B 444 12.30 -31.10 10.05
N THR B 445 12.00 -30.00 9.34
CA THR B 445 10.75 -29.88 8.59
C THR B 445 10.98 -28.89 7.45
N ALA B 446 10.47 -29.22 6.26
CA ALA B 446 10.67 -28.35 5.09
C ALA B 446 9.45 -28.32 4.18
N VAL B 447 9.14 -27.14 3.65
CA VAL B 447 8.05 -26.97 2.69
C VAL B 447 8.54 -26.07 1.57
N SER B 448 8.44 -26.53 0.32
CA SER B 448 8.83 -25.72 -0.84
C SER B 448 7.72 -25.71 -1.88
N MET B 449 7.72 -24.70 -2.74
CA MET B 449 6.67 -24.56 -3.76
C MET B 449 7.21 -24.14 -5.13
N VAL B 450 6.32 -24.21 -6.13
CA VAL B 450 6.62 -23.69 -7.46
C VAL B 450 5.44 -22.83 -7.91
N LEU B 451 5.67 -21.53 -8.06
CA LEU B 451 4.62 -20.62 -8.47
C LEU B 451 4.79 -20.24 -9.95
N THR B 452 3.92 -20.77 -10.81
CA THR B 452 3.98 -20.46 -12.23
C THR B 452 2.83 -19.52 -12.64
N ASN B 453 3.18 -18.36 -13.18
CA ASN B 453 2.17 -17.39 -13.62
C ASN B 453 1.40 -17.89 -14.84
N ILE B 454 0.39 -18.72 -14.59
CA ILE B 454 -0.50 -19.18 -15.65
C ILE B 454 -1.56 -18.12 -15.93
N LYS C 28 -23.44 21.90 -13.47
CA LYS C 28 -22.38 22.39 -12.61
C LYS C 28 -22.04 21.40 -11.50
N ARG C 29 -21.27 20.37 -11.84
CA ARG C 29 -20.85 19.37 -10.86
C ARG C 29 -19.41 18.90 -11.12
N VAL C 30 -18.56 19.04 -10.11
CA VAL C 30 -17.16 18.60 -10.20
C VAL C 30 -16.98 17.27 -9.46
N PHE C 31 -16.30 16.32 -10.09
CA PHE C 31 -16.16 14.99 -9.50
C PHE C 31 -14.70 14.57 -9.29
N VAL C 32 -14.49 13.62 -8.37
CA VAL C 32 -13.20 12.95 -8.22
C VAL C 32 -13.44 11.47 -8.52
N VAL C 33 -12.59 10.87 -9.33
CA VAL C 33 -12.78 9.48 -9.76
C VAL C 33 -11.57 8.59 -9.43
N GLY C 34 -10.47 9.20 -8.98
CA GLY C 34 -9.29 8.43 -8.62
C GLY C 34 -8.01 9.25 -8.56
N GLY C 35 -6.88 8.57 -8.53
CA GLY C 35 -5.59 9.22 -8.42
C GLY C 35 -4.65 8.44 -7.52
N HIS C 36 -3.42 8.23 -8.00
CA HIS C 36 -2.42 7.49 -7.21
C HIS C 36 -1.33 8.41 -6.69
N ILE C 37 -0.97 8.20 -5.43
CA ILE C 37 0.11 8.96 -4.78
C ILE C 37 1.38 8.11 -4.65
N THR C 38 2.54 8.70 -4.95
CA THR C 38 3.82 8.00 -4.95
C THR C 38 4.41 7.88 -3.54
N THR C 39 5.48 7.08 -3.44
CA THR C 39 6.26 7.04 -2.21
C THR C 39 7.03 8.36 -2.09
N PHE C 40 7.06 8.94 -0.89
CA PHE C 40 7.79 10.19 -0.69
C PHE C 40 9.13 9.91 0.00
N VAL C 41 10.21 10.51 -0.52
CA VAL C 41 11.56 10.21 -0.04
C VAL C 41 12.32 11.45 0.44
N GLY C 42 13.55 11.24 0.90
CA GLY C 42 14.38 12.32 1.41
C GLY C 42 15.32 11.78 2.46
N LYS C 43 16.10 12.66 3.08
CA LYS C 43 16.90 12.26 4.25
C LYS C 43 15.96 11.99 5.40
N GLY C 44 16.19 10.90 6.13
CA GLY C 44 15.30 10.51 7.20
C GLY C 44 14.46 9.32 6.79
N SER C 45 14.22 9.21 5.49
CA SER C 45 13.58 8.03 4.91
C SER C 45 14.66 7.14 4.32
N PRO C 46 14.80 5.91 4.85
CA PRO C 46 15.84 4.94 4.44
C PRO C 46 15.73 4.57 2.96
N LEU C 47 14.68 5.05 2.30
CA LEU C 47 14.53 4.93 0.86
C LEU C 47 15.39 5.96 0.13
N PHE C 48 16.45 6.42 0.81
CA PHE C 48 17.35 7.41 0.23
C PHE C 48 18.54 6.70 -0.41
N ILE C 49 18.99 7.24 -1.55
CA ILE C 49 20.16 6.73 -2.25
C ILE C 49 21.25 7.79 -2.19
N ASP C 50 22.52 7.41 -2.03
CA ASP C 50 23.59 8.42 -2.16
C ASP C 50 24.81 7.90 -2.90
N LYS C 51 24.79 7.99 -4.23
CA LYS C 51 25.80 7.38 -5.09
C LYS C 51 25.84 5.88 -4.88
N LYS C 58 24.71 5.32 -4.46
CA LYS C 58 24.50 3.89 -4.44
C LYS C 58 23.64 3.57 -5.65
N LYS C 59 23.07 4.62 -6.21
CA LYS C 59 22.39 4.61 -7.50
C LYS C 59 22.13 6.05 -7.93
N GLU C 60 21.34 6.23 -8.98
CA GLU C 60 20.92 7.56 -9.42
C GLU C 60 19.48 7.77 -8.96
N ASN C 61 19.28 8.68 -8.00
CA ASN C 61 17.96 8.87 -7.38
C ASN C 61 16.85 9.17 -8.38
N LYS C 62 15.61 8.94 -7.95
CA LYS C 62 14.43 9.16 -8.80
C LYS C 62 14.35 10.59 -9.34
N THR C 63 14.22 10.72 -10.65
CA THR C 63 14.18 12.03 -11.31
C THR C 63 12.75 12.59 -11.42
N LEU C 64 12.65 13.90 -11.62
CA LEU C 64 11.37 14.59 -11.76
C LEU C 64 10.59 14.04 -12.95
N GLU C 65 11.33 13.61 -13.97
CA GLU C 65 10.76 12.95 -15.13
C GLU C 65 10.17 11.59 -14.75
N GLU C 66 10.82 10.91 -13.80
CA GLU C 66 10.36 9.63 -13.27
C GLU C 66 9.27 9.84 -12.21
N LEU C 67 9.46 10.87 -11.39
CA LEU C 67 8.51 11.20 -10.33
C LEU C 67 7.12 11.47 -10.90
N LEU C 68 7.06 12.03 -12.10
CA LEU C 68 5.79 12.24 -12.79
C LEU C 68 5.37 10.99 -13.57
N ALA C 69 6.34 10.14 -13.89
CA ALA C 69 6.06 8.89 -14.58
C ALA C 69 5.27 7.95 -13.68
N GLU C 70 5.75 7.76 -12.45
CA GLU C 70 5.04 6.99 -11.43
C GLU C 70 3.66 7.58 -11.14
N SER C 71 3.60 8.90 -11.00
CA SER C 71 2.41 9.61 -10.53
C SER C 71 1.18 9.48 -11.44
N ILE C 72 1.39 9.54 -12.75
CA ILE C 72 0.31 9.60 -13.72
C ILE C 72 -0.10 8.23 -14.29
N ASN C 73 0.88 7.38 -14.58
CA ASN C 73 0.60 6.01 -15.02
C ASN C 73 -0.24 5.26 -14.00
N GLY C 74 0.00 5.55 -12.72
CA GLY C 74 -0.80 4.97 -11.66
C GLY C 74 -2.09 5.74 -11.44
N ALA C 75 -2.10 7.03 -11.77
CA ALA C 75 -3.32 7.82 -11.69
C ALA C 75 -4.32 7.35 -12.75
N LEU C 76 -3.80 7.03 -13.94
CA LEU C 76 -4.61 6.45 -15.00
C LEU C 76 -5.14 5.09 -14.56
N GLN C 77 -4.23 4.22 -14.11
CA GLN C 77 -4.54 2.82 -13.80
C GLN C 77 -5.76 2.61 -12.89
N ASN C 78 -5.82 3.34 -11.78
CA ASN C 78 -6.98 3.32 -10.89
C ASN C 78 -8.27 3.53 -11.67
N THR C 79 -8.33 4.65 -12.39
CA THR C 79 -9.44 4.97 -13.28
C THR C 79 -9.59 3.89 -14.35
N GLY C 80 -10.82 3.66 -14.81
CA GLY C 80 -11.09 2.61 -15.79
C GLY C 80 -10.42 2.83 -17.15
N LEU C 81 -9.09 2.98 -17.14
CA LEU C 81 -8.32 3.25 -18.36
C LEU C 81 -6.81 3.20 -18.06
N HIS C 82 -6.06 2.50 -18.89
CA HIS C 82 -4.61 2.38 -18.72
C HIS C 82 -3.88 2.23 -20.06
N ASP C 83 -4.66 2.23 -21.13
CA ASP C 83 -4.13 2.07 -22.49
C ASP C 83 -4.63 3.21 -23.39
N GLY C 84 -4.95 2.90 -24.64
CA GLY C 84 -5.46 3.87 -25.58
C GLY C 84 -6.70 4.59 -25.09
N ARG C 85 -7.31 4.04 -24.04
CA ARG C 85 -8.39 4.70 -23.33
C ARG C 85 -7.85 5.86 -22.48
N ALA C 86 -6.61 6.26 -22.75
CA ALA C 86 -6.09 7.51 -22.23
C ALA C 86 -6.68 8.62 -23.08
N ALA C 87 -6.71 8.38 -24.39
CA ALA C 87 -7.23 9.34 -25.36
C ALA C 87 -8.69 9.70 -25.10
N LEU C 88 -8.90 10.45 -24.02
CA LEU C 88 -10.21 10.92 -23.60
C LEU C 88 -10.00 11.92 -22.47
N VAL C 89 -8.76 11.94 -21.98
CA VAL C 89 -8.31 12.95 -21.03
C VAL C 89 -8.23 14.29 -21.77
N ASP C 90 -9.21 15.14 -21.55
CA ASP C 90 -9.34 16.38 -22.31
C ASP C 90 -8.36 17.47 -21.89
N LYS C 91 -8.19 17.68 -20.58
CA LYS C 91 -7.30 18.73 -20.09
C LYS C 91 -6.22 18.21 -19.13
N LEU C 92 -5.02 18.76 -19.28
CA LEU C 92 -3.90 18.41 -18.41
C LEU C 92 -3.43 19.66 -17.65
N VAL C 93 -3.32 19.55 -16.33
CA VAL C 93 -2.77 20.66 -15.54
C VAL C 93 -1.61 20.18 -14.68
N VAL C 94 -0.50 20.93 -14.69
CA VAL C 94 0.65 20.56 -13.88
C VAL C 94 0.81 21.53 -12.72
N GLY C 95 0.79 21.00 -11.49
CA GLY C 95 0.95 21.82 -10.32
C GLY C 95 2.35 21.75 -9.74
N ASN C 96 3.35 21.96 -10.58
CA ASN C 96 4.73 22.02 -10.11
C ASN C 96 5.07 23.43 -9.65
N PHE C 97 5.87 23.53 -8.59
CA PHE C 97 6.28 24.82 -8.05
C PHE C 97 7.72 25.15 -8.42
N LEU C 98 8.58 24.14 -8.36
CA LEU C 98 9.99 24.33 -8.68
C LEU C 98 10.59 23.16 -9.45
N GLY C 99 11.42 23.48 -10.43
CA GLY C 99 12.08 22.47 -11.26
C GLY C 99 13.03 23.21 -12.18
N GLU C 100 12.86 24.53 -12.26
CA GLU C 100 13.73 25.39 -13.04
C GLU C 100 15.15 25.41 -12.48
N LEU C 101 15.30 24.91 -11.25
CA LEU C 101 16.62 24.78 -10.64
C LEU C 101 16.80 23.46 -9.90
N PHE C 102 15.70 22.90 -9.41
CA PHE C 102 15.71 21.58 -8.79
C PHE C 102 16.05 20.49 -9.81
N SER C 103 15.61 20.70 -11.05
CA SER C 103 15.99 19.83 -12.14
C SER C 103 16.45 20.67 -13.33
N SER C 104 16.72 21.96 -13.06
CA SER C 104 17.11 22.92 -14.09
C SER C 104 16.29 22.76 -15.36
N GLN C 105 14.97 22.75 -15.21
CA GLN C 105 14.05 22.46 -16.32
C GLN C 105 12.59 22.75 -15.98
N GLY C 106 11.90 23.46 -16.88
CA GLY C 106 10.49 23.76 -16.69
C GLY C 106 9.64 23.23 -17.83
N HIS C 107 8.59 23.97 -18.18
CA HIS C 107 7.67 23.58 -19.25
C HIS C 107 7.14 22.17 -19.03
N LEU C 108 6.59 21.92 -17.84
CA LEU C 108 6.16 20.59 -17.46
C LEU C 108 4.78 20.23 -18.01
N GLY C 109 4.14 21.18 -18.68
CA GLY C 109 2.87 20.92 -19.33
C GLY C 109 2.96 19.79 -20.33
N PRO C 110 3.72 20.01 -21.43
CA PRO C 110 3.99 18.99 -22.45
C PRO C 110 4.87 17.85 -21.95
N ALA C 111 5.51 18.03 -20.80
CA ALA C 111 6.26 16.94 -20.17
C ALA C 111 5.28 15.86 -19.68
N ALA C 112 4.08 16.29 -19.32
CA ALA C 112 3.01 15.36 -18.94
C ALA C 112 2.52 14.60 -20.17
N VAL C 113 2.52 15.28 -21.32
CA VAL C 113 2.20 14.67 -22.60
C VAL C 113 3.26 13.63 -22.95
N GLY C 114 4.51 13.90 -22.56
CA GLY C 114 5.63 13.05 -22.92
C GLY C 114 5.72 11.70 -22.23
N SER C 115 5.74 11.69 -20.91
CA SER C 115 6.01 10.47 -20.15
C SER C 115 4.86 9.47 -20.12
N LEU C 116 4.61 8.82 -21.26
CA LEU C 116 3.74 7.64 -21.30
C LEU C 116 4.59 6.42 -21.67
N SER C 117 5.57 6.65 -22.55
CA SER C 117 6.50 5.60 -22.97
C SER C 117 7.80 5.70 -22.17
N ASN C 120 3.35 0.17 -27.04
CA ASN C 120 2.11 0.76 -27.54
C ASN C 120 1.56 1.82 -26.59
N SER C 121 2.45 2.44 -25.80
CA SER C 121 2.02 3.35 -24.75
C SER C 121 2.71 4.71 -24.82
N SER C 122 2.35 5.50 -25.84
CA SER C 122 2.88 6.85 -26.01
C SER C 122 1.85 7.72 -26.72
N ALA C 123 0.87 7.05 -27.34
CA ALA C 123 -0.22 7.73 -28.02
C ALA C 123 -1.15 8.44 -27.03
N PHE C 124 -1.20 9.77 -27.14
CA PHE C 124 -1.87 10.63 -26.17
C PHE C 124 -1.73 12.10 -26.55
N LEU C 125 -0.76 12.38 -27.42
CA LEU C 125 -0.24 13.72 -27.66
C LEU C 125 -1.24 14.79 -28.13
N ASN C 126 -0.78 16.04 -28.15
CA ASN C 126 -1.52 17.17 -28.72
C ASN C 126 -2.80 17.52 -27.99
N LYS C 127 -2.72 17.53 -26.67
CA LYS C 127 -3.83 17.93 -25.82
C LYS C 127 -3.36 19.09 -24.94
N PRO C 128 -4.28 20.01 -24.58
CA PRO C 128 -3.89 21.19 -23.80
C PRO C 128 -3.25 20.81 -22.47
N ALA C 129 -2.20 21.53 -22.10
CA ALA C 129 -1.49 21.27 -20.85
C ALA C 129 -0.81 22.53 -20.34
N VAL C 130 -1.13 22.92 -19.12
CA VAL C 130 -0.52 24.09 -18.51
C VAL C 130 0.28 23.70 -17.27
N ARG C 131 1.13 24.60 -16.80
CA ARG C 131 1.82 24.44 -15.53
C ARG C 131 1.42 25.62 -14.67
N VAL C 132 1.10 25.39 -13.40
CA VAL C 132 0.73 26.47 -12.50
C VAL C 132 1.70 26.59 -11.33
N GLU C 133 1.68 27.73 -10.65
CA GLU C 133 2.52 27.93 -9.48
C GLU C 133 1.86 28.88 -8.48
N GLY C 134 1.95 28.54 -7.20
CA GLY C 134 1.42 29.38 -6.14
C GLY C 134 2.18 29.04 -4.87
N ALA C 135 3.51 29.01 -4.99
CA ALA C 135 4.39 28.54 -3.93
C ALA C 135 4.00 27.13 -3.50
N CYS C 136 3.26 27.04 -2.40
CA CYS C 136 2.89 25.77 -1.82
C CYS C 136 1.54 25.24 -2.33
N ALA C 137 0.59 26.14 -2.54
CA ALA C 137 -0.74 25.75 -3.01
C ALA C 137 -0.76 25.46 -4.51
N SER C 138 0.41 25.16 -5.08
CA SER C 138 0.53 24.85 -6.50
C SER C 138 -0.35 23.67 -6.94
N GLY C 139 -0.70 22.80 -6.00
CA GLY C 139 -1.57 21.67 -6.29
C GLY C 139 -3.03 22.06 -6.42
N GLY C 140 -3.58 22.68 -5.38
CA GLY C 140 -4.96 23.13 -5.41
C GLY C 140 -5.27 24.08 -6.55
N LEU C 141 -4.27 24.87 -6.94
CA LEU C 141 -4.41 25.78 -8.08
C LEU C 141 -4.53 25.00 -9.38
N ALA C 142 -3.77 23.91 -9.47
CA ALA C 142 -3.85 23.03 -10.62
C ALA C 142 -5.25 22.43 -10.75
N VAL C 143 -5.75 21.87 -9.65
CA VAL C 143 -7.11 21.34 -9.62
C VAL C 143 -8.11 22.44 -9.97
N GLN C 144 -7.84 23.66 -9.51
CA GLN C 144 -8.68 24.82 -9.81
C GLN C 144 -8.74 25.06 -11.32
N SER C 145 -7.61 24.88 -12.00
CA SER C 145 -7.54 25.05 -13.44
C SER C 145 -8.41 24.04 -14.20
N ALA C 146 -8.39 22.78 -13.76
CA ALA C 146 -9.25 21.76 -14.33
C ALA C 146 -10.70 22.00 -13.89
N TRP C 147 -10.88 22.37 -12.63
CA TRP C 147 -12.16 22.83 -12.09
C TRP C 147 -12.75 23.90 -13.02
N GLU C 148 -11.97 24.95 -13.26
CA GLU C 148 -12.34 25.99 -14.21
C GLU C 148 -12.57 25.40 -15.60
N ALA C 149 -11.68 24.51 -16.02
CA ALA C 149 -11.75 23.89 -17.34
C ALA C 149 -13.03 23.06 -17.47
N LEU C 150 -13.49 22.50 -16.36
CA LEU C 150 -14.67 21.63 -16.35
C LEU C 150 -15.95 22.40 -16.66
N LEU C 151 -16.36 23.28 -15.74
CA LEU C 151 -17.58 24.05 -15.89
C LEU C 151 -17.64 24.87 -17.20
N ALA C 152 -16.47 25.24 -17.72
CA ALA C 152 -16.38 26.06 -18.93
C ALA C 152 -16.84 25.33 -20.19
N GLY C 153 -16.55 24.03 -20.25
CA GLY C 153 -16.76 23.28 -21.46
C GLY C 153 -15.48 23.20 -22.27
N THR C 154 -14.40 23.72 -21.69
CA THR C 154 -13.06 23.58 -22.26
C THR C 154 -12.74 22.10 -22.39
N SER C 155 -13.05 21.37 -21.33
CA SER C 155 -12.77 19.95 -21.24
C SER C 155 -13.93 19.20 -20.58
N GLN C 156 -13.96 17.89 -20.78
CA GLN C 156 -15.01 17.05 -20.20
C GLN C 156 -14.43 16.11 -19.14
N ILE C 157 -13.24 15.58 -19.41
CA ILE C 157 -12.53 14.74 -18.45
C ILE C 157 -11.08 15.19 -18.36
N ALA C 158 -10.70 15.74 -17.20
CA ALA C 158 -9.35 16.31 -17.04
C ALA C 158 -8.53 15.65 -15.95
N LEU C 159 -7.23 15.95 -15.96
CA LEU C 159 -6.30 15.41 -14.98
C LEU C 159 -5.49 16.54 -14.37
N ALA C 160 -5.18 16.43 -13.07
CA ALA C 160 -4.28 17.36 -12.42
C ALA C 160 -3.13 16.58 -11.79
N VAL C 161 -1.93 17.14 -11.81
CA VAL C 161 -0.76 16.43 -11.30
C VAL C 161 0.22 17.32 -10.54
N GLY C 162 0.40 17.00 -9.26
CA GLY C 162 1.38 17.67 -8.43
C GLY C 162 2.63 16.83 -8.28
N VAL C 163 3.77 17.49 -8.07
CA VAL C 163 5.05 16.81 -7.97
C VAL C 163 6.11 17.80 -7.52
N GLU C 164 7.25 17.31 -7.05
CA GLU C 164 8.37 18.16 -6.66
C GLU C 164 9.62 17.32 -6.40
N VAL C 165 10.80 17.95 -6.48
CA VAL C 165 12.07 17.30 -6.16
C VAL C 165 12.94 18.22 -5.31
N GLN C 166 12.95 18.05 -3.99
CA GLN C 166 13.80 18.87 -3.15
C GLN C 166 15.07 18.13 -2.68
N THR C 167 15.16 16.83 -3.00
CA THR C 167 16.39 16.07 -2.75
C THR C 167 17.32 16.18 -3.96
N THR C 168 18.14 17.22 -3.97
CA THR C 168 19.12 17.41 -5.02
C THR C 168 20.48 17.72 -4.39
N VAL C 169 20.53 18.82 -3.65
CA VAL C 169 21.75 19.27 -3.01
C VAL C 169 21.50 19.92 -1.64
N SER C 170 22.41 20.79 -1.24
CA SER C 170 22.44 21.42 0.11
C SER C 170 21.09 21.86 0.69
N ALA C 171 20.93 21.68 2.00
CA ALA C 171 19.68 21.96 2.69
C ALA C 171 19.47 23.46 2.97
N ARG C 172 20.56 24.15 3.31
CA ARG C 172 20.51 25.59 3.52
C ARG C 172 20.37 26.33 2.18
N VAL C 173 20.79 25.67 1.10
CA VAL C 173 20.65 26.19 -0.26
C VAL C 173 19.21 26.01 -0.77
N GLY C 174 18.56 24.93 -0.34
CA GLY C 174 17.19 24.66 -0.73
C GLY C 174 16.20 25.71 -0.27
N GLY C 175 16.43 26.25 0.93
CA GLY C 175 15.58 27.31 1.45
C GLY C 175 15.75 28.61 0.69
N ASP C 176 16.92 28.81 0.11
CA ASP C 176 17.18 29.95 -0.77
C ASP C 176 16.26 29.90 -1.98
N TYR C 177 15.86 28.70 -2.38
CA TYR C 177 15.00 28.52 -3.54
C TYR C 177 13.54 28.40 -3.12
N LEU C 178 13.27 28.52 -1.82
CA LEU C 178 11.90 28.48 -1.32
C LEU C 178 11.46 29.88 -0.94
N ALA C 179 12.41 30.81 -0.92
CA ALA C 179 12.13 32.22 -0.69
C ALA C 179 11.49 32.82 -1.95
N ARG C 180 11.19 31.96 -2.92
CA ARG C 180 10.50 32.36 -4.14
C ARG C 180 9.00 32.33 -3.85
N ALA C 181 8.64 32.60 -2.60
CA ALA C 181 7.26 32.60 -2.15
C ALA C 181 7.01 33.89 -1.39
N ALA C 182 8.11 34.56 -1.02
CA ALA C 182 8.06 35.82 -0.27
C ALA C 182 9.10 36.80 -0.81
N HIS C 183 9.07 38.04 -0.32
CA HIS C 183 9.98 39.06 -0.82
C HIS C 183 11.46 38.77 -0.57
N TYR C 184 12.09 38.09 -1.51
CA TYR C 184 13.54 37.85 -1.49
C TYR C 184 14.29 39.17 -1.32
N LYS C 185 13.70 40.25 -1.83
CA LYS C 185 14.32 41.57 -1.76
C LYS C 185 14.13 42.21 -0.39
N ARG C 186 13.10 41.76 0.32
CA ARG C 186 12.76 42.31 1.64
C ARG C 186 12.90 41.26 2.74
N GLN C 187 12.93 39.99 2.35
CA GLN C 187 13.04 38.89 3.32
C GLN C 187 14.04 37.84 2.85
N ARG C 188 15.32 38.21 2.82
CA ARG C 188 16.42 37.29 2.58
C ARG C 188 17.58 37.74 3.44
N GLN C 189 17.64 39.05 3.68
CA GLN C 189 18.62 39.67 4.56
C GLN C 189 18.41 39.24 6.03
N LEU C 190 17.63 38.18 6.23
CA LEU C 190 17.38 37.62 7.54
C LEU C 190 18.37 36.49 7.84
N ASP C 191 18.44 35.53 6.92
CA ASP C 191 19.20 34.29 7.13
C ASP C 191 19.25 33.45 5.84
N ASP C 192 20.11 32.45 5.81
CA ASP C 192 20.12 31.48 4.73
C ASP C 192 18.99 30.48 4.94
N PHE C 193 18.42 30.50 6.13
CA PHE C 193 17.18 29.81 6.44
C PHE C 193 16.10 30.85 6.69
N THR C 194 15.67 31.52 5.62
CA THR C 194 14.74 32.63 5.75
C THR C 194 13.27 32.18 5.71
N PHE C 195 13.00 31.05 5.09
CA PHE C 195 11.63 30.56 4.96
C PHE C 195 10.95 30.20 6.28
N PRO C 196 11.59 29.36 7.13
CA PRO C 196 10.88 29.01 8.36
C PRO C 196 10.88 30.14 9.39
N CYS C 197 11.48 31.29 9.05
CA CYS C 197 11.53 32.43 9.97
C CYS C 197 10.20 33.16 10.12
N LEU C 198 9.38 33.16 9.08
CA LEU C 198 8.03 33.75 9.12
C LEU C 198 7.24 33.19 10.30
N PHE C 199 7.50 31.94 10.63
CA PHE C 199 6.82 31.26 11.71
C PHE C 199 7.69 31.25 12.95
N ALA C 200 9.00 31.22 12.78
CA ALA C 200 9.94 31.30 13.89
C ALA C 200 9.79 32.61 14.64
N ARG C 201 9.27 33.63 13.94
CA ARG C 201 8.92 34.91 14.53
C ARG C 201 7.48 34.86 15.04
N ARG C 202 6.63 34.18 14.29
CA ARG C 202 5.26 33.92 14.70
C ARG C 202 5.25 32.97 15.88
N MET C 203 6.34 32.23 16.05
CA MET C 203 6.52 31.35 17.20
C MET C 203 6.64 32.16 18.49
N LYS C 204 7.29 33.30 18.40
CA LYS C 204 7.44 34.20 19.54
C LYS C 204 6.27 35.19 19.58
N ALA C 205 5.76 35.57 18.42
CA ALA C 205 4.61 36.47 18.34
C ALA C 205 3.37 35.85 18.99
N ILE C 206 3.26 34.52 18.92
CA ILE C 206 2.15 33.79 19.53
C ILE C 206 2.40 33.50 21.01
N GLN C 207 3.66 33.40 21.40
CA GLN C 207 4.00 33.21 22.81
C GLN C 207 3.70 34.51 23.55
N GLU C 208 3.72 35.61 22.82
CA GLU C 208 3.30 36.90 23.33
C GLU C 208 1.79 37.06 23.15
N ALA C 209 1.05 35.98 23.41
CA ALA C 209 -0.39 35.98 23.26
C ALA C 209 -1.03 34.84 24.05
N GLY C 210 -2.35 34.90 24.22
CA GLY C 210 -3.07 33.88 24.93
C GLY C 210 -4.00 33.09 24.01
N HIS C 211 -3.50 32.74 22.83
CA HIS C 211 -4.26 31.93 21.88
C HIS C 211 -3.76 30.50 21.99
N PHE C 212 -2.44 30.33 21.92
CA PHE C 212 -1.81 29.03 22.16
C PHE C 212 -0.31 29.15 22.50
N THR C 213 0.24 28.10 23.09
CA THR C 213 1.60 28.13 23.62
C THR C 213 2.60 27.35 22.77
N MET C 214 3.88 27.42 23.13
CA MET C 214 4.93 26.66 22.46
C MET C 214 4.74 25.17 22.75
N GLU C 215 4.01 24.88 23.81
CA GLU C 215 3.79 23.52 24.28
C GLU C 215 2.65 22.88 23.48
N ASP C 216 1.78 23.73 22.95
CA ASP C 216 0.68 23.30 22.10
C ASP C 216 1.22 22.93 20.72
N ALA C 217 2.35 23.52 20.34
CA ALA C 217 3.02 23.20 19.09
C ALA C 217 3.80 21.88 19.20
N ALA C 218 3.71 21.22 20.34
CA ALA C 218 4.43 19.98 20.60
C ALA C 218 3.56 18.75 20.36
N TYR C 219 2.32 18.80 20.84
CA TYR C 219 1.36 17.72 20.69
C TYR C 219 0.96 17.49 19.23
N VAL C 220 1.43 18.36 18.34
CA VAL C 220 1.15 18.27 16.92
C VAL C 220 2.05 17.23 16.23
N ALA C 221 3.36 17.46 16.30
CA ALA C 221 4.35 16.62 15.63
C ALA C 221 4.26 15.14 16.00
N ALA C 222 4.29 14.84 17.30
CA ALA C 222 4.16 13.46 17.78
C ALA C 222 2.93 12.80 17.17
N LYS C 223 1.79 13.45 17.30
CA LYS C 223 0.55 13.03 16.64
C LYS C 223 0.73 12.88 15.13
N ALA C 224 1.37 13.87 14.50
CA ALA C 224 1.61 13.85 13.06
C ALA C 224 2.62 12.77 12.68
N TYR C 225 3.72 12.71 13.42
CA TYR C 225 4.72 11.68 13.22
C TYR C 225 4.13 10.30 13.46
N ALA C 226 3.18 10.21 14.39
CA ALA C 226 2.49 8.94 14.65
C ALA C 226 1.64 8.51 13.45
N SER C 227 0.86 9.46 12.92
CA SER C 227 0.00 9.20 11.78
C SER C 227 0.84 8.84 10.55
N GLY C 228 2.05 9.38 10.49
CA GLY C 228 2.99 9.03 9.44
C GLY C 228 3.55 7.62 9.62
N ASN C 229 3.53 7.13 10.86
CA ASN C 229 3.93 5.76 11.14
C ASN C 229 2.88 4.76 10.68
N ARG C 230 1.65 5.24 10.48
CA ARG C 230 0.55 4.40 10.00
C ARG C 230 0.57 4.28 8.48
N ASN C 231 1.03 5.35 7.82
CA ASN C 231 1.14 5.39 6.36
C ASN C 231 2.37 4.64 5.84
N PRO C 232 2.14 3.65 4.96
CA PRO C 232 3.22 2.88 4.32
C PRO C 232 4.21 3.76 3.54
N LEU C 233 3.71 4.58 2.63
CA LEU C 233 4.57 5.40 1.75
C LEU C 233 5.01 6.73 2.38
N ALA C 234 4.84 6.86 3.70
CA ALA C 234 5.24 8.08 4.39
C ALA C 234 6.74 8.33 4.32
N HIS C 235 7.12 9.59 4.10
CA HIS C 235 8.52 10.00 4.14
C HIS C 235 9.12 9.61 5.47
N MET C 236 8.71 10.31 6.53
CA MET C 236 9.16 9.99 7.87
C MET C 236 8.22 8.97 8.50
N HIS C 237 8.19 7.78 7.90
CA HIS C 237 7.34 6.68 8.33
C HIS C 237 7.95 5.96 9.53
N ALA C 238 9.26 5.76 9.49
CA ALA C 238 9.94 4.97 10.51
C ALA C 238 10.45 5.81 11.68
N ARG C 239 9.60 6.70 12.21
CA ARG C 239 9.96 7.47 13.39
C ARG C 239 8.76 7.99 14.18
N LYS C 240 8.96 8.12 15.49
CA LYS C 240 7.94 8.54 16.44
C LYS C 240 8.61 8.67 17.79
N VAL C 241 8.38 9.78 18.49
CA VAL C 241 8.99 9.98 19.80
C VAL C 241 7.95 10.39 20.84
N THR C 242 8.41 10.58 22.08
CA THR C 242 7.56 11.05 23.18
C THR C 242 7.19 12.51 22.98
N LEU C 243 6.00 12.90 23.45
CA LEU C 243 5.56 14.30 23.46
C LEU C 243 6.62 15.20 24.09
N ASP C 244 7.21 14.76 25.20
CA ASP C 244 8.25 15.51 25.90
C ASP C 244 9.45 15.82 25.02
N PHE C 245 9.53 15.17 23.86
CA PHE C 245 10.62 15.38 22.91
C PHE C 245 10.19 16.28 21.76
N CYS C 246 8.89 16.24 21.43
CA CYS C 246 8.34 17.16 20.43
C CYS C 246 8.13 18.54 21.06
N THR C 247 8.28 18.60 22.39
CA THR C 247 8.45 19.85 23.10
C THR C 247 9.92 20.23 22.96
N GLN C 248 10.33 21.29 23.65
CA GLN C 248 11.75 21.59 23.77
C GLN C 248 12.40 20.63 24.77
N ALA C 249 13.45 21.08 25.44
CA ALA C 249 14.30 20.21 26.28
C ALA C 249 14.94 19.11 25.44
N SER C 250 14.98 19.33 24.14
CA SER C 250 15.56 18.37 23.20
C SER C 250 16.89 18.84 22.64
N ASP C 251 17.49 18.02 21.78
CA ASP C 251 18.75 18.33 21.12
C ASP C 251 18.83 17.59 19.78
N LYS C 252 18.25 16.39 19.74
CA LYS C 252 18.17 15.62 18.50
C LYS C 252 17.16 16.27 17.57
N ASN C 253 16.14 16.89 18.14
CA ASN C 253 15.17 17.67 17.37
C ASN C 253 15.08 19.09 17.94
N PRO C 254 16.06 19.95 17.60
CA PRO C 254 16.01 21.33 18.07
C PRO C 254 15.74 22.24 16.88
N ASN C 255 16.03 23.52 17.07
CA ASN C 255 16.10 24.44 15.95
C ASN C 255 17.41 24.24 15.19
N PHE C 256 17.66 25.12 14.23
CA PHE C 256 18.86 25.08 13.40
C PHE C 256 19.13 26.40 12.67
N LEU C 257 18.29 27.39 12.96
CA LEU C 257 18.29 28.66 12.23
C LEU C 257 19.56 29.51 12.44
N GLY C 258 19.51 30.74 11.94
CA GLY C 258 20.62 31.67 12.08
C GLY C 258 20.19 32.99 12.72
N ASN C 259 18.89 33.28 12.63
CA ASN C 259 18.32 34.44 13.29
C ASN C 259 18.42 34.24 14.80
N GLU C 260 19.63 34.39 15.34
CA GLU C 260 19.99 34.02 16.71
C GLU C 260 19.05 34.51 17.83
N ILE C 261 17.98 35.18 17.44
CA ILE C 261 16.97 35.67 18.38
C ILE C 261 15.63 35.04 18.08
N TYR C 262 15.46 34.62 16.82
CA TYR C 262 14.29 33.89 16.38
C TYR C 262 14.70 32.45 16.08
N LYS C 263 16.01 32.23 16.07
CA LYS C 263 16.60 30.90 15.93
C LYS C 263 16.06 29.90 16.95
N PRO C 264 16.10 30.23 18.26
CA PRO C 264 15.60 29.23 19.21
C PRO C 264 14.10 29.00 19.10
N PHE C 265 13.40 29.88 18.40
CA PHE C 265 11.95 29.80 18.31
C PHE C 265 11.46 28.99 17.13
N LEU C 266 11.94 27.75 17.05
CA LEU C 266 11.44 26.75 16.12
C LEU C 266 12.12 25.45 16.54
N ARG C 267 11.64 24.33 16.01
CA ARG C 267 12.30 23.05 16.24
C ARG C 267 12.44 22.33 14.90
N THR C 268 13.08 21.17 14.92
CA THR C 268 13.16 20.33 13.73
C THR C 268 11.82 19.61 13.56
N THR C 269 11.04 19.54 14.63
CA THR C 269 9.69 18.95 14.63
C THR C 269 8.69 19.83 13.89
N ASP C 270 9.10 21.06 13.58
CA ASP C 270 8.22 22.03 12.93
C ASP C 270 8.42 22.03 11.42
N CYS C 271 9.68 21.97 10.99
CA CYS C 271 10.02 21.95 9.57
C CYS C 271 9.38 20.75 8.85
N SER C 272 8.52 21.04 7.89
CA SER C 272 7.89 20.00 7.07
C SER C 272 8.94 19.32 6.18
N GLN C 273 8.56 18.22 5.54
CA GLN C 273 9.56 17.35 4.92
C GLN C 273 10.05 17.71 3.51
N VAL C 274 11.35 18.01 3.42
CA VAL C 274 12.04 18.12 2.15
C VAL C 274 11.86 16.80 1.45
N SER C 275 10.93 16.75 0.49
CA SER C 275 10.49 15.46 -0.04
C SER C 275 10.12 15.44 -1.53
N ASP C 276 10.73 14.50 -2.24
CA ASP C 276 10.33 14.20 -3.62
C ASP C 276 9.02 13.43 -3.56
N GLY C 277 8.25 13.46 -4.66
CA GLY C 277 7.03 12.68 -4.72
C GLY C 277 5.94 13.33 -5.54
N GLY C 278 5.24 12.52 -6.32
CA GLY C 278 4.15 13.01 -7.12
C GLY C 278 2.80 12.65 -6.54
N ALA C 279 1.75 13.28 -7.05
CA ALA C 279 0.40 13.05 -6.58
C ALA C 279 -0.57 13.51 -7.66
N ALA C 280 -0.98 12.58 -8.52
CA ALA C 280 -1.84 12.92 -9.65
C ALA C 280 -3.29 12.53 -9.43
N VAL C 281 -4.20 13.14 -10.19
CA VAL C 281 -5.64 12.94 -10.04
C VAL C 281 -6.39 13.13 -11.36
N ILE C 282 -7.37 12.28 -11.63
CA ILE C 282 -8.22 12.46 -12.81
C ILE C 282 -9.59 13.01 -12.40
N LEU C 283 -10.11 13.98 -13.17
CA LEU C 283 -11.38 14.61 -12.87
C LEU C 283 -12.30 14.46 -14.09
N ALA C 284 -13.61 14.54 -13.88
CA ALA C 284 -14.57 14.35 -14.97
C ALA C 284 -15.80 15.25 -14.87
N SER C 285 -16.67 15.16 -15.86
CA SER C 285 -17.92 15.91 -15.86
C SER C 285 -19.10 14.96 -15.90
N GLU C 286 -20.28 15.45 -15.55
CA GLU C 286 -21.51 14.67 -15.66
C GLU C 286 -21.69 14.28 -17.12
N GLU C 287 -21.37 15.23 -18.01
CA GLU C 287 -21.37 15.00 -19.45
C GLU C 287 -20.32 13.97 -19.81
N GLY C 288 -19.16 14.03 -19.15
CA GLY C 288 -18.11 13.06 -19.38
C GLY C 288 -18.45 11.70 -18.81
N LEU C 289 -19.24 11.69 -17.73
CA LEU C 289 -19.65 10.46 -17.05
C LEU C 289 -20.30 9.43 -17.96
N GLN C 290 -21.09 9.90 -18.92
CA GLN C 290 -21.85 9.02 -19.82
C GLN C 290 -20.94 8.15 -20.68
N LYS C 291 -19.74 8.64 -21.00
CA LYS C 291 -18.79 7.89 -21.81
C LYS C 291 -18.03 6.87 -20.95
N LEU C 292 -17.85 7.21 -19.69
CA LEU C 292 -17.20 6.32 -18.72
C LEU C 292 -17.99 5.05 -18.50
N GLY C 293 -19.31 5.14 -18.66
CA GLY C 293 -20.19 4.04 -18.32
C GLY C 293 -20.56 4.15 -16.86
N LEU C 294 -20.59 5.39 -16.38
CA LEU C 294 -20.90 5.68 -14.98
C LEU C 294 -22.15 6.55 -14.83
N SER C 295 -22.41 6.97 -13.60
CA SER C 295 -23.51 7.88 -13.27
C SER C 295 -23.12 8.58 -11.98
N PRO C 296 -23.68 9.78 -11.72
CA PRO C 296 -23.38 10.47 -10.46
C PRO C 296 -23.92 9.73 -9.24
N ASN C 297 -23.52 8.48 -9.07
CA ASN C 297 -23.96 7.64 -7.96
C ASN C 297 -22.84 6.69 -7.51
N ASP C 298 -22.01 6.32 -8.48
CA ASP C 298 -21.00 5.25 -8.36
C ASP C 298 -20.25 5.20 -7.02
N ASN C 299 -20.06 3.98 -6.52
CA ASN C 299 -19.38 3.75 -5.24
C ASN C 299 -17.86 3.82 -5.38
N ARG C 300 -17.38 4.61 -6.34
CA ARG C 300 -15.96 4.74 -6.60
C ARG C 300 -15.57 6.20 -6.77
N LEU C 301 -16.58 7.07 -6.94
CA LEU C 301 -16.33 8.49 -7.16
C LEU C 301 -16.70 9.37 -5.97
N VAL C 302 -16.13 10.58 -5.93
CA VAL C 302 -16.50 11.59 -4.95
C VAL C 302 -16.75 12.92 -5.66
N GLU C 303 -17.90 13.54 -5.38
CA GLU C 303 -18.25 14.80 -6.02
C GLU C 303 -17.67 16.02 -5.29
N ILE C 304 -17.60 17.14 -5.99
CA ILE C 304 -17.16 18.42 -5.41
C ILE C 304 -18.10 19.52 -5.91
N LYS C 305 -18.69 20.27 -4.99
CA LYS C 305 -19.67 21.30 -5.34
C LYS C 305 -19.27 22.66 -4.79
N SER C 306 -18.17 22.67 -4.03
CA SER C 306 -17.63 23.91 -3.49
C SER C 306 -16.12 23.96 -3.64
N LEU C 307 -15.64 25.04 -4.27
CA LEU C 307 -14.21 25.25 -4.47
C LEU C 307 -13.97 26.75 -4.59
N ALA C 308 -13.14 27.28 -3.70
CA ALA C 308 -12.77 28.68 -3.73
C ALA C 308 -11.26 28.83 -3.82
N SER C 309 -10.80 30.08 -3.82
CA SER C 309 -9.38 30.41 -3.89
C SER C 309 -9.23 31.87 -3.48
N ALA C 310 -8.03 32.23 -3.02
CA ALA C 310 -7.77 33.62 -2.62
C ALA C 310 -6.28 33.92 -2.66
N ALA C 311 -5.92 35.19 -2.75
CA ALA C 311 -4.53 35.61 -2.72
C ALA C 311 -4.39 36.96 -2.05
N GLY C 312 -3.45 37.09 -1.10
CA GLY C 312 -3.23 38.35 -0.42
C GLY C 312 -1.86 38.91 -0.72
N ASN C 313 -1.70 40.21 -0.51
CA ASN C 313 -0.43 40.88 -0.75
C ASN C 313 0.76 40.24 -0.01
N LEU C 314 1.88 40.08 -0.72
CA LEU C 314 3.11 39.59 -0.12
C LEU C 314 4.13 40.72 0.05
N TYR C 315 3.78 41.91 -0.46
CA TYR C 315 4.57 43.11 -0.22
C TYR C 315 4.28 43.61 1.19
N GLU C 316 3.28 43.00 1.82
CA GLU C 316 2.89 43.32 3.18
C GLU C 316 2.56 42.03 3.91
N ASP C 317 3.13 41.85 5.10
CA ASP C 317 2.84 40.66 5.90
C ASP C 317 1.75 40.96 6.92
N SER C 318 1.16 39.90 7.47
CA SER C 318 0.04 40.02 8.39
C SER C 318 0.37 40.87 9.61
N PRO C 319 -0.50 41.85 9.93
CA PRO C 319 -0.43 42.59 11.19
C PRO C 319 -0.97 41.69 12.29
N ASP C 320 -1.81 40.73 11.88
CA ASP C 320 -2.21 39.65 12.75
C ASP C 320 -1.25 38.47 12.56
N LEU C 321 -0.09 38.53 13.21
CA LEU C 321 0.87 37.44 13.22
C LEU C 321 0.25 36.23 13.93
N THR C 322 -0.88 36.47 14.57
CA THR C 322 -1.67 35.44 15.25
C THR C 322 -2.90 35.08 14.40
N ARG C 323 -2.78 35.23 13.08
CA ARG C 323 -3.89 34.93 12.16
C ARG C 323 -3.42 34.67 10.74
N MET C 324 -4.14 33.79 10.04
CA MET C 324 -3.96 33.59 8.61
C MET C 324 -5.30 33.92 7.93
N THR C 325 -5.32 34.99 7.14
CA THR C 325 -6.57 35.55 6.63
C THR C 325 -7.01 35.01 5.27
N THR C 326 -6.05 34.70 4.40
CA THR C 326 -6.32 34.25 3.05
C THR C 326 -7.03 32.89 3.00
N SER C 327 -6.71 32.02 3.96
CA SER C 327 -7.36 30.71 4.08
C SER C 327 -8.82 30.83 4.48
N MET C 328 -9.13 31.80 5.35
CA MET C 328 -10.51 32.04 5.80
C MET C 328 -11.47 32.32 4.63
N VAL C 329 -11.06 33.20 3.70
CA VAL C 329 -11.83 33.49 2.50
C VAL C 329 -12.08 32.19 1.73
N ALA C 330 -11.00 31.49 1.40
CA ALA C 330 -11.08 30.22 0.68
C ALA C 330 -11.97 29.19 1.39
N ALA C 331 -12.22 29.39 2.68
CA ALA C 331 -13.08 28.50 3.46
C ALA C 331 -14.54 28.97 3.49
N ARG C 332 -14.81 30.00 4.28
CA ARG C 332 -16.16 30.51 4.50
C ARG C 332 -16.89 30.94 3.22
N THR C 333 -16.16 31.07 2.13
CA THR C 333 -16.75 31.39 0.83
C THR C 333 -17.04 30.11 0.04
N ALA C 334 -16.11 29.15 0.10
CA ALA C 334 -16.24 27.89 -0.62
C ALA C 334 -17.49 27.11 -0.21
N LEU C 335 -17.41 26.44 0.95
CA LEU C 335 -18.50 25.65 1.50
C LEU C 335 -19.85 26.38 1.56
N SER C 336 -19.83 27.71 1.63
CA SER C 336 -21.07 28.49 1.70
C SER C 336 -21.84 28.40 0.39
N MET C 337 -21.15 28.01 -0.68
CA MET C 337 -21.77 27.66 -1.94
C MET C 337 -22.58 26.37 -1.78
N ALA C 338 -22.08 25.46 -0.95
CA ALA C 338 -22.80 24.24 -0.60
C ALA C 338 -23.43 24.35 0.78
N GLY C 339 -23.28 25.52 1.40
CA GLY C 339 -23.82 25.78 2.73
C GLY C 339 -23.50 24.74 3.79
N VAL C 340 -22.34 24.09 3.68
CA VAL C 340 -21.97 23.04 4.61
C VAL C 340 -21.66 23.56 6.01
N LYS C 341 -22.35 23.03 7.01
CA LYS C 341 -22.08 23.38 8.40
C LYS C 341 -20.79 22.72 8.85
N PRO C 342 -19.77 23.53 9.15
CA PRO C 342 -18.42 23.08 9.48
C PRO C 342 -18.39 22.03 10.60
N GLU C 343 -19.33 22.10 11.54
CA GLU C 343 -19.39 21.13 12.63
C GLU C 343 -19.86 19.75 12.15
N GLN C 344 -20.39 19.71 10.93
CA GLN C 344 -20.79 18.46 10.30
C GLN C 344 -19.63 17.81 9.57
N LEU C 345 -18.50 18.53 9.49
CA LEU C 345 -17.29 18.00 8.88
C LEU C 345 -16.86 16.75 9.62
N GLN C 346 -16.28 15.81 8.90
CA GLN C 346 -15.97 14.50 9.46
C GLN C 346 -14.48 14.19 9.36
N VAL C 347 -13.83 14.76 8.34
CA VAL C 347 -12.41 14.51 8.10
C VAL C 347 -11.81 15.64 7.26
N ALA C 348 -10.70 16.21 7.74
CA ALA C 348 -10.05 17.31 7.04
C ALA C 348 -8.60 16.99 6.70
N GLU C 349 -8.06 17.75 5.74
CA GLU C 349 -6.64 17.73 5.43
C GLU C 349 -6.20 19.17 5.22
N VAL C 350 -5.08 19.55 5.84
CA VAL C 350 -4.61 20.93 5.73
C VAL C 350 -3.18 21.00 5.20
N HIS C 351 -2.84 22.08 4.50
CA HIS C 351 -1.45 22.30 4.10
C HIS C 351 -0.73 23.09 5.18
N ASP C 352 -0.47 22.45 6.31
CA ASP C 352 0.36 23.06 7.33
C ASP C 352 1.83 22.95 6.98
N ALA C 353 2.44 24.07 6.61
CA ALA C 353 3.88 24.08 6.40
C ALA C 353 4.54 23.84 7.75
N PHE C 354 3.86 24.26 8.81
CA PHE C 354 4.37 24.10 10.17
C PHE C 354 3.26 23.79 11.17
N THR C 355 3.63 23.16 12.27
CA THR C 355 2.72 22.89 13.38
C THR C 355 2.06 24.19 13.82
N ILE C 356 2.85 25.25 13.83
CA ILE C 356 2.41 26.58 14.22
C ILE C 356 1.36 27.09 13.23
N ALA C 357 1.54 26.77 11.96
CA ALA C 357 0.56 27.10 10.92
C ALA C 357 -0.65 26.17 11.02
N GLU C 358 -0.44 24.96 11.51
CA GLU C 358 -1.49 23.96 11.68
C GLU C 358 -2.52 24.42 12.71
N LEU C 359 -2.06 25.20 13.69
CA LEU C 359 -2.92 25.69 14.78
C LEU C 359 -3.70 26.95 14.37
N LEU C 360 -3.33 27.52 13.23
CA LEU C 360 -4.05 28.65 12.64
C LEU C 360 -4.95 28.18 11.49
N MET C 361 -5.09 26.86 11.36
CA MET C 361 -5.93 26.25 10.32
C MET C 361 -7.41 26.27 10.69
N TYR C 362 -7.75 25.66 11.82
CA TYR C 362 -9.14 25.55 12.27
C TYR C 362 -9.83 26.88 12.57
N GLU C 363 -9.09 27.99 12.51
CA GLU C 363 -9.69 29.30 12.69
C GLU C 363 -10.23 29.78 11.33
N ALA C 364 -9.61 29.29 10.26
CA ALA C 364 -10.04 29.62 8.91
C ALA C 364 -11.04 28.57 8.45
N LEU C 365 -10.60 27.31 8.48
CA LEU C 365 -11.52 26.19 8.34
C LEU C 365 -12.47 26.21 9.52
N GLY C 366 -13.67 26.77 9.31
CA GLY C 366 -14.60 27.09 10.38
C GLY C 366 -15.10 25.95 11.26
N ILE C 367 -14.46 24.78 11.16
CA ILE C 367 -14.83 23.64 12.00
C ILE C 367 -14.58 23.93 13.48
N ALA C 368 -13.62 24.80 13.76
CA ALA C 368 -13.39 25.29 15.11
C ALA C 368 -13.46 26.82 15.10
N GLU C 369 -13.12 27.43 16.22
CA GLU C 369 -13.16 28.88 16.33
C GLU C 369 -11.91 29.49 16.95
N TYR C 370 -12.04 30.74 17.40
CA TYR C 370 -10.90 31.55 17.82
C TYR C 370 -10.80 31.65 19.34
N GLY C 371 -9.64 32.07 19.83
CA GLY C 371 -9.44 32.25 21.26
C GLY C 371 -8.96 31.01 21.99
N GLY C 372 -8.81 29.92 21.25
CA GLY C 372 -8.36 28.66 21.82
C GLY C 372 -7.99 27.68 20.72
N ALA C 373 -6.73 27.26 20.70
CA ALA C 373 -6.25 26.38 19.64
C ALA C 373 -5.72 25.04 20.15
N GLY C 374 -4.79 25.08 21.11
CA GLY C 374 -4.15 23.87 21.60
C GLY C 374 -4.92 23.12 22.68
N ALA C 375 -6.24 23.12 22.59
CA ALA C 375 -7.08 22.41 23.56
C ALA C 375 -8.04 21.44 22.87
N LEU C 376 -8.76 21.96 21.88
CA LEU C 376 -9.71 21.14 21.12
C LEU C 376 -9.00 20.10 20.27
N ILE C 377 -7.68 20.23 20.14
CA ILE C 377 -6.87 19.24 19.43
C ILE C 377 -6.73 17.97 20.26
N ARG C 378 -6.75 18.15 21.58
CA ARG C 378 -6.65 17.03 22.51
C ARG C 378 -8.05 16.58 22.94
N SER C 379 -9.06 17.14 22.28
CA SER C 379 -10.43 16.65 22.39
C SER C 379 -10.59 15.44 21.47
N GLY C 380 -9.51 15.07 20.78
CA GLY C 380 -9.56 13.99 19.83
C GLY C 380 -10.20 14.40 18.52
N ALA C 381 -10.36 15.70 18.32
CA ALA C 381 -10.96 16.23 17.09
C ALA C 381 -9.89 16.51 16.05
N THR C 382 -8.80 15.74 16.13
CA THR C 382 -7.72 15.79 15.16
C THR C 382 -7.22 14.36 14.94
N ALA C 383 -7.55 13.50 15.91
CA ALA C 383 -7.08 12.11 15.90
C ALA C 383 -7.95 11.20 15.05
N LEU C 384 -7.36 10.09 14.60
CA LEU C 384 -8.02 9.14 13.71
C LEU C 384 -9.19 8.43 14.39
N ASP C 385 -9.30 8.56 15.70
CA ASP C 385 -10.35 7.91 16.46
C ASP C 385 -11.29 8.92 17.11
N GLY C 386 -11.57 10.02 16.42
CA GLY C 386 -12.38 11.08 17.00
C GLY C 386 -13.34 11.81 16.08
N ARG C 387 -13.57 13.08 16.39
CA ARG C 387 -14.55 13.90 15.67
C ARG C 387 -14.13 14.20 14.23
N ILE C 388 -13.04 14.95 14.07
CA ILE C 388 -12.52 15.28 12.75
C ILE C 388 -11.02 15.04 12.66
N PRO C 389 -10.63 13.81 12.28
CA PRO C 389 -9.21 13.47 12.09
C PRO C 389 -8.59 14.26 10.95
N VAL C 390 -7.55 15.03 11.24
CA VAL C 390 -6.88 15.85 10.23
C VAL C 390 -5.43 15.43 10.01
N ASN C 391 -5.00 15.39 8.75
CA ASN C 391 -3.68 14.86 8.38
C ASN C 391 -3.45 13.46 8.95
N THR C 392 -4.33 12.53 8.60
CA THR C 392 -4.35 11.18 9.16
C THR C 392 -3.25 10.30 8.59
N GLY C 393 -2.66 10.73 7.48
CA GLY C 393 -1.54 9.99 6.90
C GLY C 393 -0.22 10.45 7.50
N GLY C 394 -0.29 11.46 8.35
CA GLY C 394 0.91 12.05 8.92
C GLY C 394 1.02 13.53 8.63
N GLY C 395 0.50 13.93 7.48
CA GLY C 395 0.57 15.32 7.07
C GLY C 395 1.97 15.72 6.64
N LEU C 396 2.16 17.02 6.41
CA LEU C 396 3.41 17.53 5.85
C LEU C 396 4.64 17.25 6.73
N LEU C 397 4.42 16.74 7.94
CA LEU C 397 5.50 16.47 8.88
C LEU C 397 6.08 15.05 8.73
N SER C 398 5.25 14.10 8.27
CA SER C 398 5.66 12.70 8.17
C SER C 398 5.21 12.04 6.87
N PHE C 399 4.13 12.55 6.28
CA PHE C 399 3.65 12.05 4.99
C PHE C 399 4.60 12.48 3.87
N GLY C 400 4.99 13.76 3.90
CA GLY C 400 5.84 14.34 2.88
C GLY C 400 5.32 15.69 2.42
N HIS C 401 6.23 16.55 1.99
CA HIS C 401 5.85 17.89 1.52
C HIS C 401 6.47 18.21 0.15
N PRO C 402 6.09 17.44 -0.89
CA PRO C 402 6.56 17.86 -2.21
C PRO C 402 5.74 19.07 -2.66
N VAL C 403 6.13 20.26 -2.17
CA VAL C 403 5.44 21.54 -2.37
C VAL C 403 4.25 21.56 -3.33
N GLY C 404 4.45 21.05 -4.54
CA GLY C 404 3.40 21.05 -5.56
C GLY C 404 2.52 19.82 -5.53
N ALA C 405 2.98 18.75 -4.90
CA ALA C 405 2.20 17.53 -4.77
C ALA C 405 1.41 17.46 -3.45
N THR C 406 1.74 18.36 -2.52
CA THR C 406 1.04 18.44 -1.25
C THR C 406 -0.37 19.01 -1.46
N GLY C 407 -0.51 19.91 -2.43
CA GLY C 407 -1.80 20.48 -2.78
C GLY C 407 -2.80 19.46 -3.28
N VAL C 408 -2.38 18.65 -4.25
CA VAL C 408 -3.25 17.64 -4.85
C VAL C 408 -3.60 16.49 -3.90
N LYS C 409 -2.61 16.01 -3.16
CA LYS C 409 -2.74 14.82 -2.34
C LYS C 409 -3.87 14.86 -1.30
N GLN C 410 -4.12 16.03 -0.72
CA GLN C 410 -5.18 16.19 0.28
C GLN C 410 -6.53 15.84 -0.32
N VAL C 411 -6.80 16.35 -1.52
CA VAL C 411 -8.01 16.07 -2.27
C VAL C 411 -8.17 14.57 -2.48
N LEU C 412 -7.03 13.86 -2.48
CA LEU C 412 -6.99 12.42 -2.59
C LEU C 412 -6.89 11.75 -1.21
N GLU C 413 -6.51 12.52 -0.21
CA GLU C 413 -6.41 12.03 1.17
C GLU C 413 -7.79 11.92 1.82
N VAL C 414 -8.71 12.77 1.38
CA VAL C 414 -10.09 12.73 1.85
C VAL C 414 -10.92 11.86 0.91
N TYR C 415 -10.30 11.46 -0.21
CA TYR C 415 -10.95 10.56 -1.16
C TYR C 415 -10.76 9.10 -0.73
N ARG C 416 -9.52 8.75 -0.38
CA ARG C 416 -9.16 7.39 0.03
C ARG C 416 -9.91 6.93 1.29
N GLN C 417 -10.18 7.85 2.21
CA GLN C 417 -10.91 7.50 3.43
C GLN C 417 -12.43 7.51 3.23
N MET C 418 -12.91 8.37 2.32
CA MET C 418 -14.33 8.47 2.02
C MET C 418 -14.79 7.30 1.16
N LYS C 419 -13.83 6.53 0.66
CA LYS C 419 -14.14 5.34 -0.15
C LYS C 419 -13.44 4.08 0.32
N GLY C 420 -12.44 4.23 1.19
CA GLY C 420 -11.80 3.09 1.82
C GLY C 420 -10.55 2.57 1.11
N GLN C 421 -9.60 3.46 0.85
CA GLN C 421 -8.37 3.07 0.15
C GLN C 421 -7.09 3.42 0.91
N CYS C 422 -7.21 4.27 1.94
CA CYS C 422 -6.06 4.58 2.78
C CYS C 422 -5.36 3.33 3.30
N GLY C 423 -6.14 2.33 3.72
CA GLY C 423 -5.59 1.10 4.27
C GLY C 423 -4.90 1.33 5.59
N GLU C 424 -4.93 0.34 6.48
CA GLU C 424 -4.35 0.48 7.80
C GLU C 424 -4.92 1.71 8.52
N TYR C 425 -4.40 2.88 8.18
CA TYR C 425 -4.95 4.13 8.70
C TYR C 425 -6.25 4.54 8.01
N GLN C 426 -7.14 3.56 7.84
CA GLN C 426 -8.50 3.83 7.37
C GLN C 426 -9.42 3.96 8.58
N MET C 427 -10.25 5.00 8.60
CA MET C 427 -11.11 5.30 9.73
C MET C 427 -12.50 4.65 9.61
N LYS C 428 -12.91 3.92 10.66
CA LYS C 428 -14.26 3.35 10.73
C LYS C 428 -15.29 4.46 10.72
N ASN C 429 -14.97 5.57 11.38
CA ASN C 429 -15.76 6.79 11.29
C ASN C 429 -15.87 7.15 9.81
N ILE C 430 -17.02 6.82 9.20
CA ILE C 430 -17.17 6.99 7.76
C ILE C 430 -17.92 8.29 7.41
N PRO C 431 -17.37 9.05 6.44
CA PRO C 431 -17.96 10.34 6.04
C PRO C 431 -18.62 10.33 4.66
N GLY C 432 -19.37 11.38 4.39
CA GLY C 432 -19.88 11.67 3.07
C GLY C 432 -19.61 13.14 2.80
N ILE C 433 -18.69 13.71 3.58
CA ILE C 433 -18.35 15.13 3.54
C ILE C 433 -16.87 15.31 3.87
N GLY C 434 -16.15 16.05 3.03
CA GLY C 434 -14.74 16.30 3.27
C GLY C 434 -14.31 17.74 2.95
N ALA C 435 -13.06 18.07 3.23
CA ALA C 435 -12.54 19.42 2.95
C ALA C 435 -11.03 19.44 2.78
N THR C 436 -10.53 20.46 2.09
CA THR C 436 -9.09 20.64 1.90
C THR C 436 -8.68 22.04 2.34
N LEU C 437 -7.36 22.26 2.49
CA LEU C 437 -6.86 23.59 2.80
C LEU C 437 -5.42 23.76 2.32
N ASN C 438 -5.24 24.52 1.25
CA ASN C 438 -3.91 24.77 0.70
C ASN C 438 -3.33 26.10 1.15
N MET C 439 -2.01 26.12 1.35
CA MET C 439 -1.31 27.30 1.85
C MET C 439 -0.43 27.90 0.76
N GLY C 440 -0.24 29.22 0.78
CA GLY C 440 0.61 29.89 -0.18
C GLY C 440 1.47 30.96 0.47
N GLY C 441 2.76 30.70 0.61
CA GLY C 441 3.67 31.63 1.26
C GLY C 441 3.38 31.81 2.74
N ASP C 442 3.16 33.05 3.16
CA ASP C 442 2.73 33.34 4.52
C ASP C 442 1.23 33.67 4.51
N ASP C 443 0.41 32.71 4.09
CA ASP C 443 -1.02 32.90 3.89
C ASP C 443 -1.25 34.00 2.86
N LYS C 444 -0.55 33.86 1.72
CA LYS C 444 -0.66 34.80 0.62
C LYS C 444 -1.40 34.15 -0.56
N THR C 445 -1.69 32.87 -0.41
CA THR C 445 -2.49 32.14 -1.39
C THR C 445 -3.16 30.96 -0.68
N ALA C 446 -4.45 30.74 -0.98
CA ALA C 446 -5.20 29.66 -0.33
C ALA C 446 -6.17 28.98 -1.29
N VAL C 447 -6.28 27.66 -1.16
CA VAL C 447 -7.23 26.87 -1.94
C VAL C 447 -7.91 25.87 -1.01
N SER C 448 -9.24 25.87 -0.97
CA SER C 448 -9.98 24.92 -0.13
C SER C 448 -11.07 24.25 -0.96
N MET C 449 -11.52 23.07 -0.52
CA MET C 449 -12.54 22.32 -1.24
C MET C 449 -13.59 21.68 -0.35
N VAL C 450 -14.65 21.17 -0.98
CA VAL C 450 -15.66 20.38 -0.29
C VAL C 450 -15.91 19.11 -1.09
N LEU C 451 -15.56 17.96 -0.50
CA LEU C 451 -15.74 16.68 -1.18
C LEU C 451 -16.96 15.96 -0.59
N THR C 452 -18.04 15.90 -1.35
CA THR C 452 -19.25 15.21 -0.92
C THR C 452 -19.42 13.88 -1.69
N ASN C 453 -19.48 12.77 -0.96
CA ASN C 453 -19.65 11.45 -1.57
C ASN C 453 -21.04 11.28 -2.16
N ILE C 454 -21.24 11.79 -3.38
CA ILE C 454 -22.49 11.61 -4.10
C ILE C 454 -22.51 10.23 -4.77
N LYS D 28 -21.74 31.91 -24.23
CA LYS D 28 -20.37 31.54 -24.59
C LYS D 28 -19.73 32.58 -25.49
N ARG D 29 -19.27 33.68 -24.90
CA ARG D 29 -18.58 34.73 -25.64
C ARG D 29 -17.43 35.35 -24.84
N VAL D 30 -16.23 35.31 -25.42
CA VAL D 30 -15.03 35.88 -24.78
C VAL D 30 -14.71 37.24 -25.42
N PHE D 31 -14.44 38.24 -24.59
CA PHE D 31 -14.20 39.60 -25.10
C PHE D 31 -12.84 40.16 -24.73
N VAL D 32 -12.37 41.14 -25.50
CA VAL D 32 -11.21 41.95 -25.13
C VAL D 32 -11.70 43.39 -24.99
N VAL D 33 -11.30 44.05 -23.91
CA VAL D 33 -11.78 45.41 -23.63
C VAL D 33 -10.65 46.42 -23.45
N GLY D 34 -9.41 45.94 -23.41
CA GLY D 34 -8.26 46.81 -23.29
C GLY D 34 -6.99 46.13 -22.82
N GLY D 35 -6.01 46.93 -22.41
CA GLY D 35 -4.72 46.41 -21.98
C GLY D 35 -3.59 47.30 -22.45
N HIS D 36 -2.68 47.63 -21.53
CA HIS D 36 -1.53 48.47 -21.86
C HIS D 36 -0.24 47.68 -21.88
N ILE D 37 0.58 47.94 -22.90
CA ILE D 37 1.89 47.32 -23.04
C ILE D 37 3.02 48.30 -22.67
N THR D 38 4.01 47.82 -21.92
CA THR D 38 5.11 48.65 -21.43
C THR D 38 6.20 48.86 -22.48
N THR D 39 7.13 49.74 -22.17
CA THR D 39 8.34 49.91 -22.98
C THR D 39 9.22 48.67 -22.75
N PHE D 40 9.78 48.11 -23.83
CA PHE D 40 10.65 46.95 -23.69
C PHE D 40 12.11 47.39 -23.79
N VAL D 41 12.95 46.88 -22.88
CA VAL D 41 14.34 47.33 -22.78
C VAL D 41 15.35 46.18 -22.89
N GLY D 42 16.63 46.52 -22.83
CA GLY D 42 17.70 45.55 -22.93
C GLY D 42 18.93 46.19 -23.54
N LYS D 43 19.99 45.41 -23.77
CA LYS D 43 21.13 45.92 -24.53
C LYS D 43 20.71 46.11 -25.97
N GLY D 44 21.10 47.24 -26.56
CA GLY D 44 20.68 47.56 -27.90
C GLY D 44 19.62 48.66 -27.90
N SER D 45 18.88 48.71 -26.80
CA SER D 45 17.95 49.81 -26.56
C SER D 45 18.61 50.78 -25.59
N PRO D 46 18.83 52.04 -26.05
CA PRO D 46 19.49 53.09 -25.28
C PRO D 46 18.77 53.43 -23.98
N LEU D 47 17.59 52.83 -23.78
CA LEU D 47 16.88 52.90 -22.51
C LEU D 47 17.48 51.93 -21.50
N PHE D 48 18.76 51.60 -21.68
CA PHE D 48 19.45 50.69 -20.77
C PHE D 48 20.19 51.50 -19.72
N ILE D 49 20.19 50.98 -18.50
CA ILE D 49 20.93 51.60 -17.40
C ILE D 49 22.09 50.70 -17.00
N LYS D 59 21.79 53.94 -12.64
CA LYS D 59 20.67 53.82 -11.72
C LYS D 59 20.40 52.34 -11.41
N GLU D 60 19.28 52.07 -10.75
CA GLU D 60 18.86 50.69 -10.50
C GLU D 60 17.75 50.35 -11.48
N ASN D 61 18.04 49.45 -12.43
CA ASN D 61 17.11 49.14 -13.52
C ASN D 61 15.72 48.72 -13.05
N LYS D 62 14.74 48.83 -13.93
CA LYS D 62 13.35 48.47 -13.62
C LYS D 62 13.21 47.03 -13.14
N THR D 63 12.57 46.86 -11.99
CA THR D 63 12.40 45.54 -11.37
C THR D 63 11.12 44.83 -11.82
N LEU D 64 11.08 43.51 -11.66
CA LEU D 64 9.92 42.70 -12.02
C LEU D 64 8.69 43.14 -11.26
N GLU D 65 8.92 43.62 -10.04
CA GLU D 65 7.85 44.20 -9.20
C GLU D 65 7.33 45.49 -9.83
N GLU D 66 8.24 46.26 -10.44
CA GLU D 66 7.91 47.49 -11.15
C GLU D 66 7.36 47.20 -12.55
N LEU D 67 7.96 46.21 -13.20
CA LEU D 67 7.55 45.82 -14.55
C LEU D 67 6.08 45.40 -14.58
N LEU D 68 5.60 44.81 -13.49
CA LEU D 68 4.19 44.45 -13.36
C LEU D 68 3.37 45.64 -12.84
N ALA D 69 4.04 46.57 -12.18
CA ALA D 69 3.39 47.77 -11.68
C ALA D 69 2.93 48.65 -12.84
N GLU D 70 3.84 48.91 -13.79
CA GLU D 70 3.53 49.64 -15.01
C GLU D 70 2.44 48.92 -15.83
N SER D 71 2.59 47.60 -15.96
CA SER D 71 1.75 46.78 -16.85
C SER D 71 0.27 46.76 -16.50
N ILE D 72 -0.07 46.70 -15.21
CA ILE D 72 -1.44 46.50 -14.75
C ILE D 72 -2.17 47.82 -14.43
N ASN D 73 -1.49 48.76 -13.77
CA ASN D 73 -2.06 50.08 -13.51
C ASN D 73 -2.48 50.76 -14.81
N GLY D 74 -1.72 50.53 -15.88
CA GLY D 74 -2.09 51.04 -17.18
C GLY D 74 -3.10 50.16 -17.89
N ALA D 75 -3.11 48.87 -17.56
CA ALA D 75 -4.11 47.97 -18.10
C ALA D 75 -5.49 48.31 -17.54
N LEU D 76 -5.53 48.65 -16.25
CA LEU D 76 -6.74 49.12 -15.61
C LEU D 76 -7.19 50.44 -16.26
N GLN D 77 -6.28 51.40 -16.32
CA GLN D 77 -6.56 52.78 -16.76
C GLN D 77 -7.34 52.88 -18.08
N ASN D 78 -6.87 52.17 -19.11
CA ASN D 78 -7.58 52.10 -20.39
C ASN D 78 -9.04 51.73 -20.19
N THR D 79 -9.28 50.59 -19.53
CA THR D 79 -10.62 50.15 -19.16
C THR D 79 -11.28 51.19 -18.26
N GLY D 80 -12.61 51.28 -18.32
CA GLY D 80 -13.34 52.28 -17.56
C GLY D 80 -13.26 52.09 -16.04
N LEU D 81 -12.03 52.07 -15.51
CA LEU D 81 -11.80 51.85 -14.08
C LEU D 81 -10.30 52.07 -13.76
N HIS D 82 -10.02 52.82 -12.70
CA HIS D 82 -8.64 53.09 -12.29
C HIS D 82 -8.53 53.29 -10.78
N ASP D 83 -9.67 53.18 -10.10
CA ASP D 83 -9.75 53.36 -8.65
C ASP D 83 -10.44 52.16 -8.00
N GLY D 84 -11.27 52.42 -6.98
CA GLY D 84 -12.01 51.38 -6.31
C GLY D 84 -12.88 50.55 -7.24
N ARG D 85 -13.06 51.06 -8.46
CA ARG D 85 -13.69 50.31 -9.53
C ARG D 85 -12.74 49.23 -10.07
N ALA D 86 -11.69 48.94 -9.31
CA ALA D 86 -10.88 47.76 -9.56
C ALA D 86 -11.64 46.58 -8.99
N ALA D 87 -12.22 46.79 -7.80
CA ALA D 87 -12.98 45.77 -7.10
C ALA D 87 -14.18 45.27 -7.93
N LEU D 88 -13.86 44.53 -8.98
CA LEU D 88 -14.84 43.93 -9.88
C LEU D 88 -14.09 42.99 -10.81
N VAL D 89 -12.76 43.09 -10.76
CA VAL D 89 -11.88 42.15 -11.44
C VAL D 89 -11.97 40.82 -10.69
N ASP D 90 -12.69 39.88 -11.28
CA ASP D 90 -12.98 38.61 -10.62
C ASP D 90 -11.80 37.64 -10.58
N LYS D 91 -11.11 37.47 -11.70
CA LYS D 91 -10.00 36.52 -11.78
C LYS D 91 -8.69 37.17 -12.23
N LEU D 92 -7.59 36.75 -11.61
CA LEU D 92 -6.26 37.22 -11.96
C LEU D 92 -5.41 36.05 -12.44
N VAL D 93 -4.79 36.19 -13.61
CA VAL D 93 -3.86 35.16 -14.10
C VAL D 93 -2.51 35.78 -14.43
N VAL D 94 -1.43 35.15 -13.96
CA VAL D 94 -0.08 35.64 -14.25
C VAL D 94 0.62 34.72 -15.24
N GLY D 95 1.04 35.27 -16.37
CA GLY D 95 1.73 34.49 -17.37
C GLY D 95 3.23 34.72 -17.34
N ASN D 96 3.83 34.58 -16.16
CA ASN D 96 5.28 34.68 -16.05
C ASN D 96 5.92 33.32 -16.30
N PHE D 97 7.08 33.32 -16.95
CA PHE D 97 7.80 32.09 -17.26
C PHE D 97 9.00 31.90 -16.33
N LEU D 98 9.70 33.00 -16.06
CA LEU D 98 10.87 32.94 -15.19
C LEU D 98 11.00 34.16 -14.28
N GLY D 99 11.39 33.90 -13.04
CA GLY D 99 11.56 34.93 -12.05
C GLY D 99 12.14 34.27 -10.79
N GLU D 100 12.06 32.95 -10.76
CA GLU D 100 12.63 32.16 -9.68
C GLU D 100 14.15 32.30 -9.63
N LEU D 101 14.74 32.82 -10.72
CA LEU D 101 16.17 33.10 -10.74
C LEU D 101 16.50 34.45 -11.39
N PHE D 102 15.63 34.92 -12.28
CA PHE D 102 15.77 36.25 -12.87
C PHE D 102 15.56 37.34 -11.82
N SER D 103 14.69 37.06 -10.87
CA SER D 103 14.50 37.93 -9.72
C SER D 103 14.54 37.12 -8.44
N SER D 104 15.02 35.87 -8.55
CA SER D 104 15.07 34.94 -7.43
C SER D 104 13.79 34.98 -6.59
N GLN D 105 12.64 34.87 -7.26
CA GLN D 105 11.33 35.04 -6.61
C GLN D 105 10.17 34.61 -7.50
N GLY D 106 9.26 33.81 -6.94
CA GLY D 106 8.08 33.38 -7.67
C GLY D 106 6.80 33.79 -6.98
N HIS D 107 5.77 32.96 -7.07
CA HIS D 107 4.47 33.22 -6.46
C HIS D 107 3.93 34.59 -6.90
N LEU D 108 3.87 34.79 -8.21
CA LEU D 108 3.51 36.08 -8.78
C LEU D 108 1.99 36.29 -8.82
N GLY D 109 1.23 35.27 -8.45
CA GLY D 109 -0.21 35.40 -8.37
C GLY D 109 -0.65 36.50 -7.42
N PRO D 110 -0.36 36.33 -6.12
CA PRO D 110 -0.64 37.35 -5.09
C PRO D 110 0.26 38.58 -5.22
N ALA D 111 1.31 38.50 -6.03
CA ALA D 111 2.13 39.66 -6.32
C ALA D 111 1.35 40.65 -7.18
N ALA D 112 0.44 40.12 -7.99
CA ALA D 112 -0.49 40.94 -8.76
C ALA D 112 -1.50 41.62 -7.85
N VAL D 113 -1.89 40.91 -6.79
CA VAL D 113 -2.75 41.47 -5.76
C VAL D 113 -2.04 42.60 -5.04
N GLY D 114 -0.72 42.46 -4.88
CA GLY D 114 0.08 43.41 -4.13
C GLY D 114 0.30 44.79 -4.74
N SER D 115 0.85 44.82 -5.96
CA SER D 115 1.27 46.08 -6.57
C SER D 115 0.13 46.96 -7.08
N LEU D 116 -0.61 47.56 -6.14
CA LEU D 116 -1.54 48.64 -6.48
C LEU D 116 -1.03 49.93 -5.82
N SER D 117 -0.47 49.78 -4.63
CA SER D 117 0.10 50.90 -3.88
C SER D 117 1.61 50.96 -4.09
N ASN D 120 -5.06 55.35 -0.94
CA ASN D 120 -6.36 55.01 -1.49
C ASN D 120 -6.27 54.02 -2.64
N SER D 121 -5.06 53.57 -2.98
CA SER D 121 -4.91 52.66 -4.11
C SER D 121 -4.17 51.37 -3.72
N SER D 122 -4.82 50.53 -2.92
CA SER D 122 -4.29 49.24 -2.53
C SER D 122 -5.42 48.26 -2.26
N ALA D 123 -6.62 48.81 -2.11
CA ALA D 123 -7.83 48.01 -1.90
C ALA D 123 -8.21 47.23 -3.16
N PHE D 124 -8.15 45.90 -3.05
CA PHE D 124 -8.30 45.00 -4.20
C PHE D 124 -8.17 43.54 -3.76
N LEU D 125 -7.61 43.35 -2.57
CA LEU D 125 -7.10 42.05 -2.12
C LEU D 125 -8.09 40.88 -2.06
N ASN D 126 -7.55 39.68 -1.84
CA ASN D 126 -8.33 38.47 -1.59
C ASN D 126 -9.19 38.01 -2.76
N LYS D 127 -8.58 38.03 -3.95
CA LYS D 127 -9.22 37.54 -5.17
C LYS D 127 -8.31 36.45 -5.75
N PRO D 128 -8.91 35.47 -6.43
CA PRO D 128 -8.12 34.35 -6.95
C PRO D 128 -7.05 34.82 -7.92
N ALA D 129 -5.87 34.21 -7.83
CA ALA D 129 -4.75 34.57 -8.69
C ALA D 129 -3.80 33.39 -8.87
N VAL D 130 -3.57 33.01 -10.12
CA VAL D 130 -2.66 31.91 -10.40
C VAL D 130 -1.47 32.41 -11.23
N ARG D 131 -0.42 31.61 -11.31
CA ARG D 131 0.70 31.87 -12.19
C ARG D 131 0.81 30.67 -13.11
N VAL D 132 1.00 30.90 -14.41
CA VAL D 132 1.13 29.80 -15.36
C VAL D 132 2.49 29.81 -16.04
N GLU D 133 2.86 28.68 -16.66
CA GLU D 133 4.12 28.59 -17.38
C GLU D 133 4.01 27.59 -18.54
N GLY D 134 4.58 27.97 -19.68
CA GLY D 134 4.60 27.11 -20.85
C GLY D 134 5.76 27.55 -21.72
N ALA D 135 6.92 27.71 -21.08
CA ALA D 135 8.09 28.29 -21.71
C ALA D 135 7.77 29.67 -22.29
N CYS D 136 7.53 29.70 -23.60
CA CYS D 136 7.30 30.95 -24.30
C CYS D 136 5.82 31.32 -24.38
N ALA D 137 4.96 30.32 -24.55
CA ALA D 137 3.52 30.56 -24.66
C ALA D 137 2.87 30.83 -23.30
N SER D 138 3.67 31.24 -22.32
CA SER D 138 3.18 31.53 -20.97
C SER D 138 2.09 32.61 -20.94
N GLY D 139 2.06 33.45 -21.96
CA GLY D 139 1.03 34.47 -22.07
C GLY D 139 -0.31 33.94 -22.52
N GLY D 140 -0.34 33.28 -23.68
CA GLY D 140 -1.55 32.70 -24.21
C GLY D 140 -2.20 31.70 -23.26
N LEU D 141 -1.36 31.00 -22.49
CA LEU D 141 -1.85 30.06 -21.49
C LEU D 141 -2.56 30.80 -20.35
N ALA D 142 -2.02 31.96 -19.99
CA ALA D 142 -2.64 32.81 -18.99
C ALA D 142 -4.02 33.27 -19.43
N VAL D 143 -4.09 33.79 -20.66
CA VAL D 143 -5.38 34.18 -21.24
C VAL D 143 -6.32 32.98 -21.29
N GLN D 144 -5.77 31.80 -21.60
CA GLN D 144 -6.54 30.56 -21.62
C GLN D 144 -7.17 30.28 -20.26
N SER D 145 -6.42 30.56 -19.19
CA SER D 145 -6.92 30.37 -17.83
C SER D 145 -8.12 31.26 -17.51
N ALA D 146 -8.05 32.52 -17.93
CA ALA D 146 -9.17 33.45 -17.77
C ALA D 146 -10.29 33.07 -18.74
N TRP D 147 -9.92 32.69 -19.97
CA TRP D 147 -10.82 32.13 -20.95
C TRP D 147 -11.61 31.00 -20.34
N GLU D 148 -10.90 30.03 -19.77
CA GLU D 148 -11.52 28.93 -19.03
C GLU D 148 -12.34 29.46 -17.86
N ALA D 149 -11.77 30.43 -17.14
CA ALA D 149 -12.44 31.01 -15.97
C ALA D 149 -13.74 31.72 -16.37
N LEU D 150 -13.77 32.24 -17.60
CA LEU D 150 -14.94 32.99 -18.08
C LEU D 150 -16.16 32.10 -18.30
N LEU D 151 -16.05 31.17 -19.25
CA LEU D 151 -17.15 30.27 -19.62
C LEU D 151 -17.63 29.41 -18.45
N ALA D 152 -16.74 29.16 -17.47
CA ALA D 152 -17.08 28.34 -16.31
C ALA D 152 -18.06 29.00 -15.36
N GLY D 153 -17.94 30.31 -15.22
CA GLY D 153 -18.70 31.04 -14.22
C GLY D 153 -17.87 31.21 -12.96
N THR D 154 -16.60 30.82 -13.04
CA THR D 154 -15.63 31.08 -11.99
C THR D 154 -15.54 32.58 -11.77
N SER D 155 -15.47 33.30 -12.88
CA SER D 155 -15.32 34.74 -12.89
C SER D 155 -16.19 35.39 -13.96
N GLN D 156 -16.43 36.69 -13.82
CA GLN D 156 -17.24 37.43 -14.79
C GLN D 156 -16.38 38.43 -15.56
N ILE D 157 -15.46 39.08 -14.84
CA ILE D 157 -14.51 40.01 -15.45
C ILE D 157 -13.10 39.71 -14.95
N ALA D 158 -12.23 39.22 -15.83
CA ALA D 158 -10.90 38.79 -15.44
C ALA D 158 -9.77 39.56 -16.12
N LEU D 159 -8.56 39.39 -15.60
CA LEU D 159 -7.37 40.04 -16.12
C LEU D 159 -6.28 39.00 -16.34
N ALA D 160 -5.49 39.18 -17.40
CA ALA D 160 -4.31 38.36 -17.63
C ALA D 160 -3.10 39.27 -17.75
N VAL D 161 -1.95 38.83 -17.24
CA VAL D 161 -0.76 39.68 -17.26
C VAL D 161 0.53 38.90 -17.55
N GLY D 162 1.18 39.27 -18.66
CA GLY D 162 2.47 38.70 -19.00
C GLY D 162 3.58 39.67 -18.67
N VAL D 163 4.77 39.14 -18.40
CA VAL D 163 5.91 39.94 -17.98
C VAL D 163 7.15 39.06 -17.95
N GLU D 164 8.33 39.68 -17.94
CA GLU D 164 9.60 38.95 -17.83
C GLU D 164 10.75 39.92 -17.56
N VAL D 165 11.86 39.41 -17.03
CA VAL D 165 13.07 40.20 -16.83
C VAL D 165 14.30 39.38 -17.23
N GLN D 166 14.82 39.59 -18.44
CA GLN D 166 16.02 38.88 -18.86
C GLN D 166 17.28 39.74 -18.78
N THR D 167 17.11 41.03 -18.49
CA THR D 167 18.24 41.92 -18.25
C THR D 167 18.62 41.89 -16.77
N THR D 168 19.48 40.93 -16.41
CA THR D 168 19.97 40.81 -15.05
C THR D 168 21.48 40.66 -15.07
N VAL D 169 21.93 39.59 -15.70
CA VAL D 169 23.35 39.27 -15.80
C VAL D 169 23.73 38.64 -17.14
N SER D 170 24.82 37.86 -17.12
CA SER D 170 25.44 37.28 -18.33
C SER D 170 24.49 36.71 -19.40
N ALA D 171 24.85 36.91 -20.66
CA ALA D 171 24.01 36.50 -21.80
C ALA D 171 24.09 35.01 -22.10
N ARG D 172 25.29 34.44 -21.97
CA ARG D 172 25.48 33.00 -22.14
C ARG D 172 24.89 32.22 -20.96
N VAL D 173 24.77 32.90 -19.82
CA VAL D 173 24.15 32.34 -18.62
C VAL D 173 22.61 32.36 -18.73
N GLY D 174 22.09 33.38 -19.41
CA GLY D 174 20.65 33.51 -19.60
C GLY D 174 20.04 32.37 -20.40
N GLY D 175 20.78 31.88 -21.40
CA GLY D 175 20.33 30.75 -22.19
C GLY D 175 20.29 29.46 -21.40
N ASP D 176 21.15 29.37 -20.39
CA ASP D 176 21.16 28.24 -19.46
C ASP D 176 19.83 28.16 -18.72
N TYR D 177 19.18 29.32 -18.54
CA TYR D 177 17.92 29.39 -17.82
C TYR D 177 16.74 29.36 -18.80
N LEU D 178 17.03 29.25 -20.09
CA LEU D 178 15.98 29.16 -21.09
C LEU D 178 15.87 27.73 -21.60
N ALA D 179 16.84 26.90 -21.21
CA ALA D 179 16.81 25.47 -21.50
C ALA D 179 15.79 24.79 -20.60
N ARG D 180 15.03 25.59 -19.85
CA ARG D 180 13.97 25.10 -18.99
C ARG D 180 12.70 24.99 -19.86
N ALA D 181 12.90 24.72 -21.14
CA ALA D 181 11.83 24.59 -22.11
C ALA D 181 12.04 23.28 -22.87
N ALA D 182 13.25 22.74 -22.76
CA ALA D 182 13.63 21.51 -23.45
C ALA D 182 14.47 20.62 -22.52
N HIS D 183 14.76 19.40 -22.96
CA HIS D 183 15.49 18.46 -22.11
C HIS D 183 16.90 18.90 -21.75
N TYR D 184 17.04 19.61 -20.64
CA TYR D 184 18.34 20.00 -20.11
C TYR D 184 19.23 18.77 -19.93
N LYS D 185 18.60 17.62 -19.67
CA LYS D 185 19.32 16.37 -19.46
C LYS D 185 19.76 15.74 -20.78
N ARG D 186 19.06 16.11 -21.86
CA ARG D 186 19.33 15.55 -23.18
C ARG D 186 19.79 16.64 -24.16
N GLN D 187 19.54 17.89 -23.82
CA GLN D 187 19.91 19.02 -24.67
C GLN D 187 20.53 20.16 -23.87
N ARG D 188 21.72 19.91 -23.32
CA ARG D 188 22.54 20.94 -22.68
C ARG D 188 23.99 20.61 -23.00
N GLN D 189 24.26 19.32 -23.17
CA GLN D 189 25.58 18.83 -23.57
C GLN D 189 25.93 19.26 -25.01
N LEU D 190 25.19 20.24 -25.53
CA LEU D 190 25.44 20.81 -26.84
C LEU D 190 26.34 22.05 -26.74
N ASP D 191 25.94 22.99 -25.89
CA ASP D 191 26.58 24.29 -25.80
C ASP D 191 26.04 25.11 -24.62
N ASP D 192 26.71 26.20 -24.28
CA ASP D 192 26.19 27.13 -23.29
C ASP D 192 25.14 28.02 -23.96
N PHE D 193 25.10 27.96 -25.28
CA PHE D 193 24.02 28.54 -26.06
C PHE D 193 23.25 27.40 -26.70
N THR D 194 22.50 26.67 -25.89
CA THR D 194 21.81 25.47 -26.36
C THR D 194 20.41 25.76 -26.92
N PHE D 195 19.79 26.85 -26.47
CA PHE D 195 18.45 27.20 -26.91
C PHE D 195 18.33 27.52 -28.41
N PRO D 196 19.16 28.43 -28.94
CA PRO D 196 18.97 28.73 -30.37
C PRO D 196 19.50 27.63 -31.28
N CYS D 197 20.02 26.54 -30.71
CA CYS D 197 20.56 25.44 -31.50
C CYS D 197 19.48 24.58 -32.17
N LEU D 198 18.31 24.48 -31.54
CA LEU D 198 17.16 23.76 -32.10
C LEU D 198 16.85 24.26 -33.51
N PHE D 199 17.10 25.54 -33.74
CA PHE D 199 16.84 26.17 -35.01
C PHE D 199 18.12 26.29 -35.81
N ALA D 200 19.25 26.47 -35.12
CA ALA D 200 20.56 26.50 -35.75
C ALA D 200 20.85 25.18 -36.48
N ARG D 201 20.20 24.12 -36.03
CA ARG D 201 20.25 22.80 -36.66
C ARG D 201 19.13 22.70 -37.70
N ARG D 202 17.99 23.29 -37.38
CA ARG D 202 16.88 23.42 -38.32
C ARG D 202 17.25 24.40 -39.42
N MET D 203 18.25 25.23 -39.16
CA MET D 203 18.77 26.17 -40.16
C MET D 203 19.47 25.40 -41.27
N LYS D 204 20.15 24.33 -40.91
CA LYS D 204 20.82 23.47 -41.88
C LYS D 204 19.88 22.37 -42.38
N ALA D 205 18.99 21.92 -41.51
CA ALA D 205 18.00 20.91 -41.87
C ALA D 205 17.08 21.42 -42.98
N ILE D 206 16.81 22.73 -42.97
CA ILE D 206 15.97 23.35 -43.99
C ILE D 206 16.75 23.70 -45.26
N GLN D 207 18.05 23.93 -45.12
CA GLN D 207 18.91 24.18 -46.27
C GLN D 207 19.06 22.89 -47.06
N GLU D 208 18.89 21.77 -46.34
CA GLU D 208 18.85 20.46 -46.96
C GLU D 208 17.42 20.15 -47.40
N ALA D 209 16.74 21.15 -47.94
CA ALA D 209 15.35 21.00 -48.38
C ALA D 209 14.99 22.08 -49.39
N GLY D 210 13.85 21.90 -50.06
CA GLY D 210 13.37 22.85 -51.03
C GLY D 210 12.10 23.53 -50.58
N HIS D 211 12.04 23.90 -49.29
CA HIS D 211 10.89 24.61 -48.76
C HIS D 211 11.24 26.09 -48.67
N PHE D 212 12.40 26.39 -48.10
CA PHE D 212 12.93 27.75 -48.09
C PHE D 212 14.44 27.78 -47.80
N THR D 213 15.08 28.90 -48.13
CA THR D 213 16.53 29.01 -48.08
C THR D 213 17.02 29.88 -46.92
N MET D 214 18.34 29.93 -46.74
CA MET D 214 18.94 30.79 -45.71
C MET D 214 18.75 32.25 -46.08
N GLU D 215 18.48 32.50 -47.36
CA GLU D 215 18.32 33.84 -47.90
C GLU D 215 16.91 34.33 -47.64
N ASP D 216 15.98 33.39 -47.48
CA ASP D 216 14.60 33.69 -47.14
C ASP D 216 14.50 34.10 -45.68
N ALA D 217 15.44 33.60 -44.87
CA ALA D 217 15.52 33.97 -43.45
C ALA D 217 16.14 35.35 -43.27
N ALA D 218 16.45 36.02 -44.37
CA ALA D 218 17.08 37.34 -44.34
C ALA D 218 16.06 38.47 -44.49
N TYR D 219 15.15 38.30 -45.44
CA TYR D 219 14.09 39.28 -45.70
C TYR D 219 13.12 39.44 -44.53
N VAL D 220 13.29 38.60 -43.51
CA VAL D 220 12.46 38.64 -42.31
C VAL D 220 12.89 39.74 -41.35
N ALA D 221 14.14 39.65 -40.90
CA ALA D 221 14.69 40.57 -39.89
C ALA D 221 14.61 42.04 -40.30
N ALA D 222 15.13 42.37 -41.48
CA ALA D 222 15.06 43.73 -42.01
C ALA D 222 13.63 44.26 -41.95
N LYS D 223 12.69 43.49 -42.50
CA LYS D 223 11.27 43.78 -42.40
C LYS D 223 10.81 43.91 -40.95
N ALA D 224 11.24 42.98 -40.11
CA ALA D 224 10.88 43.00 -38.69
C ALA D 224 11.54 44.15 -37.96
N TYR D 225 12.85 44.34 -38.20
CA TYR D 225 13.57 45.47 -37.63
C TYR D 225 12.98 46.79 -38.12
N ALA D 226 12.48 46.81 -39.34
CA ALA D 226 11.82 48.00 -39.89
C ALA D 226 10.53 48.30 -39.14
N SER D 227 9.70 47.28 -38.96
CA SER D 227 8.43 47.43 -38.25
C SER D 227 8.68 47.85 -36.80
N GLY D 228 9.81 47.44 -36.25
CA GLY D 228 10.21 47.85 -34.91
C GLY D 228 10.66 49.30 -34.89
N ASN D 229 11.08 49.82 -36.03
CA ASN D 229 11.41 51.24 -36.16
C ASN D 229 10.17 52.12 -36.18
N ARG D 230 9.02 51.51 -36.49
CA ARG D 230 7.75 52.22 -36.50
C ARG D 230 7.15 52.30 -35.09
N ASN D 231 7.41 51.28 -34.29
CA ASN D 231 6.93 51.22 -32.91
C ASN D 231 7.76 52.07 -31.95
N PRO D 232 7.11 53.02 -31.25
CA PRO D 232 7.74 53.88 -30.25
C PRO D 232 8.44 53.09 -29.14
N LEU D 233 7.71 52.20 -28.48
CA LEU D 233 8.21 51.46 -27.32
C LEU D 233 8.99 50.19 -27.68
N ALA D 234 9.38 50.07 -28.96
CA ALA D 234 10.14 48.90 -29.41
C ALA D 234 11.51 48.82 -28.74
N HIS D 235 11.90 47.60 -28.36
CA HIS D 235 13.23 47.32 -27.83
C HIS D 235 14.27 47.79 -28.83
N MET D 236 14.39 47.08 -29.94
CA MET D 236 15.30 47.48 -30.99
C MET D 236 14.59 48.42 -31.97
N HIS D 237 14.21 49.58 -31.45
CA HIS D 237 13.49 50.60 -32.20
C HIS D 237 14.44 51.38 -33.08
N ALA D 238 15.61 51.72 -32.52
CA ALA D 238 16.55 52.59 -33.20
C ALA D 238 17.58 51.84 -34.05
N ARG D 239 17.10 50.89 -34.86
CA ARG D 239 17.99 50.19 -35.78
C ARG D 239 17.26 49.57 -36.97
N LYS D 240 17.98 49.49 -38.09
CA LYS D 240 17.46 48.98 -39.36
C LYS D 240 18.63 48.95 -40.33
N VAL D 241 18.82 47.84 -41.04
CA VAL D 241 19.91 47.73 -41.99
C VAL D 241 19.42 47.24 -43.36
N THR D 242 20.36 47.11 -44.30
CA THR D 242 20.07 46.60 -45.63
C THR D 242 19.81 45.09 -45.57
N LEU D 243 18.95 44.60 -46.47
CA LEU D 243 18.69 43.17 -46.63
C LEU D 243 20.00 42.39 -46.76
N ASP D 244 20.93 42.91 -47.56
CA ASP D 244 22.23 42.29 -47.77
C ASP D 244 23.01 42.08 -46.46
N PHE D 245 22.56 42.70 -45.39
CA PHE D 245 23.18 42.59 -44.08
C PHE D 245 22.43 41.61 -43.17
N CYS D 246 21.11 41.53 -43.38
CA CYS D 246 20.29 40.53 -42.68
C CYS D 246 20.49 39.16 -43.32
N THR D 247 21.17 39.14 -44.46
CA THR D 247 21.73 37.92 -45.03
C THR D 247 23.05 37.69 -44.31
N GLN D 248 23.81 36.70 -44.76
CA GLN D 248 25.18 36.54 -44.28
C GLN D 248 26.08 37.59 -44.96
N ALA D 249 27.35 37.26 -45.15
CA ALA D 249 28.36 38.22 -45.60
C ALA D 249 28.51 39.36 -44.60
N SER D 250 28.05 39.13 -43.38
CA SER D 250 28.09 40.12 -42.32
C SER D 250 29.13 39.77 -41.25
N ASP D 251 29.25 40.63 -40.25
CA ASP D 251 30.16 40.42 -39.13
C ASP D 251 29.63 41.14 -37.88
N LYS D 252 28.97 42.27 -38.10
CA LYS D 252 28.32 43.01 -37.02
C LYS D 252 27.09 42.24 -36.55
N ASN D 253 26.46 41.53 -37.47
CA ASN D 253 25.34 40.64 -37.15
C ASN D 253 25.62 39.24 -37.67
N PRO D 254 26.48 38.47 -36.96
CA PRO D 254 26.76 37.10 -37.36
C PRO D 254 26.13 36.15 -36.38
N ASN D 255 26.59 34.91 -36.40
CA ASN D 255 26.31 33.98 -35.33
C ASN D 255 27.17 34.29 -34.11
N PHE D 256 27.10 33.41 -33.11
CA PHE D 256 27.86 33.56 -31.87
C PHE D 256 27.95 32.26 -31.08
N LEU D 257 27.40 31.19 -31.64
CA LEU D 257 27.24 29.91 -30.95
C LEU D 257 28.55 29.20 -30.62
N GLY D 258 28.44 27.96 -30.15
CA GLY D 258 29.59 27.15 -29.82
C GLY D 258 29.59 25.82 -30.55
N ASN D 259 28.41 25.39 -30.98
CA ASN D 259 28.26 24.20 -31.80
C ASN D 259 28.94 24.43 -33.15
N GLU D 260 30.27 24.41 -33.14
CA GLU D 260 31.11 24.84 -34.27
C GLU D 260 30.75 24.30 -35.66
N ILE D 261 29.68 23.51 -35.73
CA ILE D 261 29.20 22.94 -36.98
C ILE D 261 27.79 23.43 -37.25
N TYR D 262 27.10 23.80 -36.19
CA TYR D 262 25.77 24.40 -36.26
C TYR D 262 25.89 25.86 -35.84
N LYS D 263 27.05 26.21 -35.32
CA LYS D 263 27.40 27.60 -34.98
C LYS D 263 27.22 28.56 -36.15
N PRO D 264 27.81 28.26 -37.33
CA PRO D 264 27.64 29.23 -38.41
C PRO D 264 26.20 29.31 -38.92
N PHE D 265 25.38 28.34 -38.55
CA PHE D 265 24.01 28.27 -39.05
C PHE D 265 23.00 29.01 -38.16
N LEU D 266 23.29 30.28 -37.93
CA LEU D 266 22.37 31.21 -37.30
C LEU D 266 23.02 32.59 -37.44
N ARG D 267 22.26 33.64 -37.16
CA ARG D 267 22.81 34.97 -37.13
C ARG D 267 22.34 35.69 -35.87
N THR D 268 22.82 36.91 -35.65
CA THR D 268 22.32 37.73 -34.56
C THR D 268 20.96 38.31 -34.94
N THR D 269 20.68 38.32 -36.25
CA THR D 269 19.39 38.76 -36.79
C THR D 269 18.27 37.76 -36.50
N ASP D 270 18.64 36.58 -36.03
CA ASP D 270 17.67 35.52 -35.77
C ASP D 270 17.25 35.50 -34.29
N CYS D 271 18.22 35.67 -33.39
CA CYS D 271 17.95 35.70 -31.96
C CYS D 271 16.97 36.81 -31.58
N SER D 272 15.83 36.42 -31.03
CA SER D 272 14.83 37.37 -30.56
C SER D 272 15.35 38.13 -29.35
N GLN D 273 14.65 39.17 -28.93
CA GLN D 273 15.24 40.13 -27.98
C GLN D 273 15.15 39.80 -26.49
N VAL D 274 16.32 39.62 -25.89
CA VAL D 274 16.46 39.55 -24.44
C VAL D 274 15.87 40.84 -23.88
N SER D 275 14.64 40.77 -23.39
CA SER D 275 13.90 42.00 -23.10
C SER D 275 12.97 41.95 -21.89
N ASP D 276 13.14 42.93 -21.00
CA ASP D 276 12.20 43.16 -19.92
C ASP D 276 10.94 43.80 -20.50
N GLY D 277 9.81 43.67 -19.81
CA GLY D 277 8.59 44.31 -20.25
C GLY D 277 7.34 43.54 -19.92
N GLY D 278 6.31 44.26 -19.49
CA GLY D 278 5.03 43.64 -19.19
C GLY D 278 4.01 43.89 -20.28
N ALA D 279 2.92 43.13 -20.22
CA ALA D 279 1.85 43.24 -21.20
C ALA D 279 0.57 42.67 -20.59
N ALA D 280 -0.23 43.53 -19.98
CA ALA D 280 -1.42 43.08 -19.28
C ALA D 280 -2.71 43.34 -20.07
N VAL D 281 -3.78 42.62 -19.71
CA VAL D 281 -5.05 42.69 -20.44
C VAL D 281 -6.23 42.38 -19.52
N ILE D 282 -7.34 43.12 -19.69
CA ILE D 282 -8.56 42.83 -18.94
C ILE D 282 -9.59 42.15 -19.86
N LEU D 283 -10.26 41.13 -19.33
CA LEU D 283 -11.25 40.37 -20.11
C LEU D 283 -12.59 40.40 -19.36
N ALA D 284 -13.69 40.20 -20.09
CA ALA D 284 -15.01 40.27 -19.46
C ALA D 284 -16.00 39.26 -20.04
N SER D 285 -17.20 39.23 -19.47
CA SER D 285 -18.27 38.36 -19.96
C SER D 285 -19.45 39.19 -20.41
N GLU D 286 -20.34 38.58 -21.20
CA GLU D 286 -21.58 39.25 -21.60
C GLU D 286 -22.37 39.58 -20.35
N GLU D 287 -22.34 38.65 -19.38
CA GLU D 287 -22.94 38.85 -18.08
C GLU D 287 -22.23 39.97 -17.33
N GLY D 288 -20.91 40.05 -17.48
CA GLY D 288 -20.13 41.10 -16.87
C GLY D 288 -20.35 42.43 -17.55
N LEU D 289 -20.65 42.39 -18.86
CA LEU D 289 -20.86 43.59 -19.67
C LEU D 289 -21.93 44.52 -19.12
N GLN D 290 -22.99 43.96 -18.54
CA GLN D 290 -24.12 44.73 -18.04
C GLN D 290 -23.72 45.68 -16.90
N LYS D 291 -22.72 45.30 -16.11
CA LYS D 291 -22.24 46.13 -15.01
C LYS D 291 -21.31 47.23 -15.52
N LEU D 292 -20.59 46.92 -16.59
CA LEU D 292 -19.70 47.88 -17.23
C LEU D 292 -20.47 49.09 -17.78
N GLY D 293 -21.73 48.87 -18.16
CA GLY D 293 -22.51 49.89 -18.84
C GLY D 293 -22.25 49.77 -20.33
N LEU D 294 -21.97 48.53 -20.76
CA LEU D 294 -21.66 48.26 -22.17
C LEU D 294 -22.65 47.27 -22.77
N SER D 295 -22.35 46.85 -24.00
CA SER D 295 -23.13 45.84 -24.72
C SER D 295 -22.18 45.21 -25.74
N PRO D 296 -22.47 43.98 -26.18
CA PRO D 296 -21.62 43.33 -27.19
C PRO D 296 -21.71 44.05 -28.55
N ASN D 297 -21.40 45.34 -28.57
CA ASN D 297 -21.44 46.15 -29.78
C ASN D 297 -20.34 47.21 -29.76
N ASP D 298 -20.00 47.65 -28.54
CA ASP D 298 -19.15 48.82 -28.28
C ASP D 298 -17.93 48.98 -29.21
N ASN D 299 -17.68 50.22 -29.62
CA ASN D 299 -16.58 50.55 -30.52
C ASN D 299 -15.24 50.62 -29.79
N ARG D 300 -15.11 49.86 -28.70
CA ARG D 300 -13.90 49.87 -27.88
C ARG D 300 -13.46 48.45 -27.55
N LEU D 301 -14.36 47.48 -27.77
CA LEU D 301 -14.08 46.09 -27.44
C LEU D 301 -13.85 45.20 -28.66
N VAL D 302 -13.20 44.06 -28.45
CA VAL D 302 -13.05 43.04 -29.48
C VAL D 302 -13.42 41.67 -28.90
N GLU D 303 -14.29 40.95 -29.61
CA GLU D 303 -14.74 39.65 -29.12
C GLU D 303 -13.81 38.51 -29.54
N ILE D 304 -13.90 37.38 -28.85
CA ILE D 304 -13.14 36.17 -29.17
C ILE D 304 -14.08 34.97 -29.07
N LYS D 305 -14.18 34.18 -30.14
CA LYS D 305 -15.11 33.06 -30.19
C LYS D 305 -14.39 31.75 -30.50
N SER D 306 -13.09 31.86 -30.76
CA SER D 306 -12.26 30.70 -31.02
C SER D 306 -10.93 30.80 -30.27
N LEU D 307 -10.64 29.77 -29.48
CA LEU D 307 -9.40 29.69 -28.72
C LEU D 307 -9.07 28.22 -28.47
N ALA D 308 -7.90 27.80 -28.95
CA ALA D 308 -7.44 26.44 -28.75
C ALA D 308 -6.08 26.43 -28.06
N SER D 309 -5.55 25.24 -27.86
CA SER D 309 -4.24 25.06 -27.22
C SER D 309 -3.79 23.62 -27.50
N ALA D 310 -2.48 23.39 -27.43
CA ALA D 310 -1.94 22.06 -27.67
C ALA D 310 -0.57 21.90 -27.03
N ALA D 311 -0.16 20.66 -26.77
CA ALA D 311 1.17 20.40 -26.23
C ALA D 311 1.69 19.06 -26.77
N GLY D 312 2.94 19.06 -27.27
CA GLY D 312 3.54 17.85 -27.78
C GLY D 312 4.72 17.42 -26.93
N ASN D 313 5.09 16.15 -27.05
CA ASN D 313 6.22 15.60 -26.30
C ASN D 313 7.53 16.37 -26.51
N LEU D 314 8.25 16.62 -25.43
CA LEU D 314 9.56 17.26 -25.49
C LEU D 314 10.68 16.24 -25.22
N TYR D 315 10.28 15.01 -24.87
CA TYR D 315 11.20 13.89 -24.74
C TYR D 315 11.55 13.39 -26.14
N GLU D 316 10.83 13.92 -27.12
CA GLU D 316 11.05 13.59 -28.53
C GLU D 316 10.92 14.86 -29.35
N ASP D 317 11.89 15.12 -30.22
CA ASP D 317 11.84 16.29 -31.09
C ASP D 317 11.29 15.90 -32.46
N SER D 318 10.87 16.91 -33.22
CA SER D 318 10.22 16.69 -34.50
C SER D 318 11.09 15.92 -35.48
N PRO D 319 10.51 14.87 -36.09
CA PRO D 319 11.16 14.17 -37.20
C PRO D 319 11.02 15.02 -38.45
N ASP D 320 10.00 15.89 -38.43
CA ASP D 320 9.87 16.95 -39.41
C ASP D 320 10.55 18.21 -38.87
N LEU D 321 11.87 18.27 -39.01
CA LEU D 321 12.64 19.47 -38.65
C LEU D 321 12.24 20.61 -39.57
N THR D 322 11.49 20.28 -40.62
CA THR D 322 10.94 21.23 -41.56
C THR D 322 9.45 21.45 -41.28
N ARG D 323 9.04 21.29 -40.02
CA ARG D 323 7.64 21.46 -39.64
C ARG D 323 7.47 21.73 -38.14
N MET D 324 6.44 22.51 -37.82
CA MET D 324 6.02 22.71 -36.43
C MET D 324 4.56 22.23 -36.35
N THR D 325 4.33 21.14 -35.60
CA THR D 325 3.04 20.45 -35.63
C THR D 325 2.04 20.92 -34.56
N THR D 326 2.54 21.29 -33.40
CA THR D 326 1.71 21.69 -32.27
C THR D 326 0.91 22.98 -32.54
N SER D 327 1.49 23.88 -33.32
CA SER D 327 0.82 25.13 -33.69
C SER D 327 -0.35 24.87 -34.66
N MET D 328 -0.18 23.89 -35.55
CA MET D 328 -1.24 23.52 -36.51
C MET D 328 -2.55 23.13 -35.80
N VAL D 329 -2.45 22.27 -34.79
CA VAL D 329 -3.61 21.88 -33.99
C VAL D 329 -4.28 23.13 -33.41
N ALA D 330 -3.49 23.94 -32.69
CA ALA D 330 -3.98 25.17 -32.08
C ALA D 330 -4.61 26.12 -33.10
N ALA D 331 -4.30 25.92 -34.39
CA ALA D 331 -4.87 26.74 -35.47
C ALA D 331 -6.14 26.13 -36.07
N ARG D 332 -5.95 25.09 -36.89
CA ARG D 332 -7.06 24.46 -37.62
C ARG D 332 -8.19 23.93 -36.73
N THR D 333 -7.94 23.85 -35.43
CA THR D 333 -8.97 23.44 -34.47
C THR D 333 -9.68 24.68 -33.89
N ALA D 334 -8.91 25.72 -33.59
CA ALA D 334 -9.44 26.94 -33.00
C ALA D 334 -10.49 27.61 -33.90
N LEU D 335 -10.01 28.29 -34.94
CA LEU D 335 -10.88 28.99 -35.90
C LEU D 335 -12.01 28.13 -36.48
N SER D 336 -11.82 26.81 -36.52
CA SER D 336 -12.85 25.92 -37.06
C SER D 336 -14.09 25.90 -36.16
N MET D 337 -13.91 26.34 -34.90
CA MET D 337 -15.03 26.59 -34.01
C MET D 337 -15.83 27.79 -34.51
N ALA D 338 -15.13 28.76 -35.09
CA ALA D 338 -15.77 29.92 -35.72
C ALA D 338 -15.78 29.77 -37.24
N GLY D 339 -15.28 28.64 -37.73
CA GLY D 339 -15.23 28.36 -39.16
C GLY D 339 -14.61 29.44 -40.02
N VAL D 340 -13.66 30.20 -39.47
CA VAL D 340 -13.05 31.31 -40.19
C VAL D 340 -12.16 30.86 -41.33
N LYS D 341 -12.45 31.33 -42.54
CA LYS D 341 -11.61 31.04 -43.70
C LYS D 341 -10.31 31.84 -43.61
N PRO D 342 -9.19 31.13 -43.46
CA PRO D 342 -7.86 31.73 -43.23
C PRO D 342 -7.50 32.80 -44.27
N GLU D 343 -7.97 32.65 -45.51
CA GLU D 343 -7.69 33.65 -46.55
C GLU D 343 -8.44 34.95 -46.31
N GLN D 344 -9.42 34.91 -45.42
CA GLN D 344 -10.16 36.10 -45.03
C GLN D 344 -9.46 36.85 -43.90
N LEU D 345 -8.39 36.24 -43.37
CA LEU D 345 -7.60 36.88 -42.33
C LEU D 345 -7.02 38.18 -42.86
N GLN D 346 -6.88 39.17 -41.98
CA GLN D 346 -6.50 40.50 -42.41
C GLN D 346 -5.23 40.96 -41.72
N VAL D 347 -4.98 40.44 -40.53
CA VAL D 347 -3.81 40.82 -39.74
C VAL D 347 -3.48 39.74 -38.71
N ALA D 348 -2.22 39.30 -38.68
CA ALA D 348 -1.80 38.26 -37.77
C ALA D 348 -0.66 38.71 -36.87
N GLU D 349 -0.45 37.98 -35.77
CA GLU D 349 0.71 38.14 -34.91
C GLU D 349 1.17 36.75 -34.51
N VAL D 350 2.47 36.50 -34.63
CA VAL D 350 3.00 35.17 -34.31
C VAL D 350 4.09 35.24 -33.25
N HIS D 351 4.24 34.18 -32.46
CA HIS D 351 5.37 34.08 -31.54
C HIS D 351 6.53 33.39 -32.22
N ASP D 352 7.16 34.09 -33.15
CA ASP D 352 8.38 33.58 -33.75
C ASP D 352 9.57 33.84 -32.84
N ALA D 353 10.09 32.78 -32.23
CA ALA D 353 11.32 32.90 -31.48
C ALA D 353 12.43 33.24 -32.44
N PHE D 354 12.28 32.77 -33.68
CA PHE D 354 13.26 33.01 -34.72
C PHE D 354 12.61 33.23 -36.09
N THR D 355 13.34 33.92 -36.97
CA THR D 355 12.94 34.12 -38.36
C THR D 355 12.64 32.78 -39.00
N ILE D 356 13.47 31.80 -38.66
CA ILE D 356 13.35 30.44 -39.16
C ILE D 356 12.06 29.79 -38.68
N ALA D 357 11.68 30.11 -37.44
CA ALA D 357 10.41 29.67 -36.89
C ALA D 357 9.24 30.46 -37.48
N GLU D 358 9.51 31.72 -37.85
CA GLU D 358 8.51 32.59 -38.46
C GLU D 358 8.04 32.06 -39.81
N LEU D 359 8.93 31.35 -40.50
CA LEU D 359 8.65 30.81 -41.81
C LEU D 359 7.89 29.47 -41.74
N LEU D 360 7.84 28.90 -40.54
CA LEU D 360 7.04 27.70 -40.28
C LEU D 360 5.73 28.06 -39.57
N MET D 361 5.41 29.35 -39.55
CA MET D 361 4.17 29.84 -38.94
C MET D 361 2.96 29.67 -39.87
N TYR D 362 3.05 30.27 -41.06
CA TYR D 362 1.94 30.27 -42.03
C TYR D 362 1.57 28.87 -42.55
N GLU D 363 2.34 27.85 -42.18
CA GLU D 363 1.99 26.48 -42.55
C GLU D 363 1.00 25.92 -41.52
N ALA D 364 1.09 26.44 -40.30
CA ALA D 364 0.20 26.05 -39.22
C ALA D 364 -1.01 26.98 -39.22
N LEU D 365 -0.73 28.28 -39.10
CA LEU D 365 -1.73 29.30 -39.35
C LEU D 365 -2.12 29.20 -40.83
N GLY D 366 -3.23 28.53 -41.09
CA GLY D 366 -3.62 28.15 -42.45
C GLY D 366 -3.84 29.25 -43.47
N ILE D 367 -3.42 30.47 -43.16
CA ILE D 367 -3.53 31.59 -44.08
C ILE D 367 -2.68 31.36 -45.34
N ALA D 368 -1.61 30.59 -45.19
CA ALA D 368 -0.81 30.16 -46.33
C ALA D 368 -0.73 28.63 -46.32
N GLU D 369 0.10 28.08 -47.20
CA GLU D 369 0.24 26.63 -47.29
C GLU D 369 1.69 26.17 -47.34
N TYR D 370 1.88 24.93 -47.78
CA TYR D 370 3.17 24.24 -47.69
C TYR D 370 3.87 24.17 -49.04
N GLY D 371 5.18 23.89 -49.03
CA GLY D 371 5.95 23.77 -50.25
C GLY D 371 6.55 25.06 -50.75
N GLY D 372 6.28 26.14 -50.03
CA GLY D 372 6.78 27.46 -50.40
C GLY D 372 6.58 28.44 -49.27
N ALA D 373 7.68 28.98 -48.75
CA ALA D 373 7.60 29.88 -47.61
C ALA D 373 8.17 31.29 -47.89
N GLY D 374 9.40 31.35 -48.40
CA GLY D 374 10.05 32.63 -48.62
C GLY D 374 9.72 33.32 -49.93
N ALA D 375 8.47 33.19 -50.38
CA ALA D 375 8.03 33.83 -51.61
C ALA D 375 6.78 34.68 -51.38
N LEU D 376 5.77 34.09 -50.76
CA LEU D 376 4.53 34.78 -50.45
C LEU D 376 4.72 35.87 -49.41
N ILE D 377 5.89 35.87 -48.77
CA ILE D 377 6.25 36.92 -47.81
C ILE D 377 6.58 38.21 -48.54
N ARG D 378 7.11 38.06 -49.75
CA ARG D 378 7.46 39.20 -50.59
C ARG D 378 6.31 39.51 -51.55
N SER D 379 5.18 38.85 -51.33
CA SER D 379 3.93 39.21 -51.99
C SER D 379 3.30 40.37 -51.24
N GLY D 380 3.96 40.82 -50.18
CA GLY D 380 3.43 41.89 -49.35
C GLY D 380 2.36 41.39 -48.40
N ALA D 381 2.26 40.07 -48.27
CA ALA D 381 1.29 39.46 -47.37
C ALA D 381 1.87 39.26 -45.97
N THR D 382 2.81 40.14 -45.63
CA THR D 382 3.41 40.18 -44.31
C THR D 382 3.64 41.64 -43.94
N ALA D 383 3.65 42.49 -44.96
CA ALA D 383 3.93 43.91 -44.79
C ALA D 383 2.70 44.72 -44.38
N LEU D 384 2.95 45.87 -43.76
CA LEU D 384 1.90 46.73 -43.23
C LEU D 384 1.02 47.33 -44.33
N ASP D 385 1.48 47.22 -45.58
CA ASP D 385 0.75 47.77 -46.71
C ASP D 385 0.25 46.70 -47.65
N GLY D 386 -0.17 45.55 -47.11
CA GLY D 386 -0.57 44.43 -47.95
C GLY D 386 -1.74 43.59 -47.49
N ARG D 387 -1.69 42.30 -47.82
CA ARG D 387 -2.78 41.38 -47.54
C ARG D 387 -2.94 41.09 -46.05
N ILE D 388 -1.95 40.45 -45.46
CA ILE D 388 -1.97 40.14 -44.03
C ILE D 388 -0.66 40.53 -43.34
N PRO D 389 -0.58 41.78 -42.88
CA PRO D 389 0.60 42.27 -42.14
C PRO D 389 0.79 41.53 -40.82
N VAL D 390 1.93 40.87 -40.66
CA VAL D 390 2.21 40.09 -39.45
C VAL D 390 3.41 40.65 -38.68
N ASN D 391 3.29 40.69 -37.34
CA ASN D 391 4.29 41.36 -36.49
C ASN D 391 4.60 42.78 -36.96
N THR D 392 3.55 43.61 -37.01
CA THR D 392 3.62 44.96 -37.55
C THR D 392 4.30 45.95 -36.60
N GLY D 393 4.45 45.56 -35.34
CA GLY D 393 5.16 46.37 -34.38
C GLY D 393 6.65 46.06 -34.38
N GLY D 394 7.04 45.07 -35.18
CA GLY D 394 8.41 44.63 -35.22
C GLY D 394 8.55 43.16 -34.88
N GLY D 395 7.65 42.68 -34.02
CA GLY D 395 7.70 41.29 -33.58
C GLY D 395 8.83 41.02 -32.63
N LEU D 396 9.04 39.75 -32.30
CA LEU D 396 10.02 39.35 -31.28
C LEU D 396 11.46 39.78 -31.60
N LEU D 397 11.69 40.28 -32.81
CA LEU D 397 13.02 40.69 -33.26
C LEU D 397 13.33 42.15 -32.91
N SER D 398 12.31 43.00 -32.85
CA SER D 398 12.50 44.43 -32.62
C SER D 398 11.51 45.01 -31.61
N PHE D 399 10.33 44.40 -31.49
CA PHE D 399 9.34 44.83 -30.51
C PHE D 399 9.79 44.45 -29.10
N GLY D 400 10.29 43.22 -28.96
CA GLY D 400 10.71 42.71 -27.66
C GLY D 400 10.20 41.31 -27.42
N HIS D 401 10.95 40.53 -26.64
CA HIS D 401 10.54 39.15 -26.34
C HIS D 401 10.59 38.87 -24.83
N PRO D 402 9.74 39.57 -24.04
CA PRO D 402 9.68 39.16 -22.64
C PRO D 402 8.89 37.88 -22.53
N VAL D 403 9.55 36.74 -22.79
CA VAL D 403 8.98 35.40 -22.87
C VAL D 403 7.51 35.23 -22.46
N GLY D 404 7.16 35.73 -21.27
CA GLY D 404 5.80 35.61 -20.76
C GLY D 404 4.87 36.74 -21.17
N ALA D 405 5.44 37.87 -21.59
CA ALA D 405 4.66 39.01 -22.04
C ALA D 405 4.47 39.02 -23.56
N THR D 406 5.23 38.19 -24.26
CA THR D 406 5.10 38.06 -25.70
C THR D 406 3.79 37.35 -26.06
N GLY D 407 3.37 36.42 -25.21
CA GLY D 407 2.12 35.72 -25.40
C GLY D 407 0.90 36.61 -25.37
N VAL D 408 0.81 37.45 -24.33
CA VAL D 408 -0.33 38.35 -24.14
C VAL D 408 -0.39 39.48 -25.18
N LYS D 409 0.77 40.07 -25.48
CA LYS D 409 0.86 41.27 -26.30
C LYS D 409 0.25 41.13 -27.70
N GLN D 410 0.37 39.95 -28.30
CA GLN D 410 -0.18 39.71 -29.64
C GLN D 410 -1.69 39.91 -29.65
N VAL D 411 -2.36 39.34 -28.64
CA VAL D 411 -3.80 39.49 -28.45
C VAL D 411 -4.17 40.97 -28.34
N LEU D 412 -3.20 41.77 -27.91
CA LEU D 412 -3.36 43.22 -27.81
C LEU D 412 -2.78 43.93 -29.05
N GLU D 413 -1.95 43.21 -29.81
CA GLU D 413 -1.36 43.75 -31.04
C GLU D 413 -2.36 43.73 -32.19
N VAL D 414 -3.29 42.77 -32.14
CA VAL D 414 -4.37 42.70 -33.12
C VAL D 414 -5.58 43.46 -32.60
N TYR D 415 -5.51 43.88 -31.34
CA TYR D 415 -6.58 44.69 -30.75
C TYR D 415 -6.38 46.17 -31.08
N ARG D 416 -5.14 46.66 -30.92
CA ARG D 416 -4.79 48.05 -31.19
C ARG D 416 -5.01 48.47 -32.65
N GLN D 417 -4.80 47.54 -33.58
CA GLN D 417 -5.02 47.85 -35.01
C GLN D 417 -6.49 47.68 -35.42
N MET D 418 -7.19 46.75 -34.77
CA MET D 418 -8.59 46.51 -35.06
C MET D 418 -9.47 47.61 -34.48
N LYS D 419 -8.88 48.47 -33.65
CA LYS D 419 -9.60 49.59 -33.06
C LYS D 419 -8.90 50.93 -33.24
N GLY D 420 -7.63 50.91 -33.62
CA GLY D 420 -6.90 52.12 -33.96
C GLY D 420 -6.10 52.74 -32.83
N GLN D 421 -5.25 51.95 -32.19
CA GLN D 421 -4.45 52.44 -31.07
C GLN D 421 -2.95 52.23 -31.25
N CYS D 422 -2.56 51.40 -32.22
CA CYS D 422 -1.14 51.21 -32.53
C CYS D 422 -0.43 52.55 -32.74
N GLY D 423 -1.07 53.47 -33.46
CA GLY D 423 -0.48 54.76 -33.77
C GLY D 423 0.71 54.62 -34.70
N GLU D 424 0.93 55.63 -35.55
CA GLU D 424 2.01 55.58 -36.53
C GLU D 424 1.91 54.32 -37.40
N TYR D 425 2.35 53.20 -36.85
CA TYR D 425 2.19 51.91 -37.51
C TYR D 425 0.77 51.36 -37.40
N GLN D 426 -0.22 52.23 -37.62
CA GLN D 426 -1.61 51.83 -37.72
C GLN D 426 -1.95 51.63 -39.20
N MET D 427 -2.60 50.51 -39.52
CA MET D 427 -2.90 50.15 -40.90
C MET D 427 -4.28 50.66 -41.36
N LYS D 428 -4.29 51.36 -42.50
CA LYS D 428 -5.55 51.80 -43.11
C LYS D 428 -6.38 50.58 -43.49
N ASN D 429 -5.72 49.53 -43.95
CA ASN D 429 -6.36 48.23 -44.16
C ASN D 429 -7.03 47.83 -42.84
N ILE D 430 -8.34 48.04 -42.73
CA ILE D 430 -9.04 47.82 -41.47
C ILE D 430 -9.73 46.45 -41.43
N PRO D 431 -9.54 45.72 -40.31
CA PRO D 431 -10.10 44.37 -40.15
C PRO D 431 -11.25 44.28 -39.15
N GLY D 432 -11.95 43.16 -39.19
CA GLY D 432 -12.90 42.79 -38.16
C GLY D 432 -12.62 41.34 -37.79
N ILE D 433 -11.41 40.90 -38.12
CA ILE D 433 -10.98 39.51 -37.91
C ILE D 433 -9.48 39.49 -37.63
N GLY D 434 -9.08 38.81 -36.56
CA GLY D 434 -7.67 38.70 -36.20
C GLY D 434 -7.29 37.31 -35.71
N ALA D 435 -5.98 37.11 -35.46
CA ALA D 435 -5.50 35.82 -34.97
C ALA D 435 -4.18 35.95 -34.20
N THR D 436 -3.90 34.97 -33.35
CA THR D 436 -2.65 34.92 -32.60
C THR D 436 -1.95 33.58 -32.81
N LEU D 437 -0.68 33.50 -32.42
CA LEU D 437 0.05 32.23 -32.48
C LEU D 437 1.18 32.20 -31.46
N ASN D 438 0.99 31.44 -30.39
CA ASN D 438 2.01 31.31 -29.35
C ASN D 438 2.85 30.05 -29.50
N MET D 439 4.14 30.18 -29.15
CA MET D 439 5.09 29.07 -29.31
C MET D 439 5.52 28.54 -27.94
N GLY D 440 5.82 27.25 -27.87
CA GLY D 440 6.30 26.65 -26.63
C GLY D 440 7.44 25.68 -26.86
N GLY D 441 8.65 26.08 -26.48
CA GLY D 441 9.83 25.25 -26.68
C GLY D 441 10.18 25.09 -28.16
N ASP D 442 10.26 23.84 -28.60
CA ASP D 442 10.44 23.54 -30.02
C ASP D 442 9.11 23.06 -30.60
N ASP D 443 8.11 23.93 -30.55
CA ASP D 443 6.74 23.58 -30.95
C ASP D 443 6.22 22.45 -30.07
N LYS D 444 6.39 22.63 -28.76
CA LYS D 444 5.94 21.65 -27.76
C LYS D 444 4.74 22.19 -26.99
N THR D 445 4.40 23.45 -27.27
CA THR D 445 3.20 24.08 -26.72
C THR D 445 2.75 25.19 -27.65
N ALA D 446 1.45 25.29 -27.90
CA ALA D 446 0.92 26.30 -28.82
C ALA D 446 -0.41 26.85 -28.34
N VAL D 447 -0.60 28.16 -28.52
CA VAL D 447 -1.86 28.83 -28.22
C VAL D 447 -2.20 29.79 -29.36
N SER D 448 -3.40 29.64 -29.93
CA SER D 448 -3.84 30.53 -31.01
C SER D 448 -5.23 31.08 -30.71
N MET D 449 -5.58 32.21 -31.31
CA MET D 449 -6.88 32.85 -31.06
C MET D 449 -7.54 33.39 -32.32
N VAL D 450 -8.81 33.77 -32.17
CA VAL D 450 -9.53 34.48 -33.22
C VAL D 450 -10.21 35.71 -32.62
N LEU D 451 -9.77 36.89 -33.04
CA LEU D 451 -10.33 38.13 -32.52
C LEU D 451 -11.28 38.74 -33.56
N THR D 452 -12.59 38.68 -33.30
CA THR D 452 -13.58 39.26 -34.19
C THR D 452 -14.17 40.54 -33.59
N ASN D 453 -14.05 41.66 -34.31
CA ASN D 453 -14.58 42.93 -33.84
C ASN D 453 -16.10 42.95 -33.86
N ILE D 454 -16.71 42.40 -32.81
CA ILE D 454 -18.16 42.44 -32.64
C ILE D 454 -18.58 43.79 -32.07
#